data_2ZHX
#
_entry.id   2ZHX
#
_cell.length_a   201.143
_cell.length_b   64.274
_cell.length_c   203.677
_cell.angle_alpha   90.00
_cell.angle_beta   109.72
_cell.angle_gamma   90.00
#
_symmetry.space_group_name_H-M   'C 1 2 1'
#
loop_
_entity.id
_entity.type
_entity.pdbx_description
1 polymer 'Uracil-DNA glycosylase'
2 polymer 'Uracil-DNA glycosylase inhibitor'
3 water water
#
loop_
_entity_poly.entity_id
_entity_poly.type
_entity_poly.pdbx_seq_one_letter_code
_entity_poly.pdbx_strand_id
1 'polypeptide(L)'
;MHHHHHHGMASMTARPLSELVERGWAAALEPVADQVAHMGQFLRAEIAAGRRYLPAGSNVLRAFTFPFDNVRVLIVGQDP
YPTPGHAVGLSFSVAPDVRPWPRSLANIFDEYTADLGYPLPSNGDLTPWAQRGVLLLNRVLTVRPSNPASHRGKGWEAVT
ECAIRALAARAAPLVAILWGRDASTLKPMLAAGNCVAIESPHPSPLSASRGFFGSRPFSRANELLVGMGAEPIDWRLP
;
A,C,E,G,I,K,M
2 'polypeptide(L)'
;MTNLSDIIEKETGKQLVIQESILMLPEEVEEVIGNKPESDILVHTAYDESTDENVMLLTSDAPEYKPWALVIQDSNGENK
IKML
;
B,D,F,H,J,L,N
#
# COMPACT_ATOMS: atom_id res chain seq x y z
N ALA A 14 -8.44 7.02 1.89
CA ALA A 14 -9.85 6.69 1.50
C ALA A 14 -10.03 5.19 1.23
N ARG A 15 -11.02 4.84 0.39
CA ARG A 15 -11.40 3.43 0.15
C ARG A 15 -11.67 3.04 -1.32
N PRO A 16 -12.77 3.59 -1.93
CA PRO A 16 -13.21 3.07 -3.25
C PRO A 16 -12.30 3.53 -4.40
N LEU A 17 -11.88 2.59 -5.24
CA LEU A 17 -10.88 2.82 -6.27
C LEU A 17 -11.08 4.09 -7.07
N SER A 18 -12.32 4.30 -7.50
CA SER A 18 -12.69 5.43 -8.36
C SER A 18 -12.35 6.78 -7.74
N GLU A 19 -12.32 6.82 -6.40
CA GLU A 19 -11.98 8.02 -5.66
C GLU A 19 -10.45 8.14 -5.46
N LEU A 20 -9.69 7.15 -5.93
CA LEU A 20 -8.25 7.04 -5.66
C LEU A 20 -7.34 7.18 -6.89
N VAL A 21 -7.85 6.93 -8.08
CA VAL A 21 -7.04 6.89 -9.29
C VAL A 21 -7.88 7.25 -10.48
N GLU A 22 -7.24 7.70 -11.56
CA GLU A 22 -7.91 8.42 -12.68
C GLU A 22 -9.21 7.84 -13.26
N ARG A 23 -9.69 6.71 -12.75
CA ARG A 23 -10.74 5.94 -13.45
C ARG A 23 -10.05 5.53 -14.73
N GLY A 24 -10.63 4.62 -15.50
CA GLY A 24 -9.87 4.10 -16.64
C GLY A 24 -8.73 3.33 -16.01
N TRP A 25 -8.04 3.96 -15.05
CA TRP A 25 -7.21 3.27 -14.07
C TRP A 25 -8.12 2.55 -13.09
N ALA A 26 -9.32 3.10 -12.90
CA ALA A 26 -10.33 2.46 -12.06
C ALA A 26 -10.58 1.09 -12.65
N ALA A 27 -10.95 1.07 -13.93
CA ALA A 27 -11.15 -0.16 -14.68
C ALA A 27 -9.91 -1.03 -14.59
N ALA A 28 -8.77 -0.48 -15.03
CA ALA A 28 -7.51 -1.20 -15.06
C ALA A 28 -7.38 -2.02 -13.81
N LEU A 29 -7.32 -1.34 -12.67
CA LEU A 29 -6.99 -1.99 -11.41
C LEU A 29 -8.17 -2.61 -10.72
N GLU A 30 -9.36 -2.52 -11.31
CA GLU A 30 -10.57 -3.11 -10.68
C GLU A 30 -10.29 -4.47 -10.00
N PRO A 31 -9.63 -5.41 -10.71
CA PRO A 31 -9.24 -6.70 -10.12
C PRO A 31 -8.30 -6.65 -8.91
N VAL A 32 -7.65 -5.55 -8.65
CA VAL A 32 -6.84 -5.53 -7.44
C VAL A 32 -7.39 -4.61 -6.38
N ALA A 33 -8.67 -4.25 -6.52
CA ALA A 33 -9.35 -3.37 -5.56
C ALA A 33 -9.19 -3.82 -4.11
N ASP A 34 -9.50 -5.10 -3.86
CA ASP A 34 -9.34 -5.68 -2.54
C ASP A 34 -7.89 -5.62 -2.16
N GLN A 35 -7.04 -5.97 -3.11
CA GLN A 35 -5.61 -5.96 -2.90
C GLN A 35 -5.05 -4.56 -2.59
N VAL A 36 -5.52 -3.53 -3.30
CA VAL A 36 -5.06 -2.16 -3.00
C VAL A 36 -5.64 -1.62 -1.70
N ALA A 37 -6.94 -1.83 -1.49
CA ALA A 37 -7.59 -1.38 -0.27
C ALA A 37 -6.83 -1.94 0.91
N HIS A 38 -6.38 -3.19 0.79
CA HIS A 38 -5.62 -3.85 1.84
C HIS A 38 -4.34 -3.10 2.10
N MET A 39 -3.69 -2.67 1.03
CA MET A 39 -2.41 -1.97 1.16
C MET A 39 -2.55 -0.79 2.09
N GLY A 40 -3.73 -0.18 2.08
CA GLY A 40 -4.04 0.96 2.94
C GLY A 40 -3.87 0.65 4.41
N GLN A 41 -4.61 -0.35 4.89
CA GLN A 41 -4.58 -0.72 6.30
C GLN A 41 -3.21 -1.26 6.69
N PHE A 42 -2.41 -1.69 5.73
CA PHE A 42 -1.03 -2.03 6.02
C PHE A 42 -0.29 -0.76 6.37
N LEU A 43 -0.36 0.22 5.48
CA LEU A 43 0.28 1.49 5.70
C LEU A 43 -0.22 2.05 7.02
N ARG A 44 -1.54 2.22 7.12
CA ARG A 44 -2.12 2.71 8.37
C ARG A 44 -1.57 1.91 9.55
N ALA A 45 -1.51 0.58 9.42
CA ALA A 45 -1.00 -0.27 10.48
C ALA A 45 0.46 0.05 10.75
N GLU A 46 1.19 0.41 9.71
CA GLU A 46 2.58 0.77 9.87
C GLU A 46 2.71 2.02 10.75
N ILE A 47 1.93 3.06 10.48
CA ILE A 47 1.98 4.25 11.32
C ILE A 47 1.55 3.89 12.74
N ALA A 48 0.50 3.06 12.84
CA ALA A 48 -0.02 2.59 14.12
C ALA A 48 1.09 2.01 14.98
N ALA A 49 1.93 1.18 14.37
CA ALA A 49 3.06 0.59 15.08
C ALA A 49 4.25 1.55 15.29
N GLY A 50 4.06 2.82 14.94
CA GLY A 50 5.02 3.86 15.31
C GLY A 50 6.04 4.28 14.24
N ARG A 51 6.19 3.47 13.22
CA ARG A 51 7.12 3.77 12.14
C ARG A 51 6.37 4.40 10.99
N ARG A 52 7.06 5.18 10.16
CA ARG A 52 6.43 5.86 9.03
C ARG A 52 6.93 5.25 7.71
N TYR A 53 6.20 5.50 6.61
CA TYR A 53 6.62 5.09 5.26
C TYR A 53 6.99 6.30 4.45
N LEU A 54 7.90 6.17 3.50
CA LEU A 54 8.45 7.36 2.84
C LEU A 54 7.64 7.99 1.70
N PRO A 55 7.16 7.21 0.71
CA PRO A 55 6.54 7.83 -0.48
C PRO A 55 5.60 9.00 -0.27
N ALA A 56 4.92 9.11 0.88
CA ALA A 56 4.10 10.28 1.26
C ALA A 56 2.65 10.12 0.88
N GLY A 57 1.78 10.05 1.90
CA GLY A 57 0.35 9.77 1.70
C GLY A 57 -0.17 10.06 0.32
N SER A 58 -0.29 11.34 0.02
CA SER A 58 -0.83 11.84 -1.24
C SER A 58 -0.20 11.20 -2.49
N ASN A 59 1.13 11.08 -2.50
CA ASN A 59 1.86 10.66 -3.69
C ASN A 59 1.96 9.15 -3.98
N VAL A 60 1.79 8.31 -2.96
CA VAL A 60 1.87 6.85 -3.11
C VAL A 60 1.34 6.36 -4.46
N LEU A 61 0.03 6.56 -4.67
CA LEU A 61 -0.65 6.22 -5.93
C LEU A 61 -0.60 7.30 -7.05
N ARG A 62 0.24 8.34 -6.89
CA ARG A 62 0.27 9.48 -7.83
C ARG A 62 0.52 8.99 -9.25
N ALA A 63 1.32 7.94 -9.35
CA ALA A 63 1.64 7.36 -10.63
C ALA A 63 0.35 7.16 -11.43
N PHE A 64 -0.72 6.73 -10.76
CA PHE A 64 -1.96 6.36 -11.41
C PHE A 64 -2.93 7.51 -11.48
N THR A 65 -2.46 8.74 -11.30
CA THR A 65 -3.36 9.87 -11.41
C THR A 65 -3.46 10.40 -12.86
N PHE A 66 -2.53 10.04 -13.75
CA PHE A 66 -2.56 10.50 -15.15
C PHE A 66 -3.27 9.47 -16.03
N PRO A 67 -3.90 9.92 -17.14
CA PRO A 67 -4.83 9.05 -17.85
C PRO A 67 -4.26 7.68 -18.21
N PHE A 68 -5.08 6.65 -18.08
CA PHE A 68 -4.67 5.29 -18.42
C PHE A 68 -4.54 5.11 -19.93
N ASP A 69 -5.44 5.75 -20.68
CA ASP A 69 -5.52 5.53 -22.11
C ASP A 69 -4.50 6.38 -22.86
N ASN A 70 -3.80 7.24 -22.13
CA ASN A 70 -2.87 8.18 -22.73
C ASN A 70 -1.42 7.80 -22.48
N VAL A 71 -1.20 6.76 -21.69
CA VAL A 71 0.14 6.18 -21.51
C VAL A 71 0.68 5.57 -22.81
N ARG A 72 1.89 5.94 -23.18
CA ARG A 72 2.56 5.35 -24.35
C ARG A 72 3.91 4.71 -24.01
N VAL A 73 4.50 5.10 -22.89
CA VAL A 73 5.81 4.58 -22.49
C VAL A 73 5.80 4.20 -21.01
N LEU A 74 6.21 2.96 -20.70
CA LEU A 74 6.39 2.50 -19.31
C LEU A 74 7.85 2.45 -18.95
N ILE A 75 8.18 3.08 -17.82
CA ILE A 75 9.53 3.01 -17.24
C ILE A 75 9.34 2.44 -15.85
N VAL A 76 9.61 1.15 -15.72
CA VAL A 76 9.35 0.50 -14.46
C VAL A 76 10.59 0.66 -13.63
N GLY A 77 10.38 1.13 -12.40
CA GLY A 77 11.44 1.23 -11.38
C GLY A 77 11.32 0.12 -10.35
N GLN A 78 11.93 0.32 -9.20
CA GLN A 78 11.87 -0.67 -8.12
C GLN A 78 10.92 -0.25 -6.98
N ASP A 79 11.52 0.03 -5.80
CA ASP A 79 10.83 0.72 -4.70
C ASP A 79 11.33 2.17 -4.67
N PRO A 80 10.71 3.04 -3.87
CA PRO A 80 11.05 4.46 -3.81
C PRO A 80 12.40 4.79 -3.17
N TYR A 81 12.91 5.97 -3.51
CA TYR A 81 14.16 6.43 -2.95
C TYR A 81 13.98 6.50 -1.43
N PRO A 82 14.90 5.86 -0.69
CA PRO A 82 14.77 5.59 0.73
C PRO A 82 14.94 6.83 1.63
N THR A 83 15.45 7.92 1.06
CA THR A 83 15.78 9.12 1.82
C THR A 83 14.64 10.17 1.81
N PRO A 84 14.27 10.73 3.00
CA PRO A 84 13.15 11.67 3.12
C PRO A 84 13.26 12.86 2.18
N GLY A 85 12.10 13.25 1.66
CA GLY A 85 11.99 14.38 0.75
C GLY A 85 12.44 14.11 -0.67
N HIS A 86 12.97 12.91 -0.93
CA HIS A 86 13.41 12.51 -2.27
C HIS A 86 12.33 11.85 -3.09
N ALA A 87 11.74 10.77 -2.57
CA ALA A 87 10.73 10.06 -3.35
C ALA A 87 9.48 10.92 -3.56
N VAL A 88 8.90 10.83 -4.74
CA VAL A 88 7.90 11.81 -5.14
C VAL A 88 6.65 11.16 -5.75
N GLY A 89 6.53 9.84 -5.64
CA GLY A 89 5.36 9.13 -6.15
C GLY A 89 5.55 8.58 -7.56
N LEU A 90 6.74 8.77 -8.12
CA LEU A 90 7.04 8.42 -9.52
C LEU A 90 8.44 7.83 -9.68
N SER A 91 8.58 6.78 -10.50
CA SER A 91 9.90 6.20 -10.81
C SER A 91 10.98 7.24 -11.03
N PHE A 92 12.12 6.98 -10.40
CA PHE A 92 13.38 7.68 -10.69
C PHE A 92 13.36 9.19 -10.45
N SER A 93 12.20 9.81 -10.55
CA SER A 93 12.10 11.25 -10.39
C SER A 93 12.33 11.64 -8.95
N VAL A 94 12.94 12.79 -8.74
CA VAL A 94 13.07 13.35 -7.40
C VAL A 94 12.36 14.71 -7.30
N ALA A 95 12.43 15.32 -6.13
CA ALA A 95 11.81 16.60 -5.92
C ALA A 95 12.79 17.66 -6.41
N PRO A 96 12.28 18.80 -6.91
CA PRO A 96 13.15 19.82 -7.49
C PRO A 96 14.20 20.41 -6.55
N ASP A 97 13.90 20.46 -5.26
CA ASP A 97 14.86 20.99 -4.30
C ASP A 97 16.04 20.03 -4.07
N VAL A 98 15.87 18.76 -4.48
CA VAL A 98 16.87 17.73 -4.22
C VAL A 98 18.15 18.05 -4.98
N ARG A 99 19.19 18.46 -4.24
CA ARG A 99 20.37 18.99 -4.91
C ARG A 99 21.30 17.92 -5.45
N PRO A 100 22.12 17.27 -4.60
CA PRO A 100 23.03 16.38 -5.35
C PRO A 100 22.21 15.14 -5.75
N TRP A 101 21.85 14.99 -7.02
CA TRP A 101 20.77 14.04 -7.32
C TRP A 101 21.18 12.59 -7.52
N PRO A 102 20.23 11.63 -7.32
CA PRO A 102 20.51 10.21 -7.42
C PRO A 102 21.35 9.89 -8.64
N ARG A 103 22.47 9.23 -8.39
CA ARG A 103 23.41 8.95 -9.42
C ARG A 103 22.80 8.18 -10.59
N SER A 104 21.94 7.18 -10.34
CA SER A 104 21.15 6.58 -11.42
C SER A 104 20.59 7.68 -12.32
N LEU A 105 19.91 8.64 -11.69
CA LEU A 105 19.19 9.70 -12.43
C LEU A 105 20.17 10.54 -13.23
N ALA A 106 21.31 10.88 -12.60
CA ALA A 106 22.42 11.57 -13.26
C ALA A 106 22.80 10.86 -14.58
N ASN A 107 23.12 9.57 -14.47
CA ASN A 107 23.40 8.75 -15.63
C ASN A 107 22.25 8.80 -16.63
N ILE A 108 21.02 8.55 -16.17
CA ILE A 108 19.89 8.56 -17.11
C ILE A 108 19.97 9.83 -17.92
N PHE A 109 20.31 10.91 -17.24
CA PHE A 109 20.31 12.22 -17.85
C PHE A 109 21.39 12.36 -18.88
N ASP A 110 22.55 11.75 -18.63
CA ASP A 110 23.64 11.84 -19.60
C ASP A 110 23.29 11.15 -20.89
N GLU A 111 22.72 9.96 -20.79
CA GLU A 111 22.25 9.22 -21.93
C GLU A 111 21.14 10.01 -22.59
N TYR A 112 20.34 10.70 -21.78
CA TYR A 112 19.30 11.61 -22.28
C TYR A 112 19.85 12.80 -23.12
N THR A 113 20.95 13.41 -22.68
CA THR A 113 21.54 14.48 -23.49
C THR A 113 22.27 13.86 -24.68
N ALA A 114 22.93 12.72 -24.43
CA ALA A 114 23.61 11.98 -25.50
C ALA A 114 22.61 11.56 -26.54
N ASP A 115 21.48 10.99 -26.13
CA ASP A 115 20.50 10.44 -27.07
C ASP A 115 19.81 11.54 -27.91
N LEU A 116 19.24 12.53 -27.22
CA LEU A 116 18.52 13.64 -27.86
C LEU A 116 19.38 14.89 -27.84
N GLY A 117 19.14 15.83 -28.75
CA GLY A 117 20.00 17.02 -28.80
C GLY A 117 20.12 17.81 -27.49
N TYR A 118 19.14 17.62 -26.60
CA TYR A 118 18.90 18.51 -25.46
C TYR A 118 20.05 18.78 -24.49
N PRO A 119 19.92 19.91 -23.74
CA PRO A 119 20.86 20.27 -22.68
C PRO A 119 20.43 19.60 -21.39
N LEU A 120 21.38 19.46 -20.46
CA LEU A 120 21.13 18.81 -19.18
C LEU A 120 19.95 19.47 -18.49
N PRO A 121 18.96 18.67 -18.01
CA PRO A 121 17.80 19.13 -17.23
C PRO A 121 18.20 20.04 -16.04
N SER A 122 17.35 21.00 -15.65
CA SER A 122 17.76 21.87 -14.54
C SER A 122 17.60 21.18 -13.19
N ASN A 123 16.80 20.12 -13.16
CA ASN A 123 16.56 19.33 -11.94
C ASN A 123 16.05 17.93 -12.25
N GLY A 124 16.02 17.06 -11.25
CA GLY A 124 15.55 15.70 -11.44
C GLY A 124 14.07 15.59 -11.21
N ASP A 125 13.36 16.66 -11.55
CA ASP A 125 11.93 16.62 -11.49
C ASP A 125 11.39 16.17 -12.84
N LEU A 126 10.81 14.97 -12.82
CA LEU A 126 10.33 14.27 -14.00
C LEU A 126 8.84 14.49 -14.30
N THR A 127 8.16 15.22 -13.43
CA THR A 127 6.71 15.42 -13.53
C THR A 127 6.29 15.56 -14.99
N PRO A 128 6.93 16.47 -15.75
CA PRO A 128 6.45 16.67 -17.11
C PRO A 128 6.37 15.38 -17.96
N TRP A 129 7.38 14.53 -17.88
CA TRP A 129 7.28 13.25 -18.58
C TRP A 129 5.95 12.60 -18.24
N ALA A 130 5.67 12.55 -16.93
CA ALA A 130 4.49 11.86 -16.39
C ALA A 130 3.21 12.34 -17.05
N GLN A 131 3.16 13.65 -17.28
CA GLN A 131 1.94 14.31 -17.72
C GLN A 131 1.90 14.35 -19.25
N ARG A 132 2.82 13.61 -19.84
CA ARG A 132 2.90 13.49 -21.27
C ARG A 132 2.76 12.05 -21.71
N GLY A 133 2.43 11.16 -20.79
CA GLY A 133 2.12 9.77 -21.16
C GLY A 133 3.25 8.79 -20.91
N VAL A 134 4.24 9.23 -20.14
CA VAL A 134 5.29 8.30 -19.71
C VAL A 134 4.97 7.86 -18.30
N LEU A 135 4.53 6.61 -18.17
CA LEU A 135 4.19 6.10 -16.87
C LEU A 135 5.43 5.65 -16.06
N LEU A 136 5.76 6.42 -15.02
CA LEU A 136 6.87 6.11 -14.14
C LEU A 136 6.39 5.32 -12.94
N LEU A 137 6.15 4.04 -13.17
CA LEU A 137 5.61 3.15 -12.15
C LEU A 137 6.70 2.39 -11.44
N ASN A 138 6.79 2.56 -10.14
CA ASN A 138 7.66 1.72 -9.33
C ASN A 138 6.95 0.38 -9.14
N ARG A 139 7.71 -0.70 -8.93
CA ARG A 139 7.10 -2.00 -8.67
C ARG A 139 6.57 -2.12 -7.23
N VAL A 140 7.21 -1.39 -6.33
CA VAL A 140 6.80 -1.33 -4.93
C VAL A 140 6.55 0.16 -4.64
N LEU A 141 5.33 0.53 -4.22
CA LEU A 141 4.98 1.95 -4.21
C LEU A 141 5.41 2.72 -2.96
N THR A 142 5.63 2.00 -1.85
CA THR A 142 6.07 2.63 -0.61
C THR A 142 7.36 2.00 -0.10
N VAL A 143 7.95 2.56 0.95
CA VAL A 143 9.14 1.98 1.59
C VAL A 143 9.43 2.67 2.93
N ARG A 144 9.84 1.92 3.94
CA ARG A 144 10.20 2.54 5.22
C ARG A 144 11.43 3.42 4.99
N PRO A 145 11.43 4.68 5.50
CA PRO A 145 12.59 5.59 5.48
C PRO A 145 13.93 4.90 5.79
N SER A 146 14.95 5.22 5.00
CA SER A 146 16.31 4.69 5.20
C SER A 146 16.44 3.17 5.08
N ASN A 147 15.31 2.46 4.94
CA ASN A 147 15.32 1.00 4.86
C ASN A 147 14.87 0.42 3.51
N PRO A 148 15.73 0.56 2.48
CA PRO A 148 15.41 0.14 1.13
C PRO A 148 14.85 -1.26 1.03
N ALA A 149 13.80 -1.41 0.21
CA ALA A 149 13.21 -2.72 -0.09
C ALA A 149 12.37 -3.26 1.05
N SER A 150 12.19 -2.44 2.08
CA SER A 150 11.50 -2.87 3.29
C SER A 150 10.02 -3.22 3.06
N HIS A 151 9.43 -2.81 1.93
CA HIS A 151 8.03 -3.16 1.66
C HIS A 151 7.87 -4.10 0.45
N ARG A 152 8.97 -4.77 0.08
CA ARG A 152 8.97 -5.82 -0.96
C ARG A 152 8.11 -6.98 -0.49
N GLY A 153 7.41 -7.62 -1.42
CA GLY A 153 6.53 -8.77 -1.12
C GLY A 153 5.46 -8.44 -0.11
N LYS A 154 5.36 -7.16 0.23
CA LYS A 154 4.47 -6.71 1.28
C LYS A 154 3.09 -6.47 0.71
N GLY A 155 2.90 -6.81 -0.57
CA GLY A 155 1.59 -6.76 -1.17
C GLY A 155 1.49 -5.97 -2.45
N TRP A 156 2.42 -5.02 -2.64
CA TRP A 156 2.38 -4.02 -3.74
C TRP A 156 2.52 -4.59 -5.15
N GLU A 157 3.46 -5.53 -5.33
CA GLU A 157 3.77 -6.16 -6.62
C GLU A 157 2.54 -6.66 -7.37
N ALA A 158 1.66 -7.36 -6.64
CA ALA A 158 0.35 -7.74 -7.15
C ALA A 158 -0.37 -6.59 -7.86
N VAL A 159 -0.35 -5.39 -7.26
CA VAL A 159 -0.99 -4.20 -7.81
C VAL A 159 -0.24 -3.74 -9.08
N THR A 160 1.03 -3.31 -8.90
CA THR A 160 1.85 -2.84 -10.01
C THR A 160 1.84 -3.84 -11.19
N GLU A 161 1.84 -5.13 -10.87
CA GLU A 161 1.72 -6.17 -11.88
C GLU A 161 0.39 -6.06 -12.64
N CYS A 162 -0.73 -5.95 -11.92
CA CYS A 162 -2.01 -5.81 -12.60
C CYS A 162 -2.00 -4.56 -13.44
N ALA A 163 -1.41 -3.48 -12.89
CA ALA A 163 -1.24 -2.20 -13.59
C ALA A 163 -0.71 -2.49 -14.97
N ILE A 164 0.43 -3.17 -15.02
CA ILE A 164 1.09 -3.49 -16.27
C ILE A 164 0.25 -4.35 -17.21
N ARG A 165 -0.21 -5.53 -16.75
CA ARG A 165 -1.08 -6.39 -17.55
C ARG A 165 -2.24 -5.61 -18.20
N ALA A 166 -2.83 -4.70 -17.43
CA ALA A 166 -3.92 -3.89 -17.94
C ALA A 166 -3.47 -3.04 -19.14
N LEU A 167 -2.30 -2.41 -19.00
CA LEU A 167 -1.73 -1.58 -20.07
C LEU A 167 -1.50 -2.39 -21.34
N ALA A 168 -0.88 -3.55 -21.17
CA ALA A 168 -0.65 -4.48 -22.26
C ALA A 168 -1.95 -4.88 -23.00
N ALA A 169 -3.05 -5.03 -22.26
CA ALA A 169 -4.29 -5.53 -22.84
C ALA A 169 -4.91 -4.54 -23.81
N ARG A 170 -4.72 -3.24 -23.57
CA ARG A 170 -5.33 -2.17 -24.39
C ARG A 170 -5.07 -2.32 -25.88
N ALA A 171 -5.91 -1.68 -26.68
CA ALA A 171 -5.73 -1.62 -28.13
C ALA A 171 -4.52 -0.77 -28.51
N ALA A 172 -4.18 0.18 -27.63
CA ALA A 172 -3.13 1.19 -27.85
C ALA A 172 -1.73 0.60 -27.76
N PRO A 173 -0.79 1.12 -28.56
CA PRO A 173 0.57 0.58 -28.52
C PRO A 173 1.33 1.08 -27.28
N LEU A 174 2.23 0.24 -26.78
CA LEU A 174 3.02 0.56 -25.61
C LEU A 174 4.50 0.18 -25.80
N VAL A 175 5.40 1.07 -25.35
CA VAL A 175 6.81 0.75 -25.22
C VAL A 175 7.11 0.67 -23.75
N ALA A 176 7.67 -0.46 -23.31
CA ALA A 176 8.14 -0.58 -21.94
C ALA A 176 9.65 -0.57 -21.95
N ILE A 177 10.26 0.36 -21.25
CA ILE A 177 11.69 0.30 -21.11
C ILE A 177 12.05 -0.22 -19.71
N LEU A 178 12.89 -1.24 -19.70
CA LEU A 178 13.15 -2.04 -18.52
C LEU A 178 14.63 -2.03 -18.14
N TRP A 179 14.93 -1.17 -17.17
CA TRP A 179 16.27 -0.99 -16.67
C TRP A 179 16.61 -1.92 -15.50
N GLY A 180 17.55 -2.83 -15.75
CA GLY A 180 17.94 -3.83 -14.76
C GLY A 180 17.20 -5.13 -14.98
N ARG A 181 17.76 -6.21 -14.44
CA ARG A 181 17.16 -7.53 -14.57
C ARG A 181 15.88 -7.66 -13.75
N ASP A 182 15.81 -7.02 -12.59
CA ASP A 182 14.58 -7.05 -11.79
C ASP A 182 13.40 -6.71 -12.68
N ALA A 183 13.59 -5.69 -13.51
CA ALA A 183 12.57 -5.23 -14.44
C ALA A 183 12.23 -6.30 -15.48
N SER A 184 13.26 -6.96 -16.02
CA SER A 184 13.12 -7.93 -17.12
C SER A 184 12.08 -9.02 -16.86
N THR A 185 11.98 -9.45 -15.61
CA THR A 185 10.98 -10.43 -15.13
C THR A 185 9.52 -10.06 -15.52
N LEU A 186 9.32 -8.82 -15.94
CA LEU A 186 8.02 -8.36 -16.37
C LEU A 186 7.84 -8.44 -17.87
N LYS A 187 8.88 -8.90 -18.58
CA LYS A 187 8.83 -9.00 -20.02
C LYS A 187 7.67 -9.89 -20.47
N PRO A 188 7.72 -11.16 -20.08
CA PRO A 188 6.61 -12.08 -20.32
C PRO A 188 5.27 -11.45 -19.95
N MET A 189 5.28 -10.55 -18.97
CA MET A 189 4.05 -10.04 -18.37
C MET A 189 3.31 -9.11 -19.32
N LEU A 190 4.06 -8.51 -20.24
CA LEU A 190 3.46 -7.84 -21.39
C LEU A 190 3.67 -8.66 -22.66
N ALA A 191 2.76 -9.60 -22.91
CA ALA A 191 2.76 -10.35 -24.16
C ALA A 191 2.89 -9.41 -25.37
N ALA A 192 4.03 -9.49 -26.05
CA ALA A 192 4.42 -8.46 -27.00
C ALA A 192 3.61 -8.56 -28.29
N GLY A 193 2.29 -8.41 -28.17
CA GLY A 193 1.44 -8.18 -29.31
C GLY A 193 1.55 -6.77 -29.86
N ASN A 194 1.05 -5.81 -29.11
CA ASN A 194 1.24 -4.40 -29.42
C ASN A 194 2.23 -3.72 -28.48
N CYS A 195 2.83 -4.52 -27.61
CA CYS A 195 3.84 -4.01 -26.69
C CYS A 195 5.25 -4.37 -27.15
N VAL A 196 6.15 -3.39 -27.12
CA VAL A 196 7.57 -3.65 -27.32
C VAL A 196 8.38 -3.30 -26.07
N ALA A 197 9.24 -4.22 -25.65
CA ALA A 197 10.09 -4.00 -24.51
C ALA A 197 11.49 -3.77 -25.00
N ILE A 198 12.15 -2.77 -24.42
CA ILE A 198 13.54 -2.56 -24.69
C ILE A 198 14.25 -2.63 -23.37
N GLU A 199 15.16 -3.58 -23.23
CA GLU A 199 15.85 -3.81 -21.95
C GLU A 199 17.27 -3.29 -22.02
N SER A 200 17.83 -3.02 -20.86
CA SER A 200 19.24 -2.67 -20.77
C SER A 200 19.66 -2.76 -19.31
N PRO A 201 20.97 -2.88 -19.05
CA PRO A 201 21.46 -2.82 -17.67
C PRO A 201 21.08 -1.53 -16.97
N HIS A 202 21.06 -1.56 -15.64
CA HIS A 202 20.48 -0.49 -14.86
C HIS A 202 21.35 0.74 -14.94
N PRO A 203 20.74 1.93 -15.01
CA PRO A 203 21.47 3.18 -15.04
C PRO A 203 22.32 3.42 -13.81
N SER A 204 22.17 2.61 -12.77
CA SER A 204 23.12 2.70 -11.67
C SER A 204 24.59 2.72 -12.18
N PRO A 205 25.44 3.59 -11.59
CA PRO A 205 26.89 3.65 -11.83
C PRO A 205 27.61 2.30 -11.96
N LEU A 206 27.22 1.32 -11.16
CA LEU A 206 27.91 0.06 -11.18
C LEU A 206 27.71 -0.66 -12.51
N SER A 207 26.59 -0.38 -13.16
CA SER A 207 26.21 -1.16 -14.34
C SER A 207 26.04 -0.32 -15.60
N ALA A 208 25.94 1.00 -15.44
CA ALA A 208 25.53 1.89 -16.54
C ALA A 208 26.37 1.70 -17.79
N SER A 209 27.68 1.78 -17.63
CA SER A 209 28.61 1.65 -18.75
C SER A 209 28.58 0.26 -19.37
N ARG A 210 28.01 -0.69 -18.65
CA ARG A 210 27.85 -2.07 -19.13
C ARG A 210 26.77 -2.26 -20.18
N GLY A 211 26.14 -1.20 -20.64
CA GLY A 211 25.20 -1.39 -21.74
C GLY A 211 23.96 -0.55 -21.67
N PHE A 212 23.82 0.26 -20.62
CA PHE A 212 22.78 1.28 -20.58
C PHE A 212 23.17 2.45 -21.52
N PHE A 213 24.33 3.05 -21.22
CA PHE A 213 24.93 4.07 -22.04
C PHE A 213 25.04 3.57 -23.47
N GLY A 214 24.49 4.33 -24.42
CA GLY A 214 24.48 3.91 -25.82
C GLY A 214 23.19 3.20 -26.21
N SER A 215 22.40 2.80 -25.21
CA SER A 215 21.12 2.10 -25.46
C SER A 215 20.04 2.98 -26.13
N ARG A 216 20.26 4.31 -26.09
CA ARG A 216 19.41 5.34 -26.73
C ARG A 216 17.92 5.18 -26.50
N PRO A 217 17.49 5.00 -25.25
CA PRO A 217 16.14 4.50 -25.07
C PRO A 217 15.04 5.54 -25.38
N PHE A 218 15.31 6.82 -25.14
CA PHE A 218 14.28 7.85 -25.35
C PHE A 218 13.89 7.94 -26.81
N SER A 219 14.87 8.02 -27.71
CA SER A 219 14.53 8.12 -29.12
C SER A 219 14.02 6.78 -29.62
N ARG A 220 14.69 5.69 -29.27
CA ARG A 220 14.25 4.39 -29.74
C ARG A 220 12.80 4.16 -29.37
N ALA A 221 12.49 4.45 -28.11
CA ALA A 221 11.12 4.42 -27.61
C ALA A 221 10.19 5.18 -28.55
N ASN A 222 10.57 6.42 -28.86
CA ASN A 222 9.80 7.25 -29.80
C ASN A 222 9.62 6.62 -31.19
N GLU A 223 10.73 6.18 -31.77
CA GLU A 223 10.74 5.62 -33.12
C GLU A 223 9.85 4.39 -33.14
N LEU A 224 9.89 3.64 -32.05
CA LEU A 224 9.04 2.47 -31.89
C LEU A 224 7.60 2.86 -31.89
N LEU A 225 7.27 3.85 -31.06
CA LEU A 225 5.95 4.44 -31.01
C LEU A 225 5.46 4.86 -32.40
N VAL A 226 6.29 5.65 -33.08
CA VAL A 226 5.97 6.07 -34.45
C VAL A 226 5.79 4.85 -35.37
N GLY A 227 6.70 3.89 -35.28
CA GLY A 227 6.58 2.66 -36.05
C GLY A 227 5.20 2.03 -35.89
N MET A 228 4.56 2.25 -34.75
CA MET A 228 3.32 1.56 -34.45
C MET A 228 2.10 2.44 -34.68
N GLY A 229 2.35 3.63 -35.21
CA GLY A 229 1.28 4.55 -35.59
C GLY A 229 0.78 5.34 -34.39
N ALA A 230 1.70 5.65 -33.47
CA ALA A 230 1.36 6.42 -32.29
C ALA A 230 2.20 7.69 -32.26
N GLU A 231 1.87 8.59 -31.33
CA GLU A 231 2.61 9.84 -31.17
C GLU A 231 3.84 9.56 -30.29
N PRO A 232 4.98 10.20 -30.61
CA PRO A 232 6.18 10.14 -29.79
C PRO A 232 6.03 10.93 -28.52
N ILE A 233 6.70 10.51 -27.46
CA ILE A 233 6.86 11.35 -26.27
C ILE A 233 7.74 12.59 -26.51
N ASP A 234 7.44 13.67 -25.81
CA ASP A 234 8.28 14.86 -25.87
C ASP A 234 9.63 14.70 -25.17
N TRP A 235 9.64 14.17 -23.95
CA TRP A 235 10.85 14.19 -23.13
C TRP A 235 11.15 15.67 -23.03
N ARG A 236 12.37 16.07 -22.72
CA ARG A 236 12.71 17.50 -22.71
C ARG A 236 12.07 18.24 -21.56
N LEU A 237 12.91 18.61 -20.59
CA LEU A 237 12.43 19.12 -19.32
C LEU A 237 13.11 20.39 -18.78
N PRO A 238 14.27 20.79 -19.35
CA PRO A 238 15.20 21.71 -18.66
C PRO A 238 14.56 22.59 -17.59
N ASN B 3 23.82 5.05 10.75
CA ASN B 3 23.33 4.62 9.41
C ASN B 3 24.14 3.44 8.86
N LEU B 4 23.66 2.87 7.75
CA LEU B 4 24.47 1.98 6.92
C LEU B 4 25.57 2.79 6.22
N SER B 5 25.40 4.11 6.16
CA SER B 5 26.37 5.02 5.54
C SER B 5 27.60 5.19 6.41
N ASP B 6 27.48 4.75 7.66
CA ASP B 6 28.58 4.79 8.61
C ASP B 6 29.69 3.86 8.17
N ILE B 7 29.33 2.66 7.72
CA ILE B 7 30.31 1.73 7.18
C ILE B 7 31.03 2.26 5.94
N ILE B 8 30.35 3.11 5.17
CA ILE B 8 31.04 3.89 4.13
C ILE B 8 32.09 4.78 4.80
N GLU B 9 31.63 5.61 5.74
CA GLU B 9 32.51 6.50 6.50
C GLU B 9 33.69 5.76 7.14
N LYS B 10 33.52 4.45 7.32
CA LYS B 10 34.53 3.65 7.99
C LYS B 10 35.61 3.26 7.01
N GLU B 11 35.19 2.75 5.87
CA GLU B 11 36.12 2.19 4.93
C GLU B 11 36.78 3.29 4.08
N THR B 12 36.25 4.52 4.16
CA THR B 12 36.76 5.63 3.33
C THR B 12 36.97 6.96 4.05
N GLY B 13 36.20 7.19 5.12
CA GLY B 13 36.31 8.43 5.89
C GLY B 13 35.65 9.63 5.23
N LYS B 14 34.45 9.43 4.71
CA LYS B 14 33.74 10.48 3.97
C LYS B 14 32.26 10.57 4.38
N GLN B 15 31.84 11.75 4.80
CA GLN B 15 30.48 11.96 5.29
C GLN B 15 29.49 12.16 4.12
N LEU B 16 29.01 11.04 3.56
CA LEU B 16 28.14 11.03 2.36
C LEU B 16 26.79 10.39 2.63
N VAL B 17 25.77 10.87 1.94
CA VAL B 17 24.42 10.29 2.07
C VAL B 17 24.11 9.33 0.92
N ILE B 18 23.67 8.12 1.26
CA ILE B 18 23.18 7.15 0.28
C ILE B 18 21.90 7.66 -0.34
N GLN B 19 21.85 7.75 -1.67
CA GLN B 19 20.72 8.36 -2.35
C GLN B 19 19.80 7.32 -3.02
N GLU B 20 20.31 6.12 -3.20
CA GLU B 20 19.64 5.06 -3.93
C GLU B 20 20.21 3.70 -3.59
N SER B 21 19.31 2.73 -3.49
CA SER B 21 19.69 1.34 -3.37
C SER B 21 19.04 0.55 -4.51
N ILE B 22 19.82 0.26 -5.56
CA ILE B 22 19.29 -0.51 -6.67
C ILE B 22 19.62 -1.98 -6.43
N LEU B 23 18.64 -2.85 -6.69
CA LEU B 23 18.79 -4.29 -6.48
C LEU B 23 19.10 -4.98 -7.80
N MET B 24 20.15 -5.80 -7.79
CA MET B 24 20.61 -6.54 -8.99
C MET B 24 20.88 -8.01 -8.69
N LEU B 25 20.87 -8.83 -9.72
CA LEU B 25 21.11 -10.26 -9.59
C LEU B 25 22.61 -10.57 -9.61
N PRO B 26 23.00 -11.72 -9.03
CA PRO B 26 24.42 -12.09 -9.08
C PRO B 26 24.95 -11.96 -10.49
N GLU B 27 24.25 -12.54 -11.47
CA GLU B 27 24.64 -12.46 -12.87
C GLU B 27 25.09 -11.04 -13.30
N GLU B 28 24.40 -10.01 -12.79
CA GLU B 28 24.70 -8.62 -13.15
C GLU B 28 25.96 -8.07 -12.43
N VAL B 29 26.07 -8.37 -11.15
CA VAL B 29 27.15 -7.84 -10.33
C VAL B 29 28.49 -8.48 -10.72
N GLU B 30 28.46 -9.80 -11.00
CA GLU B 30 29.66 -10.61 -11.27
C GLU B 30 30.55 -9.98 -12.34
N GLU B 31 29.98 -9.82 -13.53
CA GLU B 31 30.65 -9.20 -14.68
C GLU B 31 31.54 -8.00 -14.29
N VAL B 32 31.03 -7.08 -13.47
CA VAL B 32 31.73 -5.83 -13.16
C VAL B 32 32.82 -5.96 -12.10
N ILE B 33 32.54 -6.78 -11.09
CA ILE B 33 33.46 -6.96 -9.95
C ILE B 33 34.31 -8.22 -10.07
N GLY B 34 33.83 -9.18 -10.86
CA GLY B 34 34.55 -10.43 -11.08
C GLY B 34 34.50 -11.33 -9.86
N ASN B 35 33.39 -11.25 -9.12
CA ASN B 35 33.13 -12.19 -8.04
C ASN B 35 31.64 -12.45 -7.97
N LYS B 36 31.18 -13.59 -8.51
CA LYS B 36 29.76 -13.93 -8.42
C LYS B 36 29.38 -14.09 -6.96
N PRO B 37 28.49 -13.22 -6.46
CA PRO B 37 27.94 -13.27 -5.10
C PRO B 37 26.85 -14.32 -4.89
N GLU B 38 26.63 -14.70 -3.64
CA GLU B 38 25.66 -15.74 -3.24
C GLU B 38 24.22 -15.60 -3.78
N SER B 39 23.55 -14.53 -3.38
CA SER B 39 22.25 -14.16 -3.90
C SER B 39 22.27 -12.69 -4.29
N ASP B 40 21.09 -12.11 -4.52
CA ASP B 40 20.97 -10.76 -5.07
C ASP B 40 21.75 -9.74 -4.25
N ILE B 41 22.02 -8.59 -4.87
CA ILE B 41 22.71 -7.53 -4.16
C ILE B 41 21.99 -6.19 -4.33
N LEU B 42 22.09 -5.37 -3.29
CA LEU B 42 21.66 -3.98 -3.35
C LEU B 42 22.89 -3.12 -3.52
N VAL B 43 22.79 -2.19 -4.46
CA VAL B 43 23.87 -1.30 -4.84
C VAL B 43 23.53 0.10 -4.34
N HIS B 44 23.92 0.35 -3.10
CA HIS B 44 23.72 1.64 -2.45
C HIS B 44 24.78 2.58 -2.99
N THR B 45 24.33 3.63 -3.65
CA THR B 45 25.22 4.57 -4.32
C THR B 45 25.07 5.95 -3.71
N ALA B 46 26.17 6.45 -3.16
CA ALA B 46 26.23 7.82 -2.71
C ALA B 46 27.15 8.55 -3.64
N TYR B 47 27.04 9.86 -3.70
CA TYR B 47 27.90 10.67 -4.54
C TYR B 47 28.75 11.62 -3.72
N ASP B 48 30.06 11.59 -3.95
CA ASP B 48 30.97 12.56 -3.35
C ASP B 48 31.14 13.78 -4.23
N GLU B 49 30.45 14.86 -3.88
CA GLU B 49 30.56 16.09 -4.64
C GLU B 49 31.77 16.88 -4.14
N SER B 50 32.96 16.40 -4.48
CA SER B 50 34.19 17.16 -4.21
C SER B 50 35.36 16.47 -4.89
N THR B 51 35.29 15.14 -4.91
CA THR B 51 36.25 14.30 -5.60
C THR B 51 35.67 13.86 -6.95
N ASP B 52 34.38 14.18 -7.14
CA ASP B 52 33.59 13.64 -8.23
C ASP B 52 33.84 12.14 -8.32
N GLU B 53 33.42 11.43 -7.27
CA GLU B 53 33.45 9.98 -7.27
C GLU B 53 32.07 9.45 -6.93
N ASN B 54 31.67 8.34 -7.57
CA ASN B 54 30.46 7.62 -7.17
C ASN B 54 30.82 6.54 -6.17
N VAL B 55 30.35 6.63 -4.94
CA VAL B 55 30.74 5.67 -3.91
C VAL B 55 29.68 4.61 -3.76
N MET B 56 30.06 3.36 -4.01
CA MET B 56 29.10 2.27 -4.03
C MET B 56 29.32 1.21 -2.94
N LEU B 57 28.23 0.91 -2.25
CA LEU B 57 28.21 -0.15 -1.24
C LEU B 57 27.24 -1.24 -1.66
N LEU B 58 27.78 -2.43 -1.82
CA LEU B 58 27.01 -3.57 -2.23
C LEU B 58 26.80 -4.46 -1.02
N THR B 59 25.54 -4.81 -0.76
CA THR B 59 25.18 -5.58 0.42
C THR B 59 24.16 -6.64 0.05
N SER B 60 23.94 -7.57 0.97
CA SER B 60 22.91 -8.57 0.77
C SER B 60 21.53 -7.91 0.82
N ASP B 61 20.53 -8.60 0.27
CA ASP B 61 19.15 -8.11 0.12
C ASP B 61 18.59 -7.41 1.36
N ALA B 62 17.32 -7.02 1.29
CA ALA B 62 16.70 -6.12 2.28
C ALA B 62 16.98 -6.34 3.78
N PRO B 63 16.37 -7.39 4.40
CA PRO B 63 16.35 -7.39 5.89
C PRO B 63 17.73 -7.18 6.53
N GLU B 64 18.65 -8.11 6.27
CA GLU B 64 20.02 -8.02 6.72
C GLU B 64 20.79 -7.32 5.61
N TYR B 65 21.30 -6.11 5.88
CA TYR B 65 22.08 -5.43 4.84
C TYR B 65 23.55 -5.76 5.04
N LYS B 66 23.97 -6.95 4.64
CA LYS B 66 25.34 -7.36 4.94
C LYS B 66 26.30 -6.80 3.89
N PRO B 67 27.32 -6.03 4.34
CA PRO B 67 28.36 -5.61 3.39
C PRO B 67 28.87 -6.80 2.57
N TRP B 68 29.26 -6.55 1.33
CA TRP B 68 29.85 -7.59 0.49
C TRP B 68 31.07 -7.08 -0.28
N ALA B 69 30.95 -5.87 -0.81
CA ALA B 69 32.03 -5.21 -1.52
C ALA B 69 31.76 -3.72 -1.57
N LEU B 70 32.83 -2.96 -1.82
CA LEU B 70 32.79 -1.50 -1.89
C LEU B 70 33.43 -1.11 -3.19
N VAL B 71 32.86 -0.12 -3.88
CA VAL B 71 33.44 0.33 -5.14
C VAL B 71 33.54 1.84 -5.14
N ILE B 72 34.70 2.37 -5.51
CA ILE B 72 34.83 3.80 -5.77
C ILE B 72 35.13 4.02 -7.26
N GLN B 73 34.30 4.84 -7.90
CA GLN B 73 34.28 5.03 -9.36
C GLN B 73 34.53 6.48 -9.68
N ASP B 74 35.59 6.75 -10.46
CA ASP B 74 36.06 8.13 -10.67
C ASP B 74 35.39 8.85 -11.85
N SER B 75 35.86 10.07 -12.14
CA SER B 75 35.35 10.86 -13.29
C SER B 75 35.51 10.19 -14.66
N ASN B 76 36.40 9.20 -14.74
CA ASN B 76 36.69 8.44 -15.96
C ASN B 76 35.82 7.18 -16.08
N GLY B 77 35.65 6.49 -14.97
CA GLY B 77 34.88 5.25 -14.97
C GLY B 77 35.59 4.03 -14.41
N GLU B 78 36.88 4.15 -14.08
CA GLU B 78 37.59 3.01 -13.49
C GLU B 78 37.21 2.86 -12.03
N ASN B 79 37.21 1.62 -11.57
CA ASN B 79 36.71 1.32 -10.24
C ASN B 79 37.79 0.74 -9.38
N LYS B 80 37.97 1.32 -8.19
CA LYS B 80 38.79 0.71 -7.13
C LYS B 80 37.80 -0.14 -6.37
N ILE B 81 37.87 -1.45 -6.61
CA ILE B 81 36.98 -2.40 -5.94
C ILE B 81 37.71 -2.99 -4.73
N LYS B 82 37.08 -2.89 -3.57
CA LYS B 82 37.55 -3.56 -2.38
C LYS B 82 36.47 -4.54 -1.90
N MET B 83 36.80 -5.83 -1.89
CA MET B 83 35.87 -6.82 -1.38
C MET B 83 35.81 -6.65 0.12
N LEU B 84 34.63 -6.85 0.69
CA LEU B 84 34.42 -6.66 2.12
C LEU B 84 34.10 -7.97 2.84
N ALA C 14 21.44 -19.88 11.38
CA ALA C 14 21.84 -18.87 10.34
C ALA C 14 21.95 -17.46 10.94
N ARG C 15 21.71 -16.46 10.10
CA ARG C 15 21.69 -15.07 10.56
C ARG C 15 20.52 -14.31 9.90
N PRO C 16 20.41 -14.40 8.54
CA PRO C 16 19.30 -13.71 7.85
C PRO C 16 17.91 -14.35 8.02
N LEU C 17 16.96 -13.55 8.49
CA LEU C 17 15.57 -13.95 8.60
C LEU C 17 15.09 -14.88 7.48
N SER C 18 15.51 -14.59 6.24
CA SER C 18 15.00 -15.24 5.02
C SER C 18 15.23 -16.75 5.00
N GLU C 19 16.28 -17.15 5.70
CA GLU C 19 16.66 -18.56 5.90
C GLU C 19 16.01 -19.17 7.17
N LEU C 20 15.48 -18.30 8.03
CA LEU C 20 14.91 -18.71 9.33
C LEU C 20 13.40 -18.93 9.31
N VAL C 21 12.68 -18.30 8.39
CA VAL C 21 11.24 -18.37 8.45
C VAL C 21 10.62 -18.45 7.06
N GLU C 22 9.33 -18.81 6.99
CA GLU C 22 8.67 -19.13 5.71
C GLU C 22 8.68 -17.98 4.69
N ARG C 23 9.22 -16.83 5.07
CA ARG C 23 9.07 -15.62 4.26
C ARG C 23 7.60 -15.23 4.34
N GLY C 24 7.24 -14.01 4.01
CA GLY C 24 5.86 -13.58 4.28
C GLY C 24 5.78 -13.46 5.80
N TRP C 25 6.28 -14.48 6.51
CA TRP C 25 6.75 -14.28 7.87
C TRP C 25 7.99 -13.40 7.82
N ALA C 26 8.91 -13.73 6.90
CA ALA C 26 10.09 -12.90 6.65
C ALA C 26 9.63 -11.47 6.52
N ALA C 27 8.68 -11.26 5.62
CA ALA C 27 8.09 -9.95 5.41
C ALA C 27 7.50 -9.44 6.72
N ALA C 28 6.53 -10.18 7.26
CA ALA C 28 5.89 -9.85 8.53
C ALA C 28 6.88 -9.33 9.58
N LEU C 29 7.96 -10.07 9.78
CA LEU C 29 8.92 -9.86 10.85
C LEU C 29 10.09 -8.98 10.49
N GLU C 30 10.27 -8.70 9.21
CA GLU C 30 11.37 -7.86 8.80
C GLU C 30 11.60 -6.66 9.74
N PRO C 31 10.53 -5.93 10.11
CA PRO C 31 10.71 -4.81 11.05
C PRO C 31 11.48 -5.17 12.32
N VAL C 32 11.45 -6.44 12.71
CA VAL C 32 12.17 -6.87 13.91
C VAL C 32 13.37 -7.73 13.59
N ALA C 33 13.76 -7.77 12.32
CA ALA C 33 14.94 -8.51 11.87
C ALA C 33 16.11 -8.33 12.83
N ASP C 34 16.47 -7.07 13.11
CA ASP C 34 17.58 -6.75 14.03
C ASP C 34 17.34 -7.36 15.41
N GLN C 35 16.09 -7.29 15.83
CA GLN C 35 15.72 -7.81 17.12
C GLN C 35 15.82 -9.35 17.19
N VAL C 36 15.31 -10.04 16.17
CA VAL C 36 15.42 -11.50 16.14
C VAL C 36 16.87 -11.90 16.00
N ALA C 37 17.63 -11.13 15.23
CA ALA C 37 19.07 -11.34 15.14
C ALA C 37 19.71 -11.18 16.52
N HIS C 38 19.35 -10.12 17.22
CA HIS C 38 19.84 -9.92 18.59
C HIS C 38 19.56 -11.15 19.48
N MET C 39 18.30 -11.56 19.55
CA MET C 39 17.96 -12.75 20.28
C MET C 39 18.85 -13.93 19.94
N GLY C 40 19.41 -13.95 18.73
CA GLY C 40 20.35 -15.01 18.32
C GLY C 40 21.57 -15.04 19.23
N GLN C 41 22.31 -13.92 19.25
CA GLN C 41 23.49 -13.80 20.10
C GLN C 41 23.22 -13.93 21.60
N PHE C 42 21.99 -13.62 22.01
CA PHE C 42 21.61 -13.87 23.40
C PHE C 42 21.71 -15.36 23.73
N LEU C 43 21.13 -16.19 22.87
CA LEU C 43 21.13 -17.63 23.12
C LEU C 43 22.53 -18.19 22.98
N ARG C 44 23.30 -17.61 22.05
CA ARG C 44 24.66 -18.07 21.83
C ARG C 44 25.51 -17.70 23.05
N ALA C 45 25.17 -16.54 23.63
CA ALA C 45 25.77 -16.09 24.89
C ALA C 45 25.45 -17.09 26.00
N GLU C 46 24.18 -17.50 26.03
CA GLU C 46 23.69 -18.42 27.05
C GLU C 46 24.48 -19.73 27.10
N ILE C 47 24.64 -20.36 25.94
CA ILE C 47 25.34 -21.65 25.85
C ILE C 47 26.78 -21.55 26.37
N ALA C 48 27.48 -20.49 25.95
CA ALA C 48 28.84 -20.15 26.40
C ALA C 48 28.93 -19.98 27.91
N ALA C 49 28.02 -19.19 28.49
CA ALA C 49 27.88 -19.03 29.95
C ALA C 49 27.79 -20.37 30.71
N GLY C 50 27.55 -21.46 29.98
CA GLY C 50 27.50 -22.80 30.55
C GLY C 50 26.11 -23.36 30.66
N ARG C 51 25.12 -22.47 30.82
CA ARG C 51 23.71 -22.85 30.94
C ARG C 51 23.00 -23.02 29.59
N ARG C 52 22.02 -23.92 29.53
CA ARG C 52 21.30 -24.23 28.28
C ARG C 52 19.90 -23.58 28.21
N TYR C 53 19.28 -23.59 27.02
CA TYR C 53 17.91 -23.08 26.83
C TYR C 53 17.10 -24.18 26.18
N LEU C 54 15.80 -24.23 26.44
CA LEU C 54 15.08 -25.47 26.20
C LEU C 54 14.38 -25.63 24.86
N PRO C 55 13.61 -24.63 24.42
CA PRO C 55 12.88 -24.83 23.17
C PRO C 55 13.66 -25.52 22.07
N ALA C 56 15.00 -25.40 22.08
CA ALA C 56 15.93 -26.16 21.17
C ALA C 56 16.18 -25.48 19.84
N GLY C 57 17.46 -25.34 19.47
CA GLY C 57 17.90 -24.52 18.33
C GLY C 57 16.88 -24.34 17.22
N SER C 58 16.70 -25.39 16.43
CA SER C 58 15.85 -25.33 15.25
C SER C 58 14.35 -25.09 15.54
N ASN C 59 13.89 -25.34 16.76
CA ASN C 59 12.46 -25.23 17.05
C ASN C 59 12.00 -23.88 17.58
N VAL C 60 12.93 -23.01 17.94
CA VAL C 60 12.61 -21.69 18.51
C VAL C 60 11.56 -20.94 17.69
N LEU C 61 11.82 -20.84 16.39
CA LEU C 61 10.98 -20.09 15.47
C LEU C 61 10.09 -21.01 14.59
N ARG C 62 9.78 -22.20 15.12
CA ARG C 62 9.05 -23.20 14.36
C ARG C 62 7.67 -22.65 14.03
N ALA C 63 7.04 -22.01 14.99
CA ALA C 63 5.74 -21.38 14.75
C ALA C 63 5.69 -20.57 13.44
N PHE C 64 6.82 -19.93 13.10
CA PHE C 64 6.92 -19.13 11.88
C PHE C 64 7.36 -19.94 10.67
N THR C 65 7.37 -21.26 10.76
CA THR C 65 7.79 -22.06 9.61
C THR C 65 6.65 -22.34 8.70
N PHE C 66 5.46 -22.34 9.28
CA PHE C 66 4.23 -22.62 8.56
C PHE C 66 3.75 -21.33 7.93
N PRO C 67 3.14 -21.43 6.73
CA PRO C 67 2.77 -20.29 5.89
C PRO C 67 2.10 -19.13 6.66
N PHE C 68 2.60 -17.90 6.48
CA PHE C 68 2.04 -16.73 7.12
C PHE C 68 0.67 -16.43 6.55
N ASP C 69 0.61 -16.29 5.23
CA ASP C 69 -0.63 -16.03 4.52
C ASP C 69 -1.76 -17.01 4.87
N ASN C 70 -1.43 -18.18 5.44
CA ASN C 70 -2.42 -19.25 5.68
C ASN C 70 -3.08 -19.22 7.07
N VAL C 71 -2.42 -18.52 8.00
CA VAL C 71 -2.91 -18.39 9.38
C VAL C 71 -4.32 -17.83 9.44
N ARG C 72 -5.16 -18.48 10.25
CA ARG C 72 -6.53 -18.01 10.49
C ARG C 72 -6.91 -17.96 11.97
N VAL C 73 -6.08 -18.51 12.84
CA VAL C 73 -6.38 -18.52 14.28
C VAL C 73 -5.08 -18.37 15.07
N LEU C 74 -5.02 -17.38 15.95
CA LEU C 74 -3.88 -17.20 16.82
C LEU C 74 -4.24 -17.81 18.16
N ILE C 75 -3.42 -18.72 18.66
CA ILE C 75 -3.57 -19.19 20.04
C ILE C 75 -2.27 -18.82 20.73
N VAL C 76 -2.27 -17.73 21.52
CA VAL C 76 -1.02 -17.26 22.10
C VAL C 76 -0.83 -17.89 23.42
N GLY C 77 0.37 -18.42 23.64
CA GLY C 77 0.74 -19.02 24.90
C GLY C 77 1.66 -18.08 25.63
N GLN C 78 2.21 -18.51 26.76
CA GLN C 78 3.21 -17.72 27.50
C GLN C 78 4.67 -18.03 27.03
N ASP C 79 5.46 -18.68 27.88
CA ASP C 79 6.77 -19.16 27.46
C ASP C 79 6.67 -20.67 27.29
N PRO C 80 7.74 -21.34 26.79
CA PRO C 80 7.70 -22.79 26.58
C PRO C 80 7.64 -23.58 27.90
N TYR C 81 7.21 -24.84 27.81
CA TYR C 81 7.21 -25.73 28.96
C TYR C 81 8.61 -25.88 29.58
N PRO C 82 8.71 -25.74 30.91
CA PRO C 82 9.96 -25.75 31.70
C PRO C 82 10.80 -27.02 31.55
N THR C 83 10.12 -28.16 31.48
CA THR C 83 10.77 -29.48 31.53
C THR C 83 11.27 -29.99 30.16
N PRO C 84 12.56 -30.41 30.10
CA PRO C 84 13.22 -30.88 28.88
C PRO C 84 12.43 -31.91 28.12
N GLY C 85 12.37 -31.77 26.79
CA GLY C 85 11.67 -32.76 25.97
C GLY C 85 10.16 -32.57 25.83
N HIS C 86 9.63 -31.51 26.47
CA HIS C 86 8.21 -31.22 26.38
C HIS C 86 7.91 -30.14 25.35
N ALA C 87 8.54 -28.97 25.55
CA ALA C 87 8.46 -27.84 24.64
C ALA C 87 8.82 -28.32 23.25
N VAL C 88 8.05 -27.89 22.24
CA VAL C 88 8.20 -28.43 20.90
C VAL C 88 8.26 -27.32 19.80
N GLY C 89 8.30 -26.07 20.25
CA GLY C 89 8.36 -24.92 19.33
C GLY C 89 7.00 -24.27 19.09
N LEU C 90 5.95 -24.92 19.61
CA LEU C 90 4.57 -24.45 19.44
C LEU C 90 3.83 -24.34 20.78
N SER C 91 3.02 -23.28 20.97
CA SER C 91 2.16 -23.13 22.17
C SER C 91 1.50 -24.41 22.63
N PHE C 92 1.48 -24.61 23.94
CA PHE C 92 0.71 -25.69 24.57
C PHE C 92 1.08 -27.11 24.14
N SER C 93 1.60 -27.26 22.92
CA SER C 93 1.77 -28.60 22.35
C SER C 93 2.91 -29.35 23.01
N VAL C 94 2.80 -30.67 23.03
CA VAL C 94 3.87 -31.51 23.54
C VAL C 94 4.23 -32.65 22.58
N ALA C 95 5.41 -33.25 22.82
CA ALA C 95 5.91 -34.33 21.99
C ALA C 95 5.03 -35.55 22.20
N PRO C 96 4.68 -36.28 21.12
CA PRO C 96 3.80 -37.47 21.22
C PRO C 96 4.18 -38.48 22.32
N ASP C 97 5.46 -38.60 22.63
CA ASP C 97 5.92 -39.48 23.69
C ASP C 97 5.54 -38.97 25.09
N VAL C 98 5.26 -37.67 25.21
CA VAL C 98 5.06 -37.06 26.53
C VAL C 98 3.71 -37.52 27.02
N ARG C 99 3.70 -38.31 28.10
CA ARG C 99 2.51 -39.12 28.43
C ARG C 99 1.56 -38.54 29.51
N PRO C 100 2.07 -38.29 30.73
CA PRO C 100 1.12 -37.59 31.61
C PRO C 100 1.20 -36.13 31.19
N TRP C 101 0.29 -35.69 30.33
CA TRP C 101 0.54 -34.42 29.69
C TRP C 101 0.10 -33.22 30.54
N PRO C 102 0.73 -32.03 30.33
CA PRO C 102 0.44 -30.81 31.05
C PRO C 102 -1.05 -30.65 31.27
N ARG C 103 -1.45 -30.52 32.53
CA ARG C 103 -2.84 -30.38 32.88
C ARG C 103 -3.56 -29.27 32.08
N SER C 104 -2.90 -28.13 31.89
CA SER C 104 -3.46 -27.11 31.02
C SER C 104 -3.93 -27.73 29.69
N LEU C 105 -2.98 -28.39 29.00
CA LEU C 105 -3.26 -29.00 27.72
C LEU C 105 -4.37 -30.04 27.87
N ALA C 106 -4.41 -30.73 29.01
CA ALA C 106 -5.47 -31.71 29.28
C ALA C 106 -6.79 -30.99 29.25
N ASN C 107 -6.97 -30.01 30.12
CA ASN C 107 -8.22 -29.28 30.13
C ASN C 107 -8.55 -28.79 28.74
N ILE C 108 -7.59 -28.17 28.05
CA ILE C 108 -7.88 -27.71 26.69
C ILE C 108 -8.61 -28.81 25.91
N PHE C 109 -7.98 -29.97 25.85
CA PHE C 109 -8.53 -31.15 25.24
C PHE C 109 -9.94 -31.54 25.72
N ASP C 110 -10.21 -31.40 27.02
CA ASP C 110 -11.52 -31.72 27.55
C ASP C 110 -12.52 -30.77 26.94
N GLU C 111 -12.33 -29.46 27.11
CA GLU C 111 -13.15 -28.48 26.44
C GLU C 111 -13.27 -28.78 24.97
N TYR C 112 -12.18 -29.25 24.36
CA TYR C 112 -12.16 -29.64 22.94
C TYR C 112 -13.24 -30.71 22.63
N THR C 113 -13.23 -31.81 23.37
CA THR C 113 -14.21 -32.88 23.17
C THR C 113 -15.59 -32.41 23.54
N ALA C 114 -15.69 -31.53 24.54
CA ALA C 114 -16.98 -30.92 24.89
C ALA C 114 -17.46 -30.11 23.68
N ASP C 115 -16.67 -29.12 23.27
CA ASP C 115 -17.04 -28.24 22.15
C ASP C 115 -17.44 -28.98 20.88
N LEU C 116 -16.54 -29.84 20.39
CA LEU C 116 -16.73 -30.59 19.16
C LEU C 116 -17.10 -32.06 19.45
N GLY C 117 -17.74 -32.75 18.52
CA GLY C 117 -18.19 -34.12 18.80
C GLY C 117 -17.06 -35.15 18.98
N TYR C 118 -15.81 -34.67 18.86
CA TYR C 118 -14.62 -35.53 18.70
C TYR C 118 -14.23 -36.33 19.94
N PRO C 119 -13.57 -37.49 19.74
CA PRO C 119 -12.98 -38.21 20.86
C PRO C 119 -11.67 -37.57 21.29
N LEU C 120 -11.29 -37.86 22.52
CA LEU C 120 -10.10 -37.34 23.10
C LEU C 120 -8.88 -37.70 22.27
N PRO C 121 -7.99 -36.73 22.00
CA PRO C 121 -6.75 -36.93 21.26
C PRO C 121 -5.88 -38.09 21.81
N SER C 122 -5.02 -38.65 20.97
CA SER C 122 -4.20 -39.79 21.40
C SER C 122 -2.98 -39.29 22.09
N ASN C 123 -2.51 -38.12 21.69
CA ASN C 123 -1.37 -37.48 22.33
C ASN C 123 -1.52 -35.99 22.30
N GLY C 124 -0.63 -35.33 23.02
CA GLY C 124 -0.68 -33.88 23.08
C GLY C 124 -0.02 -33.23 21.87
N ASP C 125 0.00 -33.92 20.72
CA ASP C 125 0.72 -33.43 19.55
C ASP C 125 -0.15 -32.55 18.68
N LEU C 126 0.22 -31.29 18.62
CA LEU C 126 -0.59 -30.25 18.02
C LEU C 126 -0.10 -29.85 16.61
N THR C 127 0.96 -30.53 16.15
CA THR C 127 1.49 -30.24 14.82
C THR C 127 0.38 -30.10 13.74
N PRO C 128 -0.54 -31.08 13.65
CA PRO C 128 -1.55 -30.92 12.60
C PRO C 128 -2.33 -29.58 12.66
N TRP C 129 -2.65 -29.07 13.87
CA TRP C 129 -3.30 -27.76 13.95
C TRP C 129 -2.41 -26.68 13.31
N ALA C 130 -1.11 -26.79 13.57
CA ALA C 130 -0.17 -25.78 13.13
C ALA C 130 -0.13 -25.73 11.62
N GLN C 131 -0.12 -26.90 10.99
CA GLN C 131 -0.13 -26.95 9.53
C GLN C 131 -1.51 -26.73 8.95
N ARG C 132 -2.43 -26.23 9.75
CA ARG C 132 -3.76 -25.91 9.22
C ARG C 132 -4.12 -24.43 9.46
N GLY C 133 -3.14 -23.64 9.86
CA GLY C 133 -3.36 -22.20 10.00
C GLY C 133 -3.69 -21.81 11.42
N VAL C 134 -3.62 -22.77 12.33
CA VAL C 134 -3.63 -22.41 13.72
C VAL C 134 -2.20 -22.11 14.12
N LEU C 135 -1.91 -20.83 14.25
CA LEU C 135 -0.60 -20.40 14.73
C LEU C 135 -0.49 -20.56 16.26
N LEU C 136 0.33 -21.50 16.69
CA LEU C 136 0.58 -21.65 18.12
C LEU C 136 1.78 -20.80 18.60
N LEU C 137 1.54 -19.49 18.68
CA LEU C 137 2.60 -18.56 19.06
C LEU C 137 2.67 -18.33 20.56
N ASN C 138 3.80 -18.71 21.14
CA ASN C 138 4.08 -18.38 22.51
C ASN C 138 4.53 -16.92 22.50
N ARG C 139 4.33 -16.23 23.62
CA ARG C 139 4.75 -14.86 23.74
C ARG C 139 6.26 -14.81 23.90
N VAL C 140 6.81 -15.73 24.68
CA VAL C 140 8.26 -15.81 24.82
C VAL C 140 8.72 -17.11 24.22
N LEU C 141 9.70 -17.05 23.34
CA LEU C 141 10.00 -18.19 22.49
C LEU C 141 11.04 -19.19 23.03
N THR C 142 11.63 -18.88 24.19
CA THR C 142 12.67 -19.72 24.82
C THR C 142 12.61 -19.67 26.36
N VAL C 143 13.37 -20.54 27.02
CA VAL C 143 13.43 -20.57 28.51
C VAL C 143 14.54 -21.50 29.07
N ARG C 144 15.12 -21.15 30.20
CA ARG C 144 16.08 -22.03 30.87
C ARG C 144 15.35 -23.30 31.38
N PRO C 145 15.90 -24.50 31.11
CA PRO C 145 15.32 -25.71 31.67
C PRO C 145 14.96 -25.52 33.12
N SER C 146 13.81 -26.04 33.54
CA SER C 146 13.41 -26.06 34.95
C SER C 146 13.16 -24.68 35.56
N ASN C 147 13.58 -23.62 34.88
CA ASN C 147 13.40 -22.28 35.39
C ASN C 147 12.38 -21.47 34.59
N PRO C 148 11.09 -21.73 34.83
CA PRO C 148 10.03 -21.11 34.04
C PRO C 148 10.11 -19.57 34.05
N ALA C 149 9.64 -18.96 32.97
CA ALA C 149 9.64 -17.49 32.81
C ALA C 149 11.02 -16.83 32.87
N SER C 150 12.07 -17.64 32.98
CA SER C 150 13.45 -17.15 33.13
C SER C 150 13.92 -16.25 32.00
N HIS C 151 13.17 -16.22 30.90
CA HIS C 151 13.56 -15.47 29.71
C HIS C 151 12.58 -14.32 29.39
N ARG C 152 11.58 -14.10 30.26
CA ARG C 152 10.66 -12.95 30.09
C ARG C 152 11.40 -11.60 30.03
N GLY C 153 10.94 -10.71 29.16
CA GLY C 153 11.47 -9.36 29.04
C GLY C 153 12.85 -9.34 28.42
N LYS C 154 13.45 -10.52 28.23
CA LYS C 154 14.80 -10.63 27.65
C LYS C 154 14.78 -10.40 26.14
N GLY C 155 13.65 -9.90 25.63
CA GLY C 155 13.60 -9.40 24.28
C GLY C 155 12.80 -10.18 23.26
N TRP C 156 12.18 -11.30 23.66
CA TRP C 156 11.31 -12.07 22.76
C TRP C 156 9.96 -11.39 22.48
N GLU C 157 9.41 -10.75 23.52
CA GLU C 157 8.14 -10.06 23.45
C GLU C 157 8.03 -9.17 22.22
N ALA C 158 9.06 -8.36 22.01
CA ALA C 158 9.08 -7.42 20.90
C ALA C 158 8.86 -8.12 19.57
N VAL C 159 9.49 -9.29 19.41
CA VAL C 159 9.34 -10.05 18.16
C VAL C 159 7.91 -10.49 18.01
N THR C 160 7.45 -11.31 18.97
CA THR C 160 6.11 -11.90 18.96
C THR C 160 5.01 -10.86 18.79
N GLU C 161 5.20 -9.69 19.41
CA GLU C 161 4.28 -8.59 19.23
C GLU C 161 4.17 -8.21 17.77
N CYS C 162 5.32 -8.05 17.12
CA CYS C 162 5.36 -7.67 15.73
C CYS C 162 4.67 -8.73 14.88
N ALA C 163 4.87 -9.99 15.25
CA ALA C 163 4.27 -11.13 14.55
C ALA C 163 2.75 -11.04 14.55
N ILE C 164 2.21 -10.66 15.71
CA ILE C 164 0.77 -10.49 15.86
C ILE C 164 0.33 -9.29 15.05
N ARG C 165 0.95 -8.14 15.29
CA ARG C 165 0.65 -6.93 14.51
C ARG C 165 0.58 -7.27 13.03
N ALA C 166 1.60 -7.96 12.55
CA ALA C 166 1.67 -8.33 11.14
C ALA C 166 0.43 -9.11 10.66
N LEU C 167 0.04 -10.13 11.43
CA LEU C 167 -1.19 -10.87 11.15
C LEU C 167 -2.37 -9.95 11.13
N ALA C 168 -2.46 -9.07 12.14
CA ALA C 168 -3.57 -8.15 12.27
C ALA C 168 -3.73 -7.39 10.97
N ALA C 169 -2.59 -6.97 10.45
CA ALA C 169 -2.52 -6.05 9.33
C ALA C 169 -3.01 -6.65 8.01
N ARG C 170 -3.13 -7.97 7.92
CA ARG C 170 -3.50 -8.60 6.64
C ARG C 170 -4.94 -8.38 6.23
N ALA C 171 -5.20 -8.55 4.94
CA ALA C 171 -6.55 -8.52 4.40
C ALA C 171 -7.36 -9.64 5.06
N ALA C 172 -6.76 -10.83 5.10
CA ALA C 172 -7.40 -12.06 5.59
C ALA C 172 -7.91 -11.97 7.03
N PRO C 173 -9.09 -12.59 7.28
CA PRO C 173 -9.69 -12.66 8.61
C PRO C 173 -8.77 -13.38 9.63
N LEU C 174 -8.98 -13.08 10.90
CA LEU C 174 -8.21 -13.69 11.97
C LEU C 174 -9.03 -13.79 13.25
N VAL C 175 -8.90 -14.91 13.95
CA VAL C 175 -9.60 -15.17 15.20
C VAL C 175 -8.51 -15.47 16.22
N ALA C 176 -8.35 -14.59 17.19
CA ALA C 176 -7.32 -14.78 18.18
C ALA C 176 -7.87 -15.23 19.55
N ILE C 177 -7.57 -16.46 19.96
CA ILE C 177 -8.11 -16.94 21.21
C ILE C 177 -7.08 -16.73 22.34
N LEU C 178 -7.48 -15.87 23.28
CA LEU C 178 -6.60 -15.35 24.34
C LEU C 178 -6.89 -15.98 25.71
N TRP C 179 -6.19 -17.06 26.04
CA TRP C 179 -6.43 -17.75 27.31
C TRP C 179 -5.65 -17.13 28.46
N GLY C 180 -6.35 -16.62 29.46
CA GLY C 180 -5.69 -15.97 30.58
C GLY C 180 -5.60 -14.49 30.37
N ARG C 181 -5.16 -13.77 31.39
CA ARG C 181 -5.15 -12.31 31.30
C ARG C 181 -3.88 -11.81 30.66
N ASP C 182 -2.78 -12.54 30.86
CA ASP C 182 -1.51 -12.21 30.26
C ASP C 182 -1.71 -11.99 28.77
N ALA C 183 -2.48 -12.90 28.18
CA ALA C 183 -2.85 -12.83 26.78
C ALA C 183 -3.63 -11.53 26.43
N SER C 184 -4.60 -11.17 27.27
CA SER C 184 -5.55 -10.09 26.94
C SER C 184 -4.85 -8.77 26.70
N THR C 185 -3.67 -8.61 27.30
CA THR C 185 -2.85 -7.40 27.11
C THR C 185 -2.51 -7.19 25.63
N LEU C 186 -2.80 -8.19 24.81
CA LEU C 186 -2.54 -8.09 23.40
C LEU C 186 -3.76 -7.65 22.61
N LYS C 187 -4.91 -7.57 23.26
CA LYS C 187 -6.15 -7.24 22.55
C LYS C 187 -6.07 -5.92 21.79
N PRO C 188 -5.54 -4.84 22.42
CA PRO C 188 -5.36 -3.54 21.72
C PRO C 188 -4.55 -3.71 20.45
N MET C 189 -3.44 -4.43 20.60
CA MET C 189 -2.56 -4.84 19.50
C MET C 189 -3.31 -5.36 18.26
N LEU C 190 -4.52 -5.89 18.40
CA LEU C 190 -5.24 -6.25 17.20
C LEU C 190 -6.47 -5.41 16.97
N ALA C 191 -6.29 -4.34 16.21
CA ALA C 191 -7.35 -3.44 15.77
C ALA C 191 -8.49 -4.28 15.23
N ALA C 192 -9.43 -4.62 16.13
CA ALA C 192 -10.50 -5.55 15.82
C ALA C 192 -11.34 -5.08 14.62
N GLY C 193 -10.66 -4.92 13.49
CA GLY C 193 -11.28 -4.57 12.21
C GLY C 193 -11.70 -5.84 11.46
N ASN C 194 -10.69 -6.59 10.98
CA ASN C 194 -10.90 -7.95 10.43
C ASN C 194 -10.50 -9.07 11.41
N CYS C 195 -9.94 -8.68 12.57
CA CYS C 195 -9.57 -9.59 13.67
C CYS C 195 -10.57 -9.60 14.80
N VAL C 196 -10.83 -10.81 15.33
CA VAL C 196 -11.74 -11.00 16.46
C VAL C 196 -11.02 -11.79 17.57
N ALA C 197 -11.17 -11.30 18.80
CA ALA C 197 -10.56 -11.95 19.96
C ALA C 197 -11.64 -12.60 20.81
N ILE C 198 -11.56 -13.91 21.00
CA ILE C 198 -12.39 -14.50 22.04
C ILE C 198 -11.49 -14.73 23.25
N GLU C 199 -11.91 -14.22 24.41
CA GLU C 199 -11.12 -14.35 25.64
C GLU C 199 -11.84 -15.28 26.60
N SER C 200 -11.09 -15.78 27.58
CA SER C 200 -11.61 -16.55 28.70
C SER C 200 -10.45 -16.75 29.66
N PRO C 201 -10.75 -17.12 30.92
CA PRO C 201 -9.69 -17.48 31.83
C PRO C 201 -8.86 -18.61 31.29
N HIS C 202 -7.62 -18.65 31.74
CA HIS C 202 -6.67 -19.68 31.30
C HIS C 202 -7.10 -21.13 31.60
N PRO C 203 -6.83 -22.06 30.68
CA PRO C 203 -7.23 -23.45 30.88
C PRO C 203 -6.47 -24.19 31.99
N SER C 204 -5.52 -23.51 32.65
CA SER C 204 -4.92 -24.04 33.88
C SER C 204 -6.02 -24.44 34.88
N PRO C 205 -5.88 -25.63 35.50
CA PRO C 205 -6.82 -26.17 36.49
C PRO C 205 -7.37 -25.14 37.49
N LEU C 206 -6.51 -24.23 37.96
CA LEU C 206 -6.91 -23.28 39.00
C LEU C 206 -7.96 -22.29 38.51
N SER C 207 -7.90 -21.96 37.23
CA SER C 207 -8.87 -21.08 36.60
C SER C 207 -9.82 -21.73 35.56
N ALA C 208 -9.58 -22.99 35.18
CA ALA C 208 -10.31 -23.54 34.01
C ALA C 208 -11.85 -23.55 34.19
N SER C 209 -12.31 -24.01 35.36
CA SER C 209 -13.75 -24.03 35.67
C SER C 209 -14.30 -22.62 35.92
N ARG C 210 -13.39 -21.66 36.04
CA ARG C 210 -13.74 -20.26 36.30
C ARG C 210 -14.15 -19.51 35.04
N GLY C 211 -14.32 -20.20 33.92
CA GLY C 211 -14.80 -19.52 32.73
C GLY C 211 -14.17 -20.00 31.44
N PHE C 212 -13.24 -20.96 31.53
CA PHE C 212 -12.62 -21.48 30.32
C PHE C 212 -13.55 -22.53 29.71
N PHE C 213 -13.88 -23.52 30.53
CA PHE C 213 -14.80 -24.56 30.16
C PHE C 213 -16.12 -23.92 29.74
N GLY C 214 -16.69 -24.41 28.65
CA GLY C 214 -17.92 -23.87 28.14
C GLY C 214 -17.76 -22.64 27.27
N SER C 215 -16.54 -22.09 27.19
CA SER C 215 -16.26 -20.94 26.31
C SER C 215 -16.32 -21.38 24.84
N ARG C 216 -16.26 -22.68 24.63
CA ARG C 216 -16.43 -23.27 23.31
C ARG C 216 -15.54 -22.64 22.29
N PRO C 217 -14.26 -22.53 22.59
CA PRO C 217 -13.42 -21.61 21.83
C PRO C 217 -13.18 -22.09 20.42
N PHE C 218 -13.14 -23.41 20.22
CA PHE C 218 -12.77 -23.97 18.91
C PHE C 218 -13.84 -23.76 17.85
N SER C 219 -15.08 -24.05 18.22
CA SER C 219 -16.14 -23.97 17.25
C SER C 219 -16.50 -22.51 17.05
N ARG C 220 -16.42 -21.73 18.13
CA ARG C 220 -16.71 -20.30 18.03
C ARG C 220 -15.72 -19.68 17.05
N ALA C 221 -14.44 -20.05 17.19
CA ALA C 221 -13.41 -19.59 16.25
C ALA C 221 -13.85 -19.90 14.82
N ASN C 222 -14.30 -21.12 14.61
CA ASN C 222 -14.81 -21.54 13.31
C ASN C 222 -16.01 -20.75 12.76
N GLU C 223 -17.09 -20.68 13.51
CA GLU C 223 -18.25 -19.86 13.16
C GLU C 223 -17.91 -18.37 12.97
N LEU C 224 -17.03 -17.82 13.82
CA LEU C 224 -16.47 -16.48 13.61
C LEU C 224 -15.79 -16.40 12.25
N LEU C 225 -14.88 -17.34 12.00
CA LEU C 225 -14.24 -17.45 10.71
C LEU C 225 -15.23 -17.48 9.56
N VAL C 226 -16.21 -18.40 9.62
CA VAL C 226 -17.18 -18.60 8.53
C VAL C 226 -17.98 -17.35 8.27
N GLY C 227 -18.40 -16.69 9.35
CA GLY C 227 -19.18 -15.47 9.26
C GLY C 227 -18.39 -14.33 8.65
N MET C 228 -17.07 -14.50 8.59
CA MET C 228 -16.19 -13.54 7.92
C MET C 228 -15.76 -14.05 6.54
N GLY C 229 -16.50 -15.05 6.03
CA GLY C 229 -16.21 -15.70 4.74
C GLY C 229 -14.82 -16.32 4.63
N ALA C 230 -14.29 -16.83 5.74
CA ALA C 230 -13.02 -17.52 5.73
C ALA C 230 -13.29 -19.01 5.89
N GLU C 231 -12.25 -19.85 5.64
CA GLU C 231 -12.38 -21.31 5.77
C GLU C 231 -12.25 -21.69 7.22
N PRO C 232 -13.12 -22.58 7.72
CA PRO C 232 -13.03 -23.02 9.11
C PRO C 232 -11.83 -23.94 9.33
N ILE C 233 -11.32 -23.96 10.55
CA ILE C 233 -10.19 -24.80 10.93
C ILE C 233 -10.70 -26.21 11.10
N ASP C 234 -9.87 -27.21 10.76
CA ASP C 234 -10.27 -28.61 10.93
C ASP C 234 -10.32 -29.00 12.40
N TRP C 235 -9.28 -28.69 13.17
CA TRP C 235 -9.19 -29.24 14.52
C TRP C 235 -9.17 -30.75 14.31
N ARG C 236 -9.48 -31.55 15.33
CA ARG C 236 -9.52 -33.00 15.16
C ARG C 236 -8.15 -33.62 14.92
N LEU C 237 -7.70 -34.47 15.83
CA LEU C 237 -6.34 -34.99 15.72
C LEU C 237 -6.07 -36.46 16.09
N PRO C 238 -7.07 -37.14 16.71
CA PRO C 238 -6.88 -38.42 17.38
C PRO C 238 -5.57 -39.10 17.04
N ASN D 3 16.03 -27.35 43.62
CA ASN D 3 14.74 -27.58 42.87
C ASN D 3 13.52 -26.95 43.57
N LEU D 4 12.35 -27.05 42.94
CA LEU D 4 11.14 -26.35 43.40
C LEU D 4 10.02 -27.34 43.70
N SER D 5 9.97 -28.43 42.94
CA SER D 5 9.01 -29.52 43.17
C SER D 5 9.19 -30.18 44.55
N ASP D 6 10.44 -30.14 45.04
CA ASP D 6 10.81 -30.58 46.39
C ASP D 6 9.81 -30.12 47.41
N ILE D 7 9.42 -28.85 47.32
CA ILE D 7 8.57 -28.25 48.33
C ILE D 7 7.15 -28.79 48.22
N ILE D 8 6.80 -29.31 47.04
CA ILE D 8 5.58 -30.11 46.91
C ILE D 8 5.72 -31.42 47.69
N GLU D 9 6.78 -32.17 47.43
CA GLU D 9 7.05 -33.43 48.15
C GLU D 9 7.19 -33.23 49.65
N LYS D 10 7.50 -32.01 50.07
CA LYS D 10 7.64 -31.70 51.49
C LYS D 10 6.27 -31.40 52.08
N GLU D 11 5.53 -30.51 51.42
CA GLU D 11 4.23 -30.11 51.92
C GLU D 11 3.16 -31.20 51.77
N THR D 12 3.46 -32.24 50.98
CA THR D 12 2.48 -33.30 50.62
C THR D 12 3.08 -34.71 50.54
N GLY D 13 4.42 -34.79 50.54
CA GLY D 13 5.11 -36.06 50.48
C GLY D 13 4.77 -36.81 49.20
N LYS D 14 4.89 -36.12 48.05
CA LYS D 14 4.53 -36.71 46.77
C LYS D 14 5.61 -36.49 45.69
N GLN D 15 6.01 -37.59 45.06
CA GLN D 15 7.11 -37.62 44.10
C GLN D 15 6.64 -37.12 42.74
N LEU D 16 6.47 -35.81 42.59
CA LEU D 16 5.80 -35.31 41.37
C LEU D 16 6.61 -34.36 40.50
N VAL D 17 6.36 -34.36 39.19
CA VAL D 17 7.07 -33.43 38.28
C VAL D 17 6.19 -32.27 37.80
N ILE D 18 6.57 -31.04 38.14
CA ILE D 18 5.84 -29.86 37.63
C ILE D 18 5.89 -29.85 36.09
N GLN D 19 4.76 -29.61 35.42
CA GLN D 19 4.75 -29.68 33.95
C GLN D 19 4.58 -28.38 33.20
N GLU D 20 4.09 -27.37 33.89
CA GLU D 20 3.70 -26.14 33.26
C GLU D 20 3.70 -25.16 34.39
N SER D 21 4.15 -23.94 34.11
CA SER D 21 4.04 -22.91 35.12
C SER D 21 3.32 -21.75 34.47
N ILE D 22 2.02 -21.61 34.79
CA ILE D 22 1.20 -20.54 34.20
C ILE D 22 1.19 -19.29 35.09
N LEU D 23 1.57 -18.15 34.51
CA LEU D 23 1.55 -16.89 35.24
C LEU D 23 0.21 -16.20 35.15
N MET D 24 -0.40 -15.95 36.30
CA MET D 24 -1.69 -15.24 36.37
C MET D 24 -1.61 -13.95 37.23
N LEU D 25 -2.44 -12.96 36.93
CA LEU D 25 -2.47 -11.73 37.75
C LEU D 25 -3.23 -11.98 39.07
N PRO D 26 -2.95 -11.20 40.14
CA PRO D 26 -3.73 -11.31 41.38
C PRO D 26 -5.25 -11.40 41.19
N GLU D 27 -5.82 -10.50 40.40
CA GLU D 27 -7.23 -10.52 40.08
C GLU D 27 -7.81 -11.91 39.69
N GLU D 28 -7.01 -12.75 39.01
CA GLU D 28 -7.50 -14.05 38.57
C GLU D 28 -7.36 -15.07 39.69
N VAL D 29 -6.34 -14.90 40.52
CA VAL D 29 -6.10 -15.87 41.58
C VAL D 29 -7.06 -15.63 42.73
N GLU D 30 -7.21 -14.36 43.13
CA GLU D 30 -8.10 -13.99 44.23
C GLU D 30 -9.43 -14.74 44.10
N GLU D 31 -10.12 -14.55 42.97
CA GLU D 31 -11.39 -15.19 42.68
C GLU D 31 -11.52 -16.58 43.35
N VAL D 32 -10.51 -17.42 43.10
CA VAL D 32 -10.46 -18.87 43.41
C VAL D 32 -9.87 -19.26 44.78
N ILE D 33 -8.86 -18.52 45.24
CA ILE D 33 -8.12 -18.82 46.51
C ILE D 33 -8.64 -18.05 47.72
N GLY D 34 -9.38 -16.97 47.48
CA GLY D 34 -9.96 -16.16 48.56
C GLY D 34 -8.91 -15.36 49.29
N ASN D 35 -7.86 -14.98 48.57
CA ASN D 35 -6.74 -14.17 49.07
C ASN D 35 -6.07 -13.47 47.91
N LYS D 36 -6.19 -12.12 47.87
CA LYS D 36 -5.49 -11.36 46.83
C LYS D 36 -4.00 -11.34 47.18
N PRO D 37 -3.14 -11.76 46.22
CA PRO D 37 -1.68 -11.71 46.37
C PRO D 37 -0.96 -10.36 46.06
N GLU D 38 0.33 -10.31 46.40
CA GLU D 38 1.14 -9.10 46.26
C GLU D 38 1.32 -8.71 44.78
N SER D 39 2.13 -9.51 44.08
CA SER D 39 2.37 -9.36 42.65
C SER D 39 1.67 -10.49 41.89
N ASP D 40 1.90 -10.56 40.58
CA ASP D 40 1.46 -11.67 39.75
C ASP D 40 1.88 -12.99 40.35
N ILE D 41 1.37 -14.08 39.79
CA ILE D 41 1.60 -15.44 40.32
C ILE D 41 1.80 -16.55 39.26
N LEU D 42 2.87 -17.33 39.44
CA LEU D 42 3.07 -18.55 38.66
C LEU D 42 2.34 -19.68 39.31
N VAL D 43 1.46 -20.30 38.54
CA VAL D 43 0.69 -21.42 39.02
C VAL D 43 1.36 -22.65 38.45
N HIS D 44 2.25 -23.29 39.23
CA HIS D 44 2.97 -24.48 38.76
C HIS D 44 2.03 -25.63 39.00
N THR D 45 1.86 -26.47 37.98
CA THR D 45 0.93 -27.56 38.10
C THR D 45 1.60 -28.88 37.78
N ALA D 46 1.45 -29.82 38.71
CA ALA D 46 1.91 -31.19 38.52
C ALA D 46 0.68 -32.11 38.61
N TYR D 47 0.78 -33.31 38.04
CA TYR D 47 -0.33 -34.26 38.07
C TYR D 47 -0.04 -35.58 38.76
N ASP D 48 -0.93 -35.94 39.68
CA ASP D 48 -0.81 -37.17 40.45
C ASP D 48 -1.62 -38.29 39.79
N GLU D 49 -0.92 -39.07 38.98
CA GLU D 49 -1.48 -40.18 38.22
C GLU D 49 -1.60 -41.41 39.11
N SER D 50 -2.45 -41.28 40.12
CA SER D 50 -2.69 -42.35 41.07
C SER D 50 -3.79 -42.00 42.01
N THR D 51 -4.10 -40.72 42.10
CA THR D 51 -5.12 -40.23 43.02
C THR D 51 -6.04 -39.38 42.17
N ASP D 52 -5.56 -39.09 40.97
CA ASP D 52 -6.25 -38.27 39.99
C ASP D 52 -6.45 -36.85 40.50
N GLU D 53 -5.38 -36.32 41.09
CA GLU D 53 -5.41 -34.96 41.60
C GLU D 53 -4.48 -34.00 40.85
N ASN D 54 -4.93 -32.77 40.72
CA ASN D 54 -4.08 -31.74 40.19
C ASN D 54 -3.37 -31.09 41.34
N VAL D 55 -2.04 -31.08 41.29
CA VAL D 55 -1.33 -30.50 42.43
C VAL D 55 -0.72 -29.18 42.02
N MET D 56 -1.19 -28.12 42.66
CA MET D 56 -0.79 -26.79 42.27
C MET D 56 0.08 -26.07 43.31
N LEU D 57 1.19 -25.53 42.85
CA LEU D 57 1.99 -24.68 43.70
C LEU D 57 2.02 -23.28 43.13
N LEU D 58 1.40 -22.36 43.84
CA LEU D 58 1.36 -20.98 43.39
C LEU D 58 2.53 -20.28 44.07
N THR D 59 3.24 -19.47 43.30
CA THR D 59 4.40 -18.73 43.81
C THR D 59 4.50 -17.37 43.12
N SER D 60 5.46 -16.60 43.59
CA SER D 60 5.87 -15.34 42.99
C SER D 60 6.47 -15.56 41.60
N ASP D 61 6.64 -14.45 40.89
CA ASP D 61 7.09 -14.41 39.49
C ASP D 61 8.48 -15.03 39.22
N ALA D 62 8.88 -14.96 37.95
CA ALA D 62 10.11 -15.57 37.42
C ALA D 62 11.31 -15.67 38.34
N PRO D 63 11.90 -14.52 38.77
CA PRO D 63 13.25 -14.68 39.40
C PRO D 63 13.23 -15.44 40.74
N GLU D 64 12.46 -14.92 41.69
CA GLU D 64 12.27 -15.51 43.00
C GLU D 64 11.10 -16.47 42.92
N TYR D 65 11.33 -17.76 43.13
CA TYR D 65 10.19 -18.66 43.11
C TYR D 65 9.72 -18.87 44.53
N LYS D 66 9.10 -17.84 45.11
CA LYS D 66 8.70 -17.87 46.52
C LYS D 66 7.31 -18.46 46.67
N PRO D 67 7.19 -19.56 47.42
CA PRO D 67 5.91 -20.24 47.67
C PRO D 67 4.85 -19.25 48.17
N TRP D 68 3.58 -19.53 47.91
CA TRP D 68 2.50 -18.65 48.38
C TRP D 68 1.21 -19.36 48.76
N ALA D 69 0.91 -20.44 48.04
CA ALA D 69 -0.21 -21.34 48.35
C ALA D 69 0.05 -22.68 47.67
N LEU D 70 -0.49 -23.73 48.28
CA LEU D 70 -0.55 -25.03 47.64
C LEU D 70 -2.02 -25.41 47.46
N VAL D 71 -2.41 -25.82 46.27
CA VAL D 71 -3.80 -26.17 46.02
C VAL D 71 -3.91 -27.62 45.50
N ILE D 72 -4.85 -28.39 46.05
CA ILE D 72 -5.10 -29.74 45.55
C ILE D 72 -6.51 -29.96 45.01
N GLN D 73 -6.60 -30.20 43.71
CA GLN D 73 -7.87 -30.39 43.01
C GLN D 73 -8.18 -31.89 42.80
N ASP D 74 -9.38 -32.32 43.16
CA ASP D 74 -9.75 -33.72 42.95
C ASP D 74 -10.55 -34.02 41.69
N SER D 75 -10.74 -35.31 41.43
CA SER D 75 -11.51 -35.75 40.27
C SER D 75 -12.85 -34.97 40.07
N ASN D 76 -13.39 -34.41 41.16
CA ASN D 76 -14.67 -33.67 41.12
C ASN D 76 -14.50 -32.17 40.88
N GLY D 77 -13.36 -31.65 41.32
CA GLY D 77 -13.02 -30.26 41.05
C GLY D 77 -12.86 -29.40 42.28
N GLU D 78 -13.16 -29.97 43.45
CA GLU D 78 -12.98 -29.22 44.70
C GLU D 78 -11.52 -29.17 45.11
N ASN D 79 -11.14 -27.99 45.60
CA ASN D 79 -9.78 -27.63 45.94
C ASN D 79 -9.56 -27.66 47.44
N LYS D 80 -8.47 -28.29 47.90
CA LYS D 80 -8.07 -28.15 49.32
C LYS D 80 -6.92 -27.15 49.30
N ILE D 81 -7.18 -25.93 49.77
CA ILE D 81 -6.21 -24.82 49.72
C ILE D 81 -5.45 -24.64 51.04
N LYS D 82 -4.15 -24.40 50.93
CA LYS D 82 -3.30 -24.12 52.07
C LYS D 82 -2.36 -22.99 51.74
N MET D 83 -2.48 -21.88 52.46
CA MET D 83 -1.58 -20.74 52.29
C MET D 83 -0.21 -21.12 52.84
N LEU D 84 0.84 -20.67 52.19
CA LEU D 84 2.17 -21.15 52.55
C LEU D 84 3.08 -20.11 53.21
N ARG E 15 35.31 15.97 -26.14
CA ARG E 15 36.55 16.33 -27.00
C ARG E 15 37.73 15.35 -26.78
N PRO E 16 38.07 15.04 -25.50
CA PRO E 16 39.02 13.92 -25.30
C PRO E 16 38.33 12.55 -25.31
N LEU E 17 39.04 11.55 -25.84
CA LEU E 17 38.53 10.17 -25.88
C LEU E 17 37.73 9.81 -24.62
N SER E 18 38.36 10.00 -23.46
CA SER E 18 37.82 9.59 -22.16
C SER E 18 36.36 9.93 -21.96
N GLU E 19 35.87 10.91 -22.71
CA GLU E 19 34.48 11.33 -22.64
C GLU E 19 33.64 10.83 -23.82
N LEU E 20 34.32 10.44 -24.91
CA LEU E 20 33.62 10.05 -26.13
C LEU E 20 33.27 8.56 -26.20
N VAL E 21 34.03 7.73 -25.50
CA VAL E 21 33.87 6.29 -25.59
C VAL E 21 34.15 5.61 -24.25
N GLU E 22 34.02 4.29 -24.23
CA GLU E 22 33.55 3.59 -23.04
C GLU E 22 34.66 3.50 -21.98
N ARG E 23 35.79 4.13 -22.27
CA ARG E 23 37.07 3.70 -21.72
C ARG E 23 37.30 2.21 -21.96
N GLY E 24 38.49 1.73 -21.61
CA GLY E 24 39.01 0.49 -22.15
C GLY E 24 38.93 0.45 -23.67
N TRP E 25 37.86 1.00 -24.21
CA TRP E 25 37.88 1.56 -25.56
C TRP E 25 38.79 2.78 -25.64
N ALA E 26 38.65 3.69 -24.66
CA ALA E 26 39.65 4.70 -24.42
C ALA E 26 41.07 4.15 -24.56
N ALA E 27 41.40 3.19 -23.70
CA ALA E 27 42.69 2.50 -23.79
C ALA E 27 42.94 1.99 -25.21
N ALA E 28 42.06 1.11 -25.68
CA ALA E 28 42.24 0.47 -26.98
C ALA E 28 42.59 1.49 -28.05
N LEU E 29 41.85 2.59 -28.09
CA LEU E 29 42.00 3.59 -29.16
C LEU E 29 43.06 4.68 -28.93
N GLU E 30 43.67 4.70 -27.74
CA GLU E 30 44.64 5.75 -27.43
C GLU E 30 45.59 6.04 -28.58
N PRO E 31 46.13 5.02 -29.25
CA PRO E 31 46.96 5.28 -30.43
C PRO E 31 46.31 6.09 -31.57
N VAL E 32 45.00 6.02 -31.72
CA VAL E 32 44.36 6.85 -32.75
C VAL E 32 43.79 8.16 -32.19
N ALA E 33 44.09 8.46 -30.93
CA ALA E 33 43.59 9.69 -30.27
C ALA E 33 43.56 10.94 -31.15
N ASP E 34 44.74 11.35 -31.65
CA ASP E 34 44.85 12.50 -32.57
C ASP E 34 44.07 12.31 -33.87
N GLN E 35 44.03 11.06 -34.32
CA GLN E 35 43.30 10.68 -35.52
C GLN E 35 41.79 10.78 -35.32
N VAL E 36 41.27 10.32 -34.18
CA VAL E 36 39.82 10.47 -33.89
C VAL E 36 39.47 11.93 -33.65
N ALA E 37 40.42 12.67 -33.07
CA ALA E 37 40.29 14.11 -32.90
C ALA E 37 40.26 14.79 -34.25
N HIS E 38 41.13 14.39 -35.18
CA HIS E 38 41.14 14.98 -36.51
C HIS E 38 39.76 14.81 -37.10
N MET E 39 39.33 13.56 -37.21
CA MET E 39 37.99 13.23 -37.69
C MET E 39 36.99 14.23 -37.16
N GLY E 40 37.15 14.58 -35.89
CA GLY E 40 36.27 15.53 -35.23
C GLY E 40 36.16 16.85 -35.97
N GLN E 41 37.31 17.53 -36.14
CA GLN E 41 37.34 18.85 -36.76
C GLN E 41 36.97 18.80 -38.24
N PHE E 42 37.08 17.63 -38.86
CA PHE E 42 36.59 17.41 -40.24
C PHE E 42 35.07 17.48 -40.29
N LEU E 43 34.43 16.73 -39.40
CA LEU E 43 32.99 16.71 -39.30
C LEU E 43 32.45 18.12 -39.09
N ARG E 44 32.94 18.80 -38.06
CA ARG E 44 32.55 20.17 -37.77
C ARG E 44 32.71 21.04 -39.02
N ALA E 45 33.87 20.90 -39.68
CA ALA E 45 34.17 21.55 -40.96
C ALA E 45 33.13 21.24 -42.05
N GLU E 46 32.64 20.00 -42.07
CA GLU E 46 31.63 19.64 -43.03
C GLU E 46 30.37 20.47 -42.85
N ILE E 47 29.96 20.70 -41.61
CA ILE E 47 28.75 21.49 -41.33
C ILE E 47 29.00 22.93 -41.74
N ALA E 48 30.15 23.47 -41.29
CA ALA E 48 30.61 24.83 -41.59
C ALA E 48 30.54 25.17 -43.08
N ALA E 49 30.93 24.22 -43.91
CA ALA E 49 30.86 24.36 -45.36
C ALA E 49 29.47 24.05 -45.90
N GLY E 50 28.49 23.91 -45.00
CA GLY E 50 27.09 23.87 -45.40
C GLY E 50 26.45 22.50 -45.44
N ARG E 51 27.22 21.50 -45.88
CA ARG E 51 26.75 20.10 -46.01
C ARG E 51 26.66 19.38 -44.67
N ARG E 52 25.71 18.46 -44.53
CA ARG E 52 25.61 17.67 -43.29
C ARG E 52 26.11 16.24 -43.47
N TYR E 53 26.50 15.56 -42.38
CA TYR E 53 26.86 14.12 -42.39
C TYR E 53 25.79 13.27 -41.72
N LEU E 54 25.71 11.98 -42.05
CA LEU E 54 24.51 11.23 -41.69
C LEU E 54 24.50 10.45 -40.36
N PRO E 55 25.50 9.60 -40.09
CA PRO E 55 25.46 8.76 -38.89
C PRO E 55 24.85 9.44 -37.68
N ALA E 56 25.13 10.75 -37.49
CA ALA E 56 24.53 11.64 -36.44
C ALA E 56 25.40 11.84 -35.21
N GLY E 57 25.82 13.07 -34.95
CA GLY E 57 26.80 13.41 -33.90
C GLY E 57 27.06 12.39 -32.80
N SER E 58 26.12 12.33 -31.85
CA SER E 58 26.24 11.46 -30.68
C SER E 58 26.20 9.95 -30.98
N ASN E 59 25.97 9.61 -32.26
CA ASN E 59 25.89 8.23 -32.72
C ASN E 59 27.11 7.75 -33.49
N VAL E 60 27.89 8.68 -34.03
CA VAL E 60 29.11 8.35 -34.81
C VAL E 60 29.98 7.27 -34.15
N LEU E 61 30.20 7.39 -32.84
CA LEU E 61 31.06 6.46 -32.14
C LEU E 61 30.30 5.51 -31.20
N ARG E 62 29.00 5.41 -31.44
CA ARG E 62 28.11 4.61 -30.59
C ARG E 62 28.65 3.20 -30.47
N ALA E 63 29.12 2.65 -31.59
CA ALA E 63 29.79 1.36 -31.56
C ALA E 63 30.68 1.20 -30.33
N PHE E 64 31.46 2.24 -29.98
CA PHE E 64 32.43 2.14 -28.86
C PHE E 64 31.87 2.54 -27.49
N THR E 65 30.55 2.57 -27.36
CA THR E 65 29.98 2.98 -26.07
C THR E 65 29.75 1.74 -25.21
N PHE E 66 29.50 0.61 -25.86
CA PHE E 66 29.32 -0.67 -25.19
C PHE E 66 30.69 -1.22 -24.82
N PRO E 67 30.78 -2.01 -23.72
CA PRO E 67 32.11 -2.38 -23.24
C PRO E 67 33.01 -3.04 -24.30
N PHE E 68 34.27 -2.58 -24.33
CA PHE E 68 35.36 -3.15 -25.13
C PHE E 68 35.66 -4.55 -24.66
N ASP E 69 35.88 -4.70 -23.36
CA ASP E 69 36.23 -5.99 -22.76
C ASP E 69 35.15 -7.07 -22.91
N ASN E 70 33.95 -6.68 -23.32
CA ASN E 70 32.79 -7.57 -23.39
C ASN E 70 32.48 -8.05 -24.80
N VAL E 71 33.24 -7.56 -25.78
CA VAL E 71 33.06 -7.89 -27.19
C VAL E 71 33.48 -9.34 -27.48
N ARG E 72 32.62 -10.08 -28.15
CA ARG E 72 32.98 -11.44 -28.54
C ARG E 72 32.78 -11.75 -30.02
N VAL E 73 32.10 -10.86 -30.75
CA VAL E 73 31.84 -11.06 -32.18
C VAL E 73 32.01 -9.73 -32.89
N LEU E 74 32.76 -9.73 -33.98
CA LEU E 74 32.94 -8.52 -34.78
C LEU E 74 32.20 -8.66 -36.11
N ILE E 75 31.35 -7.70 -36.42
CA ILE E 75 30.68 -7.74 -37.69
C ILE E 75 30.93 -6.44 -38.42
N VAL E 76 31.99 -6.39 -39.22
CA VAL E 76 32.29 -5.16 -39.95
C VAL E 76 31.26 -4.96 -41.05
N GLY E 77 30.89 -3.71 -41.27
CA GLY E 77 30.09 -3.32 -42.43
C GLY E 77 30.94 -2.29 -43.13
N GLN E 78 30.41 -1.65 -44.18
CA GLN E 78 31.17 -0.63 -44.92
C GLN E 78 31.05 0.79 -44.35
N ASP E 79 30.30 1.69 -44.99
CA ASP E 79 29.99 2.99 -44.37
C ASP E 79 28.52 3.02 -43.91
N PRO E 80 28.06 4.10 -43.24
CA PRO E 80 26.64 4.15 -42.82
C PRO E 80 25.66 4.21 -43.98
N TYR E 81 24.40 3.90 -43.73
CA TYR E 81 23.35 4.00 -44.75
C TYR E 81 23.18 5.43 -45.31
N PRO E 82 23.13 5.55 -46.65
CA PRO E 82 22.98 6.81 -47.39
C PRO E 82 21.76 7.63 -47.00
N THR E 83 20.66 6.95 -46.67
CA THR E 83 19.40 7.64 -46.48
C THR E 83 19.20 8.06 -44.99
N PRO E 84 18.80 9.34 -44.76
CA PRO E 84 18.55 9.90 -43.43
C PRO E 84 17.53 9.12 -42.66
N GLY E 85 17.73 8.99 -41.36
CA GLY E 85 16.76 8.32 -40.49
C GLY E 85 17.01 6.83 -40.32
N HIS E 86 17.84 6.24 -41.19
CA HIS E 86 18.19 4.82 -41.16
C HIS E 86 19.45 4.55 -40.35
N ALA E 87 20.57 5.12 -40.80
CA ALA E 87 21.88 4.89 -40.17
C ALA E 87 21.79 5.27 -38.70
N VAL E 88 21.93 4.25 -37.85
CA VAL E 88 21.68 4.40 -36.41
C VAL E 88 22.98 4.36 -35.57
N GLY E 89 24.13 4.49 -36.23
CA GLY E 89 25.45 4.51 -35.57
C GLY E 89 26.14 3.16 -35.34
N LEU E 90 25.67 2.09 -36.00
CA LEU E 90 26.16 0.69 -35.86
C LEU E 90 25.87 -0.11 -37.12
N SER E 91 26.72 -1.09 -37.44
CA SER E 91 26.64 -1.90 -38.68
C SER E 91 25.24 -2.37 -39.00
N PHE E 92 24.84 -2.28 -40.26
CA PHE E 92 23.60 -2.92 -40.74
C PHE E 92 22.27 -2.55 -40.06
N SER E 93 22.33 -2.11 -38.79
CA SER E 93 21.12 -1.80 -38.01
C SER E 93 20.45 -0.52 -38.47
N VAL E 94 19.13 -0.51 -38.38
CA VAL E 94 18.36 0.70 -38.60
C VAL E 94 17.52 1.10 -37.39
N ALA E 95 16.90 2.27 -37.48
CA ALA E 95 15.99 2.72 -36.45
C ALA E 95 14.72 1.87 -36.49
N PRO E 96 14.13 1.60 -35.32
CA PRO E 96 12.95 0.74 -35.26
C PRO E 96 11.84 1.15 -36.21
N ASP E 97 11.75 2.45 -36.50
CA ASP E 97 10.66 2.97 -37.32
C ASP E 97 10.90 2.76 -38.83
N VAL E 98 12.15 2.52 -39.22
CA VAL E 98 12.49 2.32 -40.63
C VAL E 98 11.79 1.08 -41.15
N ARG E 99 10.86 1.30 -42.08
CA ARG E 99 9.86 0.28 -42.41
C ARG E 99 10.31 -0.66 -43.53
N PRO E 100 10.28 -0.20 -44.80
CA PRO E 100 10.82 -1.22 -45.74
C PRO E 100 12.33 -1.22 -45.55
N TRP E 101 12.86 -2.26 -44.95
CA TRP E 101 14.21 -2.15 -44.46
C TRP E 101 15.29 -2.57 -45.46
N PRO E 102 16.53 -2.09 -45.26
CA PRO E 102 17.60 -2.36 -46.19
C PRO E 102 17.61 -3.84 -46.57
N ARG E 103 17.60 -4.09 -47.86
CA ARG E 103 17.55 -5.45 -48.32
C ARG E 103 18.63 -6.37 -47.71
N SER E 104 19.86 -5.88 -47.55
CA SER E 104 20.92 -6.62 -46.87
C SER E 104 20.47 -7.10 -45.51
N LEU E 105 19.78 -6.23 -44.76
CA LEU E 105 19.32 -6.54 -43.42
C LEU E 105 18.21 -7.55 -43.50
N ALA E 106 17.37 -7.42 -44.53
CA ALA E 106 16.30 -8.39 -44.76
C ALA E 106 16.93 -9.75 -44.89
N ASN E 107 17.86 -9.87 -45.83
CA ASN E 107 18.49 -11.14 -46.09
C ASN E 107 19.15 -11.67 -44.84
N ILE E 108 19.95 -10.83 -44.16
CA ILE E 108 20.58 -11.22 -42.90
C ILE E 108 19.58 -11.92 -41.98
N PHE E 109 18.46 -11.25 -41.70
CA PHE E 109 17.35 -11.80 -40.92
C PHE E 109 16.77 -13.13 -41.41
N ASP E 110 16.71 -13.32 -42.73
CA ASP E 110 16.27 -14.60 -43.24
C ASP E 110 17.21 -15.72 -42.84
N GLU E 111 18.48 -15.55 -43.22
CA GLU E 111 19.52 -16.52 -42.89
C GLU E 111 19.47 -16.74 -41.39
N TYR E 112 19.21 -15.67 -40.62
CA TYR E 112 19.05 -15.73 -39.16
C TYR E 112 17.94 -16.66 -38.69
N THR E 113 16.75 -16.55 -39.27
CA THR E 113 15.64 -17.43 -38.90
C THR E 113 15.86 -18.84 -39.36
N ALA E 114 16.59 -19.00 -40.46
CA ALA E 114 17.01 -20.30 -40.95
C ALA E 114 18.08 -20.94 -40.03
N ASP E 115 19.03 -20.13 -39.59
CA ASP E 115 20.11 -20.61 -38.77
C ASP E 115 19.61 -20.91 -37.36
N LEU E 116 18.82 -19.98 -36.82
CA LEU E 116 18.31 -20.10 -35.45
C LEU E 116 16.81 -20.47 -35.47
N GLY E 117 16.30 -21.05 -34.41
CA GLY E 117 14.92 -21.47 -34.49
C GLY E 117 13.96 -20.29 -34.56
N TYR E 118 14.48 -19.09 -34.32
CA TYR E 118 13.66 -17.92 -33.98
C TYR E 118 12.69 -17.45 -35.07
N PRO E 119 11.68 -16.63 -34.68
CA PRO E 119 10.86 -15.94 -35.68
C PRO E 119 11.54 -14.68 -36.16
N LEU E 120 11.04 -14.17 -37.28
CA LEU E 120 11.58 -13.00 -37.96
C LEU E 120 11.41 -11.76 -37.10
N PRO E 121 12.50 -10.98 -36.92
CA PRO E 121 12.56 -9.78 -36.07
C PRO E 121 11.46 -8.79 -36.37
N SER E 122 11.00 -8.09 -35.35
CA SER E 122 9.89 -7.15 -35.50
C SER E 122 10.34 -5.87 -36.19
N ASN E 123 11.63 -5.57 -36.06
CA ASN E 123 12.21 -4.44 -36.75
C ASN E 123 13.69 -4.66 -36.99
N GLY E 124 14.30 -3.72 -37.71
CA GLY E 124 15.73 -3.77 -38.04
C GLY E 124 16.57 -3.13 -36.95
N ASP E 125 16.20 -3.39 -35.70
CA ASP E 125 16.88 -2.80 -34.58
C ASP E 125 17.83 -3.76 -33.93
N LEU E 126 19.12 -3.52 -34.15
CA LEU E 126 20.17 -4.40 -33.71
C LEU E 126 20.79 -4.02 -32.35
N THR E 127 20.32 -2.93 -31.72
CA THR E 127 20.90 -2.53 -30.43
C THR E 127 21.11 -3.71 -29.48
N PRO E 128 20.07 -4.52 -29.21
CA PRO E 128 20.38 -5.66 -28.35
C PRO E 128 21.66 -6.45 -28.74
N TRP E 129 21.94 -6.68 -30.02
CA TRP E 129 23.18 -7.40 -30.34
C TRP E 129 24.39 -6.62 -29.80
N ALA E 130 24.34 -5.29 -29.95
CA ALA E 130 25.43 -4.39 -29.53
C ALA E 130 25.63 -4.40 -28.02
N GLN E 131 24.54 -4.41 -27.26
CA GLN E 131 24.65 -4.43 -25.81
C GLN E 131 24.94 -5.80 -25.27
N ARG E 132 25.20 -6.75 -26.17
CA ARG E 132 25.50 -8.14 -25.77
C ARG E 132 26.90 -8.62 -26.17
N GLY E 133 27.67 -7.78 -26.85
CA GLY E 133 29.06 -8.09 -27.13
C GLY E 133 29.32 -8.33 -28.60
N VAL E 134 28.38 -7.89 -29.43
CA VAL E 134 28.58 -7.94 -30.88
C VAL E 134 28.95 -6.54 -31.31
N LEU E 135 30.21 -6.34 -31.67
CA LEU E 135 30.66 -5.03 -32.03
C LEU E 135 30.27 -4.76 -33.45
N LEU E 136 29.27 -3.92 -33.67
CA LEU E 136 28.76 -3.68 -35.01
C LEU E 136 29.49 -2.51 -35.66
N LEU E 137 30.74 -2.75 -36.01
CA LEU E 137 31.62 -1.69 -36.46
C LEU E 137 31.60 -1.54 -37.96
N ASN E 138 31.19 -0.36 -38.45
CA ASN E 138 31.37 -0.01 -39.87
C ASN E 138 32.82 0.32 -40.04
N ARG E 139 33.34 0.14 -41.25
CA ARG E 139 34.74 0.48 -41.51
C ARG E 139 34.88 2.00 -41.50
N VAL E 140 33.81 2.66 -41.95
CA VAL E 140 33.77 4.12 -42.12
C VAL E 140 32.56 4.61 -41.39
N LEU E 141 32.80 5.54 -40.47
CA LEU E 141 31.84 5.86 -39.45
C LEU E 141 30.87 6.98 -39.81
N THR E 142 31.14 7.71 -40.88
CA THR E 142 30.30 8.84 -41.26
C THR E 142 30.03 8.81 -42.76
N VAL E 143 29.17 9.70 -43.25
CA VAL E 143 28.86 9.75 -44.67
C VAL E 143 27.89 10.88 -44.98
N ARG E 144 28.19 11.66 -46.00
CA ARG E 144 27.26 12.68 -46.50
C ARG E 144 25.96 11.99 -46.95
N PRO E 145 24.80 12.54 -46.51
CA PRO E 145 23.51 11.98 -46.87
C PRO E 145 23.41 11.80 -48.36
N SER E 146 22.67 10.78 -48.76
CA SER E 146 22.45 10.46 -50.15
C SER E 146 23.71 10.27 -50.98
N ASN E 147 24.90 10.46 -50.38
CA ASN E 147 26.13 10.25 -51.13
C ASN E 147 26.95 9.11 -50.56
N PRO E 148 26.64 7.88 -51.01
CA PRO E 148 27.35 6.71 -50.47
C PRO E 148 28.87 6.76 -50.66
N ALA E 149 29.59 6.34 -49.63
CA ALA E 149 31.06 6.19 -49.65
C ALA E 149 31.78 7.53 -49.78
N SER E 150 31.00 8.60 -49.76
CA SER E 150 31.53 9.95 -49.86
C SER E 150 32.57 10.28 -48.79
N HIS E 151 32.57 9.52 -47.69
CA HIS E 151 33.55 9.72 -46.65
C HIS E 151 34.62 8.61 -46.57
N ARG E 152 34.83 7.87 -47.66
CA ARG E 152 35.90 6.87 -47.71
C ARG E 152 37.26 7.53 -47.71
N GLY E 153 38.25 6.85 -47.12
CA GLY E 153 39.62 7.35 -47.04
C GLY E 153 39.74 8.76 -46.47
N LYS E 154 38.64 9.27 -45.93
CA LYS E 154 38.62 10.60 -45.37
C LYS E 154 39.25 10.60 -43.96
N GLY E 155 39.70 9.43 -43.52
CA GLY E 155 40.47 9.31 -42.30
C GLY E 155 39.90 8.30 -41.32
N TRP E 156 38.70 7.79 -41.60
CA TRP E 156 38.07 6.87 -40.63
C TRP E 156 38.84 5.57 -40.43
N GLU E 157 39.17 4.92 -41.54
CA GLU E 157 39.81 3.60 -41.58
C GLU E 157 40.87 3.39 -40.49
N ALA E 158 41.80 4.34 -40.37
CA ALA E 158 42.88 4.21 -39.39
C ALA E 158 42.34 3.93 -37.98
N VAL E 159 41.19 4.54 -37.67
CA VAL E 159 40.51 4.36 -36.37
C VAL E 159 39.87 2.97 -36.31
N THR E 160 39.01 2.65 -37.27
CA THR E 160 38.32 1.38 -37.20
C THR E 160 39.35 0.27 -37.19
N GLU E 161 40.37 0.41 -38.03
CA GLU E 161 41.47 -0.54 -38.10
C GLU E 161 42.09 -0.72 -36.72
N CYS E 162 42.41 0.39 -36.06
CA CYS E 162 43.06 0.32 -34.76
C CYS E 162 42.17 -0.38 -33.74
N ALA E 163 40.87 -0.08 -33.81
CA ALA E 163 39.85 -0.73 -32.97
C ALA E 163 39.82 -2.24 -33.11
N ILE E 164 39.86 -2.69 -34.35
CA ILE E 164 39.91 -4.12 -34.64
C ILE E 164 41.20 -4.76 -34.12
N ARG E 165 42.36 -4.15 -34.42
CA ARG E 165 43.68 -4.59 -33.93
C ARG E 165 43.72 -4.73 -32.39
N ALA E 166 43.12 -3.75 -31.72
CA ALA E 166 43.00 -3.75 -30.26
C ALA E 166 42.28 -5.00 -29.76
N LEU E 167 41.14 -5.30 -30.39
CA LEU E 167 40.40 -6.50 -30.08
C LEU E 167 41.24 -7.75 -30.27
N ALA E 168 41.89 -7.85 -31.43
CA ALA E 168 42.75 -8.98 -31.74
C ALA E 168 43.77 -9.23 -30.62
N ALA E 169 44.43 -8.15 -30.17
CA ALA E 169 45.48 -8.23 -29.15
C ALA E 169 45.03 -8.67 -27.73
N ARG E 170 43.73 -8.59 -27.41
CA ARG E 170 43.24 -9.00 -26.08
C ARG E 170 43.44 -10.48 -25.78
N ALA E 171 43.31 -10.80 -24.51
CA ALA E 171 43.35 -12.17 -24.04
C ALA E 171 42.11 -12.93 -24.54
N ALA E 172 40.95 -12.27 -24.47
CA ALA E 172 39.67 -12.88 -24.83
C ALA E 172 39.63 -13.38 -26.27
N PRO E 173 38.88 -14.49 -26.51
CA PRO E 173 38.59 -15.02 -27.84
C PRO E 173 37.75 -14.04 -28.64
N LEU E 174 37.76 -14.18 -29.96
CA LEU E 174 36.96 -13.27 -30.79
C LEU E 174 36.52 -13.89 -32.12
N VAL E 175 35.22 -13.87 -32.39
CA VAL E 175 34.78 -14.31 -33.68
C VAL E 175 34.50 -13.07 -34.52
N ALA E 176 35.11 -12.98 -35.70
CA ALA E 176 34.85 -11.87 -36.62
C ALA E 176 34.12 -12.40 -37.81
N ILE E 177 33.01 -11.81 -38.18
CA ILE E 177 32.37 -12.32 -39.38
C ILE E 177 32.41 -11.28 -40.49
N LEU E 178 33.02 -11.70 -41.59
CA LEU E 178 33.34 -10.79 -42.67
C LEU E 178 32.45 -11.02 -43.86
N TRP E 179 31.56 -10.07 -44.08
CA TRP E 179 30.61 -10.16 -45.16
C TRP E 179 31.09 -9.34 -46.34
N GLY E 180 31.43 -10.03 -47.41
CA GLY E 180 31.96 -9.35 -48.58
C GLY E 180 33.45 -9.43 -48.61
N ARG E 181 34.02 -9.09 -49.75
CA ARG E 181 35.45 -9.19 -49.90
C ARG E 181 36.13 -7.96 -49.32
N ASP E 182 35.50 -6.79 -49.44
CA ASP E 182 36.04 -5.57 -48.84
C ASP E 182 36.31 -5.90 -47.39
N ALA E 183 35.41 -6.71 -46.81
CA ALA E 183 35.53 -7.12 -45.43
C ALA E 183 36.78 -7.97 -45.22
N SER E 184 37.00 -8.94 -46.10
CA SER E 184 38.14 -9.86 -46.01
C SER E 184 39.51 -9.20 -45.89
N THR E 185 39.71 -8.03 -46.51
CA THR E 185 41.00 -7.36 -46.51
C THR E 185 41.50 -7.21 -45.07
N LEU E 186 40.59 -7.38 -44.13
CA LEU E 186 40.91 -7.29 -42.70
C LEU E 186 41.34 -8.60 -42.08
N LYS E 187 41.28 -9.71 -42.81
CA LYS E 187 41.61 -10.98 -42.22
C LYS E 187 43.03 -11.06 -41.66
N PRO E 188 44.04 -10.51 -42.38
CA PRO E 188 45.39 -10.57 -41.83
C PRO E 188 45.47 -9.74 -40.57
N MET E 189 44.75 -8.63 -40.57
CA MET E 189 44.65 -7.74 -39.42
C MET E 189 44.33 -8.46 -38.13
N LEU E 190 43.61 -9.58 -38.22
CA LEU E 190 43.34 -10.37 -37.02
C LEU E 190 44.12 -11.68 -37.01
N ALA E 191 45.40 -11.54 -36.62
CA ALA E 191 46.38 -12.62 -36.49
C ALA E 191 45.77 -13.83 -35.78
N ALA E 192 45.12 -14.70 -36.57
CA ALA E 192 44.21 -15.73 -36.07
C ALA E 192 44.83 -16.72 -35.06
N GLY E 193 45.19 -16.19 -33.89
CA GLY E 193 45.61 -16.99 -32.75
C GLY E 193 44.41 -17.25 -31.86
N ASN E 194 43.83 -16.17 -31.33
CA ASN E 194 42.66 -16.22 -30.45
C ASN E 194 41.38 -15.80 -31.19
N CYS E 195 41.55 -15.44 -32.47
CA CYS E 195 40.47 -14.88 -33.30
C CYS E 195 40.14 -15.76 -34.49
N VAL E 196 38.89 -16.14 -34.63
CA VAL E 196 38.50 -16.86 -35.82
C VAL E 196 37.67 -15.93 -36.67
N ALA E 197 37.91 -16.00 -37.98
CA ALA E 197 37.13 -15.24 -38.94
C ALA E 197 36.34 -16.18 -39.83
N ILE E 198 35.02 -15.99 -39.85
CA ILE E 198 34.20 -16.69 -40.82
C ILE E 198 33.79 -15.70 -41.87
N GLU E 199 33.86 -16.10 -43.14
CA GLU E 199 33.60 -15.19 -44.26
C GLU E 199 32.52 -15.76 -45.14
N SER E 200 31.92 -14.89 -45.96
CA SER E 200 30.87 -15.28 -46.89
C SER E 200 30.63 -14.12 -47.84
N PRO E 201 30.12 -14.41 -49.03
CA PRO E 201 29.83 -13.27 -49.90
C PRO E 201 28.80 -12.34 -49.20
N HIS E 202 28.74 -11.07 -49.58
CA HIS E 202 27.90 -10.09 -48.88
C HIS E 202 26.42 -10.50 -48.90
N PRO E 203 25.68 -10.21 -47.81
CA PRO E 203 24.24 -10.47 -47.80
C PRO E 203 23.43 -9.61 -48.74
N SER E 204 24.05 -8.69 -49.46
CA SER E 204 23.30 -7.96 -50.49
C SER E 204 22.59 -8.94 -51.42
N PRO E 205 21.37 -8.60 -51.83
CA PRO E 205 20.64 -9.40 -52.81
C PRO E 205 21.48 -9.90 -54.01
N LEU E 206 22.46 -9.11 -54.46
CA LEU E 206 23.26 -9.50 -55.62
C LEU E 206 24.13 -10.71 -55.38
N SER E 207 24.47 -10.98 -54.12
CA SER E 207 25.42 -12.02 -53.79
C SER E 207 24.95 -12.92 -52.68
N ALA E 208 23.85 -12.58 -52.03
CA ALA E 208 23.41 -13.39 -50.91
C ALA E 208 23.24 -14.87 -51.29
N SER E 209 22.59 -15.14 -52.41
CA SER E 209 22.40 -16.54 -52.81
C SER E 209 23.71 -17.25 -53.14
N ARG E 210 24.78 -16.46 -53.25
CA ARG E 210 26.08 -16.97 -53.73
C ARG E 210 26.99 -17.59 -52.67
N GLY E 211 26.47 -17.75 -51.46
CA GLY E 211 27.25 -18.31 -50.37
C GLY E 211 27.01 -17.69 -49.01
N PHE E 212 26.31 -16.56 -48.93
CA PHE E 212 25.86 -16.06 -47.64
C PHE E 212 24.78 -16.98 -47.08
N PHE E 213 23.65 -17.07 -47.78
CA PHE E 213 22.57 -17.95 -47.35
C PHE E 213 23.15 -19.34 -47.14
N GLY E 214 22.84 -19.95 -46.00
CA GLY E 214 23.41 -21.24 -45.67
C GLY E 214 24.72 -21.22 -44.90
N SER E 215 25.38 -20.05 -44.80
CA SER E 215 26.64 -19.91 -44.06
C SER E 215 26.50 -20.18 -42.56
N ARG E 216 25.28 -20.02 -42.05
CA ARG E 216 24.93 -20.30 -40.65
C ARG E 216 25.85 -19.57 -39.70
N PRO E 217 26.01 -18.24 -39.89
CA PRO E 217 27.08 -17.49 -39.22
C PRO E 217 26.79 -17.26 -37.76
N PHE E 218 25.52 -17.22 -37.38
CA PHE E 218 25.14 -16.89 -35.99
C PHE E 218 25.46 -18.04 -35.06
N SER E 219 25.01 -19.24 -35.43
CA SER E 219 25.28 -20.40 -34.62
C SER E 219 26.76 -20.72 -34.74
N ARG E 220 27.29 -20.66 -35.96
CA ARG E 220 28.73 -20.95 -36.14
C ARG E 220 29.58 -20.02 -35.26
N ALA E 221 29.17 -18.77 -35.15
CA ALA E 221 29.87 -17.82 -34.31
C ALA E 221 29.87 -18.38 -32.89
N ASN E 222 28.70 -18.82 -32.43
CA ASN E 222 28.54 -19.33 -31.08
C ASN E 222 29.35 -20.60 -30.82
N GLU E 223 29.07 -21.63 -31.60
CA GLU E 223 29.87 -22.84 -31.56
C GLU E 223 31.36 -22.51 -31.49
N LEU E 224 31.81 -21.55 -32.28
CA LEU E 224 33.20 -21.15 -32.25
C LEU E 224 33.60 -20.56 -30.91
N LEU E 225 32.75 -19.67 -30.39
CA LEU E 225 33.02 -19.04 -29.12
C LEU E 225 33.06 -20.12 -28.05
N VAL E 226 32.03 -20.96 -28.03
CA VAL E 226 31.91 -21.96 -27.00
C VAL E 226 33.18 -22.79 -27.07
N GLY E 227 33.57 -23.15 -28.29
CA GLY E 227 34.74 -23.97 -28.55
C GLY E 227 36.01 -23.34 -28.00
N MET E 228 35.97 -22.03 -27.82
CA MET E 228 37.09 -21.34 -27.21
C MET E 228 36.87 -21.05 -25.72
N GLY E 229 35.80 -21.61 -25.16
CA GLY E 229 35.49 -21.41 -23.75
C GLY E 229 35.06 -20.00 -23.40
N ALA E 230 34.42 -19.31 -24.35
CA ALA E 230 33.81 -18.03 -24.08
C ALA E 230 32.30 -18.23 -24.05
N GLU E 231 31.57 -17.20 -23.62
CA GLU E 231 30.13 -17.28 -23.57
C GLU E 231 29.56 -17.04 -24.98
N PRO E 232 28.54 -17.83 -25.41
CA PRO E 232 27.87 -17.59 -26.69
C PRO E 232 27.02 -16.31 -26.70
N ILE E 233 26.87 -15.69 -27.88
CA ILE E 233 25.98 -14.54 -28.09
C ILE E 233 24.51 -15.00 -28.07
N ASP E 234 23.63 -14.27 -27.39
CA ASP E 234 22.21 -14.60 -27.36
C ASP E 234 21.57 -14.50 -28.77
N TRP E 235 21.83 -13.40 -29.50
CA TRP E 235 21.10 -13.11 -30.75
C TRP E 235 19.66 -12.95 -30.30
N ARG E 236 18.69 -13.03 -31.20
CA ARG E 236 17.27 -13.07 -30.77
C ARG E 236 16.78 -11.73 -30.35
N LEU E 237 15.90 -11.14 -31.15
CA LEU E 237 15.52 -9.76 -30.97
C LEU E 237 14.04 -9.41 -31.17
N PRO E 238 13.21 -10.42 -31.54
CA PRO E 238 11.84 -10.07 -31.95
C PRO E 238 11.28 -8.87 -31.20
N ASN F 3 18.81 13.13 -57.90
CA ASN F 3 19.00 11.79 -57.25
C ASN F 3 19.61 10.79 -58.25
N LEU F 4 20.47 9.90 -57.73
CA LEU F 4 21.01 8.79 -58.54
C LEU F 4 19.87 7.84 -58.92
N SER F 5 18.99 7.58 -57.95
CA SER F 5 17.78 6.80 -58.14
C SER F 5 16.93 7.30 -59.32
N ASP F 6 17.20 8.51 -59.82
CA ASP F 6 16.52 9.01 -60.99
C ASP F 6 16.78 8.08 -62.16
N ILE F 7 18.05 7.72 -62.36
CA ILE F 7 18.43 6.81 -63.44
C ILE F 7 17.74 5.44 -63.33
N ILE F 8 17.29 5.10 -62.13
CA ILE F 8 16.46 3.90 -61.93
C ILE F 8 15.08 4.18 -62.48
N GLU F 9 14.48 5.28 -61.98
CA GLU F 9 13.16 5.74 -62.42
C GLU F 9 13.13 5.87 -63.94
N LYS F 10 14.29 6.14 -64.52
CA LYS F 10 14.41 6.21 -65.96
C LYS F 10 14.34 4.82 -66.54
N GLU F 11 15.30 3.97 -66.21
CA GLU F 11 15.45 2.67 -66.87
C GLU F 11 14.31 1.70 -66.52
N THR F 12 13.49 2.07 -65.53
CA THR F 12 12.40 1.20 -65.07
C THR F 12 11.06 1.89 -64.79
N GLY F 13 11.06 3.23 -64.76
CA GLY F 13 9.85 3.99 -64.44
C GLY F 13 9.23 3.64 -63.09
N LYS F 14 10.06 3.63 -62.04
CA LYS F 14 9.60 3.30 -60.69
C LYS F 14 10.15 4.26 -59.62
N GLN F 15 9.24 4.74 -58.77
CA GLN F 15 9.54 5.67 -57.66
C GLN F 15 10.18 4.97 -56.45
N LEU F 16 11.47 4.59 -56.58
CA LEU F 16 12.17 3.88 -55.50
C LEU F 16 13.25 4.69 -54.79
N VAL F 17 13.47 4.39 -53.50
CA VAL F 17 14.57 5.05 -52.76
C VAL F 17 15.69 4.04 -52.46
N ILE F 18 16.88 4.30 -53.03
CA ILE F 18 18.09 3.49 -52.74
C ILE F 18 18.36 3.42 -51.22
N GLN F 19 18.48 2.21 -50.70
CA GLN F 19 18.58 2.03 -49.27
C GLN F 19 20.00 1.76 -48.79
N GLU F 20 20.79 1.05 -49.62
CA GLU F 20 22.16 0.63 -49.29
C GLU F 20 23.03 0.65 -50.53
N SER F 21 24.30 1.06 -50.38
CA SER F 21 25.28 0.96 -51.47
C SER F 21 26.50 0.09 -51.12
N ILE F 22 26.42 -1.19 -51.46
CA ILE F 22 27.44 -2.15 -51.10
C ILE F 22 28.51 -2.21 -52.17
N LEU F 23 29.76 -2.10 -51.76
CA LEU F 23 30.89 -2.18 -52.67
C LEU F 23 31.41 -3.61 -52.78
N MET F 24 31.56 -4.12 -54.00
CA MET F 24 32.16 -5.45 -54.21
C MET F 24 33.25 -5.44 -55.29
N LEU F 25 34.16 -6.41 -55.25
CA LEU F 25 35.27 -6.48 -56.24
C LEU F 25 34.79 -7.12 -57.55
N PRO F 26 35.53 -6.91 -58.64
CA PRO F 26 35.06 -7.50 -59.90
C PRO F 26 34.90 -9.01 -59.76
N GLU F 27 35.82 -9.66 -59.04
CA GLU F 27 35.70 -11.09 -58.76
C GLU F 27 34.26 -11.48 -58.47
N GLU F 28 33.56 -10.65 -57.70
CA GLU F 28 32.27 -11.03 -57.08
C GLU F 28 31.08 -10.76 -57.96
N VAL F 29 31.16 -9.68 -58.70
CA VAL F 29 30.08 -9.26 -59.57
C VAL F 29 30.03 -10.17 -60.81
N GLU F 30 31.22 -10.43 -61.36
CA GLU F 30 31.39 -11.26 -62.56
C GLU F 30 30.56 -12.53 -62.45
N GLU F 31 30.69 -13.21 -61.31
CA GLU F 31 30.04 -14.50 -61.13
C GLU F 31 28.55 -14.44 -61.49
N VAL F 32 27.90 -13.31 -61.18
CA VAL F 32 26.44 -13.15 -61.20
C VAL F 32 25.90 -12.47 -62.46
N ILE F 33 26.66 -11.51 -62.98
CA ILE F 33 26.28 -10.77 -64.17
C ILE F 33 26.85 -11.42 -65.43
N GLY F 34 27.98 -12.09 -65.30
CA GLY F 34 28.67 -12.72 -66.44
C GLY F 34 29.54 -11.73 -67.22
N ASN F 35 29.92 -10.63 -66.57
CA ASN F 35 30.81 -9.64 -67.18
C ASN F 35 31.76 -9.07 -66.16
N LYS F 36 33.00 -9.49 -66.19
CA LYS F 36 33.97 -8.95 -65.24
C LYS F 36 34.22 -7.45 -65.56
N PRO F 37 33.82 -6.55 -64.63
CA PRO F 37 34.03 -5.09 -64.77
C PRO F 37 35.46 -4.64 -64.47
N GLU F 38 35.77 -3.41 -64.91
CA GLU F 38 37.13 -2.85 -64.89
C GLU F 38 37.62 -2.65 -63.47
N SER F 39 36.87 -1.87 -62.69
CA SER F 39 37.16 -1.70 -61.27
C SER F 39 35.99 -2.17 -60.41
N ASP F 40 36.17 -1.99 -59.10
CA ASP F 40 35.16 -2.30 -58.07
C ASP F 40 33.82 -1.65 -58.39
N ILE F 41 32.77 -2.17 -57.78
CA ILE F 41 31.41 -1.76 -58.10
C ILE F 41 30.55 -1.53 -56.87
N LEU F 42 29.76 -0.46 -56.89
CA LEU F 42 28.78 -0.23 -55.86
C LEU F 42 27.41 -0.80 -56.24
N VAL F 43 26.89 -1.69 -55.38
CA VAL F 43 25.65 -2.41 -55.65
C VAL F 43 24.49 -1.70 -54.95
N HIS F 44 23.99 -0.66 -55.59
CA HIS F 44 22.89 0.12 -55.03
C HIS F 44 21.61 -0.71 -55.10
N THR F 45 21.04 -1.02 -53.94
CA THR F 45 19.83 -1.84 -53.88
C THR F 45 18.69 -1.04 -53.32
N ALA F 46 17.66 -0.82 -54.13
CA ALA F 46 16.38 -0.31 -53.64
C ALA F 46 15.39 -1.45 -53.71
N TYR F 47 14.29 -1.35 -52.97
CA TYR F 47 13.30 -2.43 -52.91
C TYR F 47 11.93 -1.94 -53.31
N ASP F 48 11.25 -2.69 -54.17
CA ASP F 48 9.91 -2.35 -54.64
C ASP F 48 8.84 -3.20 -53.94
N GLU F 49 8.30 -2.66 -52.85
CA GLU F 49 7.24 -3.32 -52.10
C GLU F 49 5.89 -3.19 -52.80
N SER F 50 5.67 -4.05 -53.78
CA SER F 50 4.44 -4.01 -54.60
C SER F 50 4.62 -4.92 -55.80
N THR F 51 5.88 -5.20 -56.13
CA THR F 51 6.24 -6.17 -57.13
C THR F 51 7.19 -7.19 -56.50
N ASP F 52 7.55 -6.93 -55.24
CA ASP F 52 8.44 -7.80 -54.47
C ASP F 52 9.76 -8.03 -55.21
N GLU F 53 10.23 -6.98 -55.87
CA GLU F 53 11.48 -7.05 -56.60
C GLU F 53 12.57 -6.24 -55.91
N ASN F 54 13.75 -6.85 -55.80
CA ASN F 54 14.94 -6.14 -55.37
C ASN F 54 15.49 -5.40 -56.57
N VAL F 55 15.54 -4.07 -56.50
CA VAL F 55 15.99 -3.31 -57.64
C VAL F 55 17.42 -2.88 -57.41
N MET F 56 18.33 -3.30 -58.29
CA MET F 56 19.75 -3.11 -58.10
C MET F 56 20.40 -2.31 -59.21
N LEU F 57 21.24 -1.36 -58.83
CA LEU F 57 21.96 -0.59 -59.81
C LEU F 57 23.42 -0.62 -59.45
N LEU F 58 24.21 -1.12 -60.38
CA LEU F 58 25.64 -1.23 -60.17
C LEU F 58 26.35 -0.10 -60.89
N THR F 59 27.08 0.71 -60.12
CA THR F 59 27.81 1.85 -60.64
C THR F 59 29.28 1.68 -60.28
N SER F 60 30.12 2.65 -60.64
CA SER F 60 31.55 2.59 -60.31
C SER F 60 31.81 3.15 -58.93
N ASP F 61 33.05 2.99 -58.46
CA ASP F 61 33.47 3.34 -57.09
C ASP F 61 33.03 4.75 -56.66
N ALA F 62 33.28 5.08 -55.40
CA ALA F 62 32.79 6.31 -54.76
C ALA F 62 32.73 7.59 -55.60
N PRO F 63 33.89 8.10 -56.10
CA PRO F 63 33.90 9.49 -56.63
C PRO F 63 32.96 9.66 -57.81
N GLU F 64 33.22 8.95 -58.90
CA GLU F 64 32.32 8.90 -60.06
C GLU F 64 31.37 7.72 -59.92
N TYR F 65 30.07 8.00 -59.77
CA TYR F 65 29.09 6.92 -59.78
C TYR F 65 28.61 6.71 -61.22
N LYS F 66 29.40 5.99 -62.02
CA LYS F 66 29.05 5.69 -63.42
C LYS F 66 28.30 4.37 -63.56
N PRO F 67 27.05 4.42 -64.01
CA PRO F 67 26.25 3.25 -64.34
C PRO F 67 27.00 2.16 -65.10
N TRP F 68 26.60 0.91 -64.88
CA TRP F 68 27.23 -0.25 -65.49
C TRP F 68 26.20 -1.32 -65.80
N ALA F 69 25.20 -1.45 -64.93
CA ALA F 69 24.22 -2.51 -65.05
C ALA F 69 23.04 -2.33 -64.12
N LEU F 70 21.89 -2.82 -64.56
CA LEU F 70 20.69 -2.86 -63.74
C LEU F 70 20.18 -4.28 -63.67
N VAL F 71 19.85 -4.69 -62.44
CA VAL F 71 19.36 -6.02 -62.18
C VAL F 71 18.05 -5.90 -61.42
N ILE F 72 17.05 -6.65 -61.89
CA ILE F 72 15.78 -6.80 -61.18
C ILE F 72 15.59 -8.26 -60.72
N GLN F 73 15.55 -8.45 -59.40
CA GLN F 73 15.49 -9.79 -58.84
C GLN F 73 14.11 -10.02 -58.29
N ASP F 74 13.48 -11.12 -58.74
CA ASP F 74 12.12 -11.43 -58.34
C ASP F 74 12.06 -12.28 -57.07
N SER F 75 10.85 -12.46 -56.54
CA SER F 75 10.60 -13.24 -55.32
C SER F 75 11.14 -14.66 -55.38
N ASN F 76 11.40 -15.15 -56.60
CA ASN F 76 12.01 -16.48 -56.81
C ASN F 76 13.52 -16.43 -56.70
N GLY F 77 14.13 -15.39 -57.24
CA GLY F 77 15.56 -15.19 -57.17
C GLY F 77 16.23 -14.97 -58.51
N GLU F 78 15.48 -15.17 -59.59
CA GLU F 78 16.03 -15.02 -60.93
C GLU F 78 16.22 -13.56 -61.28
N ASN F 79 17.32 -13.30 -61.97
CA ASN F 79 17.70 -11.95 -62.33
C ASN F 79 17.40 -11.63 -63.78
N LYS F 80 16.78 -10.47 -63.98
CA LYS F 80 16.73 -9.81 -65.30
C LYS F 80 17.89 -8.80 -65.35
N ILE F 81 18.99 -9.18 -65.99
CA ILE F 81 20.16 -8.33 -66.01
C ILE F 81 20.18 -7.50 -67.29
N LYS F 82 20.33 -6.19 -67.12
CA LYS F 82 20.51 -5.26 -68.23
C LYS F 82 21.85 -4.52 -68.08
N MET F 83 22.76 -4.71 -69.03
CA MET F 83 24.00 -3.95 -69.03
C MET F 83 23.71 -2.50 -69.36
N LEU F 84 24.65 -1.60 -69.06
CA LEU F 84 24.39 -0.16 -69.20
C LEU F 84 25.55 0.57 -69.87
N ALA G 14 15.14 -64.52 -11.24
CA ALA G 14 14.56 -65.85 -10.87
C ALA G 14 13.02 -65.80 -10.92
N ARG G 15 12.36 -66.81 -10.33
CA ARG G 15 10.88 -66.78 -10.21
C ARG G 15 10.21 -66.97 -8.81
N PRO G 16 10.75 -67.91 -7.97
CA PRO G 16 10.10 -68.12 -6.67
C PRO G 16 10.47 -67.04 -5.67
N LEU G 17 9.46 -66.37 -5.14
CA LEU G 17 9.63 -65.21 -4.26
C LEU G 17 10.70 -65.36 -3.18
N SER G 18 10.75 -66.54 -2.57
CA SER G 18 11.73 -66.84 -1.51
C SER G 18 13.19 -66.56 -1.94
N GLU G 19 13.43 -66.58 -3.25
CA GLU G 19 14.75 -66.27 -3.79
C GLU G 19 14.90 -64.77 -4.07
N LEU G 20 13.78 -64.07 -4.15
CA LEU G 20 13.76 -62.66 -4.52
C LEU G 20 13.82 -61.67 -3.34
N VAL G 21 13.26 -62.05 -2.18
CA VAL G 21 13.21 -61.13 -1.03
C VAL G 21 13.59 -61.78 0.32
N GLU G 22 13.45 -61.03 1.42
CA GLU G 22 14.07 -61.43 2.67
C GLU G 22 13.42 -62.63 3.34
N ARG G 23 12.31 -63.12 2.79
CA ARG G 23 11.49 -64.12 3.50
C ARG G 23 10.89 -63.39 4.67
N GLY G 24 9.74 -63.83 5.16
CA GLY G 24 9.10 -63.01 6.17
C GLY G 24 8.51 -61.85 5.42
N TRP G 25 9.30 -61.28 4.49
CA TRP G 25 8.75 -60.60 3.32
C TRP G 25 8.21 -61.66 2.36
N ALA G 26 8.90 -62.79 2.29
CA ALA G 26 8.45 -63.94 1.51
C ALA G 26 7.04 -64.15 1.92
N ALA G 27 6.86 -64.59 3.16
CA ALA G 27 5.52 -64.84 3.71
C ALA G 27 4.56 -63.68 3.45
N ALA G 28 5.00 -62.48 3.81
CA ALA G 28 4.20 -61.27 3.63
C ALA G 28 3.60 -61.18 2.22
N LEU G 29 4.43 -61.34 1.19
CA LEU G 29 3.99 -61.13 -0.19
C LEU G 29 3.46 -62.38 -0.86
N GLU G 30 3.39 -63.49 -0.11
CA GLU G 30 2.93 -64.76 -0.69
C GLU G 30 1.65 -64.53 -1.51
N PRO G 31 0.64 -63.85 -0.93
CA PRO G 31 -0.58 -63.48 -1.68
C PRO G 31 -0.40 -62.82 -3.06
N VAL G 32 0.75 -62.20 -3.32
CA VAL G 32 0.96 -61.50 -4.61
C VAL G 32 2.04 -62.14 -5.46
N ALA G 33 2.42 -63.38 -5.12
CA ALA G 33 3.46 -64.12 -5.86
C ALA G 33 3.18 -64.15 -7.36
N ASP G 34 1.93 -64.47 -7.73
CA ASP G 34 1.51 -64.47 -9.13
C ASP G 34 1.55 -63.07 -9.68
N GLN G 35 1.31 -62.11 -8.81
CA GLN G 35 1.32 -60.71 -9.20
C GLN G 35 2.75 -60.16 -9.37
N VAL G 36 3.68 -60.60 -8.50
CA VAL G 36 5.08 -60.24 -8.70
C VAL G 36 5.69 -61.00 -9.87
N ALA G 37 5.48 -62.32 -9.90
CA ALA G 37 5.95 -63.12 -11.04
C ALA G 37 5.49 -62.51 -12.36
N HIS G 38 4.24 -62.04 -12.43
CA HIS G 38 3.69 -61.39 -13.64
C HIS G 38 4.47 -60.15 -14.01
N MET G 39 4.96 -59.43 -13.00
CA MET G 39 5.74 -58.23 -13.25
C MET G 39 7.07 -58.58 -13.90
N GLY G 40 7.58 -59.78 -13.58
CA GLY G 40 8.76 -60.35 -14.21
C GLY G 40 8.56 -60.36 -15.70
N GLN G 41 7.60 -61.17 -16.16
CA GLN G 41 7.27 -61.30 -17.59
C GLN G 41 7.03 -59.94 -18.26
N PHE G 42 6.33 -59.04 -17.58
CA PHE G 42 6.10 -57.70 -18.09
C PHE G 42 7.43 -57.02 -18.42
N LEU G 43 8.35 -57.05 -17.45
CA LEU G 43 9.66 -56.41 -17.59
C LEU G 43 10.53 -57.00 -18.71
N ARG G 44 10.64 -58.33 -18.78
CA ARG G 44 11.44 -58.98 -19.84
C ARG G 44 10.92 -58.67 -21.25
N ALA G 45 9.59 -58.60 -21.41
CA ALA G 45 8.98 -58.21 -22.69
C ALA G 45 9.33 -56.78 -23.09
N GLU G 46 9.43 -55.90 -22.08
CA GLU G 46 9.85 -54.51 -22.28
C GLU G 46 11.26 -54.46 -22.88
N ILE G 47 12.20 -55.18 -22.27
CA ILE G 47 13.55 -55.23 -22.79
C ILE G 47 13.49 -55.77 -24.21
N ALA G 48 12.71 -56.84 -24.39
CA ALA G 48 12.55 -57.50 -25.69
C ALA G 48 12.00 -56.54 -26.77
N ALA G 49 11.07 -55.67 -26.37
CA ALA G 49 10.54 -54.62 -27.24
C ALA G 49 11.63 -53.63 -27.72
N GLY G 50 12.69 -53.49 -26.88
CA GLY G 50 13.79 -52.61 -27.21
C GLY G 50 13.96 -51.49 -26.21
N ARG G 51 12.96 -51.32 -25.35
CA ARG G 51 12.97 -50.28 -24.31
C ARG G 51 13.36 -50.85 -22.95
N ARG G 52 14.02 -50.04 -22.12
CA ARG G 52 14.46 -50.53 -20.82
C ARG G 52 13.70 -49.88 -19.68
N TYR G 53 13.79 -50.47 -18.49
CA TYR G 53 13.22 -49.90 -17.27
C TYR G 53 14.37 -49.42 -16.40
N LEU G 54 14.11 -48.41 -15.58
CA LEU G 54 15.21 -47.72 -14.94
C LEU G 54 15.71 -48.23 -13.59
N PRO G 55 14.80 -48.56 -12.66
CA PRO G 55 15.27 -48.96 -11.31
C PRO G 55 16.46 -49.94 -11.25
N ALA G 56 16.52 -50.92 -12.17
CA ALA G 56 17.66 -51.86 -12.37
C ALA G 56 17.46 -53.25 -11.75
N GLY G 57 17.58 -54.28 -12.60
CA GLY G 57 17.24 -55.67 -12.24
C GLY G 57 17.25 -55.98 -10.75
N SER G 58 18.46 -55.99 -10.19
CA SER G 58 18.72 -56.40 -8.80
C SER G 58 18.22 -55.42 -7.73
N ASN G 59 17.81 -54.23 -8.15
CA ASN G 59 17.35 -53.21 -7.21
C ASN G 59 15.85 -53.06 -7.10
N VAL G 60 15.12 -53.64 -8.05
CA VAL G 60 13.66 -53.51 -8.13
C VAL G 60 12.99 -53.77 -6.79
N LEU G 61 13.28 -54.93 -6.22
CA LEU G 61 12.68 -55.33 -4.95
C LEU G 61 13.66 -55.21 -3.81
N ARG G 62 14.68 -54.37 -4.01
CA ARG G 62 15.71 -54.09 -2.99
C ARG G 62 15.05 -53.70 -1.70
N ALA G 63 14.05 -52.85 -1.80
CA ALA G 63 13.37 -52.33 -0.63
C ALA G 63 12.91 -53.46 0.31
N PHE G 64 12.57 -54.61 -0.29
CA PHE G 64 12.23 -55.83 0.46
C PHE G 64 13.40 -56.76 0.82
N THR G 65 14.64 -56.30 0.77
CA THR G 65 15.76 -57.18 1.08
C THR G 65 16.09 -57.11 2.56
N PHE G 66 15.68 -56.01 3.18
CA PHE G 66 15.87 -55.75 4.60
C PHE G 66 14.70 -56.34 5.36
N PRO G 67 14.95 -56.78 6.62
CA PRO G 67 14.02 -57.57 7.41
C PRO G 67 12.61 -57.00 7.54
N PHE G 68 11.64 -57.87 7.27
CA PHE G 68 10.24 -57.53 7.32
C PHE G 68 9.86 -57.21 8.74
N ASP G 69 10.33 -58.04 9.66
CA ASP G 69 10.00 -57.90 11.10
C ASP G 69 10.64 -56.68 11.77
N ASN G 70 11.65 -56.08 11.13
CA ASN G 70 12.39 -54.94 11.69
C ASN G 70 11.86 -53.53 11.35
N VAL G 71 10.98 -53.46 10.34
CA VAL G 71 10.44 -52.18 9.88
C VAL G 71 9.64 -51.53 11.00
N ARG G 72 9.93 -50.26 11.26
CA ARG G 72 9.17 -49.47 12.22
C ARG G 72 8.71 -48.17 11.59
N VAL G 73 9.23 -47.81 10.42
CA VAL G 73 8.74 -46.61 9.75
C VAL G 73 8.49 -46.82 8.26
N LEU G 74 7.29 -46.49 7.76
CA LEU G 74 7.06 -46.55 6.33
C LEU G 74 7.09 -45.18 5.70
N ILE G 75 7.99 -45.02 4.74
CA ILE G 75 8.06 -43.77 3.97
C ILE G 75 7.78 -44.11 2.51
N VAL G 76 6.49 -44.12 2.19
CA VAL G 76 6.02 -44.35 0.83
C VAL G 76 6.30 -43.15 -0.06
N GLY G 77 6.90 -43.43 -1.22
CA GLY G 77 7.07 -42.47 -2.32
C GLY G 77 6.20 -42.90 -3.48
N GLN G 78 6.50 -42.40 -4.68
CA GLN G 78 5.67 -42.67 -5.89
C GLN G 78 6.27 -43.72 -6.87
N ASP G 79 6.77 -43.29 -8.02
CA ASP G 79 7.53 -44.19 -8.89
C ASP G 79 9.01 -43.76 -8.81
N PRO G 80 9.94 -44.57 -9.38
CA PRO G 80 11.38 -44.25 -9.28
C PRO G 80 11.77 -42.99 -10.03
N TYR G 81 12.91 -42.42 -9.64
CA TYR G 81 13.42 -41.27 -10.35
C TYR G 81 13.52 -41.63 -11.84
N PRO G 82 13.20 -40.66 -12.72
CA PRO G 82 13.17 -40.99 -14.16
C PRO G 82 14.55 -40.98 -14.79
N THR G 83 15.49 -40.26 -14.20
CA THR G 83 16.80 -40.10 -14.80
C THR G 83 17.79 -41.20 -14.38
N PRO G 84 18.58 -41.73 -15.34
CA PRO G 84 19.44 -42.91 -15.16
C PRO G 84 20.64 -42.70 -14.25
N GLY G 85 20.81 -43.62 -13.30
CA GLY G 85 21.85 -43.50 -12.26
C GLY G 85 21.36 -42.90 -10.94
N HIS G 86 20.15 -42.35 -10.96
CA HIS G 86 19.52 -41.75 -9.79
C HIS G 86 18.74 -42.75 -8.94
N ALA G 87 17.70 -43.36 -9.53
CA ALA G 87 16.95 -44.39 -8.80
C ALA G 87 17.92 -45.46 -8.29
N VAL G 88 17.80 -45.80 -7.01
CA VAL G 88 18.74 -46.73 -6.39
C VAL G 88 17.95 -47.89 -5.78
N GLY G 89 16.68 -47.98 -6.13
CA GLY G 89 15.79 -49.05 -5.64
C GLY G 89 15.00 -48.79 -4.35
N LEU G 90 15.10 -47.57 -3.78
CA LEU G 90 14.46 -47.16 -2.52
C LEU G 90 13.90 -45.76 -2.65
N SER G 91 12.84 -45.43 -1.90
CA SER G 91 12.21 -44.08 -1.98
C SER G 91 13.17 -42.89 -1.85
N PHE G 92 13.00 -41.90 -2.71
CA PHE G 92 13.73 -40.63 -2.57
C PHE G 92 15.25 -40.75 -2.58
N SER G 93 15.75 -41.89 -2.10
CA SER G 93 17.18 -42.14 -2.07
C SER G 93 17.84 -42.07 -3.44
N VAL G 94 19.08 -41.55 -3.46
CA VAL G 94 19.93 -41.56 -4.67
C VAL G 94 21.30 -42.19 -4.44
N ALA G 95 22.01 -42.47 -5.52
CA ALA G 95 23.40 -42.94 -5.42
C ALA G 95 24.30 -41.82 -4.89
N PRO G 96 25.32 -42.17 -4.10
CA PRO G 96 26.22 -41.19 -3.51
C PRO G 96 26.92 -40.25 -4.51
N ASP G 97 27.14 -40.72 -5.73
CA ASP G 97 27.81 -39.90 -6.76
C ASP G 97 26.90 -38.77 -7.27
N VAL G 98 25.59 -38.91 -7.07
CA VAL G 98 24.60 -38.01 -7.63
C VAL G 98 24.65 -36.65 -6.93
N ARG G 99 25.21 -35.64 -7.62
CA ARG G 99 25.55 -34.36 -6.98
C ARG G 99 24.41 -33.33 -6.88
N PRO G 100 23.99 -32.70 -8.00
CA PRO G 100 22.81 -31.79 -7.84
C PRO G 100 21.56 -32.65 -7.59
N TRP G 101 21.28 -32.96 -6.32
CA TRP G 101 20.34 -34.03 -6.03
C TRP G 101 18.90 -33.56 -6.07
N PRO G 102 17.95 -34.50 -6.26
CA PRO G 102 16.56 -34.13 -6.44
C PRO G 102 16.10 -33.18 -5.36
N ARG G 103 15.42 -32.12 -5.78
CA ARG G 103 15.09 -31.08 -4.87
C ARG G 103 14.18 -31.55 -3.74
N SER G 104 13.19 -32.40 -4.01
CA SER G 104 12.40 -33.00 -2.90
C SER G 104 13.29 -33.46 -1.78
N LEU G 105 14.28 -34.28 -2.13
CA LEU G 105 15.20 -34.86 -1.17
C LEU G 105 15.98 -33.78 -0.43
N ALA G 106 16.36 -32.74 -1.16
CA ALA G 106 17.05 -31.58 -0.62
C ALA G 106 16.23 -31.01 0.50
N ASN G 107 14.99 -30.65 0.18
CA ASN G 107 14.01 -30.27 1.18
C ASN G 107 13.87 -31.31 2.30
N ILE G 108 13.76 -32.60 1.98
CA ILE G 108 13.67 -33.59 3.04
C ILE G 108 14.84 -33.40 4.02
N PHE G 109 16.05 -33.29 3.47
CA PHE G 109 17.25 -33.09 4.31
C PHE G 109 17.20 -31.79 5.14
N ASP G 110 16.59 -30.76 4.57
CA ASP G 110 16.48 -29.50 5.27
C ASP G 110 15.61 -29.65 6.50
N GLU G 111 14.42 -30.22 6.30
CA GLU G 111 13.53 -30.50 7.43
C GLU G 111 14.26 -31.46 8.37
N TYR G 112 15.10 -32.30 7.78
CA TYR G 112 15.86 -33.21 8.57
C TYR G 112 16.76 -32.44 9.52
N THR G 113 17.59 -31.52 9.02
CA THR G 113 18.51 -30.76 9.90
C THR G 113 17.75 -29.87 10.85
N ALA G 114 16.62 -29.32 10.39
CA ALA G 114 15.73 -28.56 11.25
C ALA G 114 15.21 -29.39 12.42
N ASP G 115 14.68 -30.57 12.12
CA ASP G 115 14.05 -31.42 13.12
C ASP G 115 15.03 -32.02 14.15
N LEU G 116 16.15 -32.57 13.68
CA LEU G 116 17.16 -33.15 14.56
C LEU G 116 18.34 -32.23 14.58
N GLY G 117 19.17 -32.32 15.59
CA GLY G 117 20.36 -31.44 15.66
C GLY G 117 21.39 -31.55 14.52
N TYR G 118 21.30 -32.64 13.74
CA TYR G 118 22.35 -33.08 12.82
C TYR G 118 22.67 -32.15 11.65
N PRO G 119 23.91 -32.25 11.13
CA PRO G 119 24.32 -31.48 9.96
C PRO G 119 23.74 -32.06 8.68
N LEU G 120 23.75 -31.24 7.63
CA LEU G 120 23.32 -31.67 6.32
C LEU G 120 24.02 -32.99 5.95
N PRO G 121 23.28 -33.96 5.40
CA PRO G 121 23.92 -35.15 4.88
C PRO G 121 25.04 -34.84 3.87
N SER G 122 25.97 -35.77 3.71
CA SER G 122 27.03 -35.60 2.71
C SER G 122 26.56 -36.00 1.32
N ASN G 123 25.58 -36.89 1.29
CA ASN G 123 25.03 -37.28 0.03
C ASN G 123 23.60 -37.72 0.20
N GLY G 124 22.97 -38.14 -0.90
CA GLY G 124 21.54 -38.34 -0.93
C GLY G 124 21.29 -39.80 -0.71
N ASP G 125 22.23 -40.44 -0.01
CA ASP G 125 22.15 -41.88 0.17
C ASP G 125 21.42 -42.31 1.44
N LEU G 126 20.22 -42.87 1.22
CA LEU G 126 19.34 -43.30 2.29
C LEU G 126 19.53 -44.77 2.70
N THR G 127 20.35 -45.50 1.96
CA THR G 127 20.66 -46.89 2.33
C THR G 127 20.59 -47.16 3.84
N PRO G 128 21.39 -46.45 4.68
CA PRO G 128 21.33 -46.75 6.12
C PRO G 128 19.96 -46.57 6.79
N TRP G 129 19.13 -45.64 6.33
CA TRP G 129 17.77 -45.61 6.91
C TRP G 129 17.09 -46.95 6.74
N ALA G 130 17.32 -47.54 5.56
CA ALA G 130 16.67 -48.78 5.14
C ALA G 130 17.16 -49.96 5.95
N GLN G 131 18.44 -49.98 6.25
CA GLN G 131 18.98 -51.09 7.04
C GLN G 131 18.70 -50.92 8.52
N ARG G 132 17.90 -49.92 8.86
CA ARG G 132 17.60 -49.56 10.23
C ARG G 132 16.12 -49.68 10.57
N GLY G 133 15.36 -50.24 9.63
CA GLY G 133 13.94 -50.50 9.85
C GLY G 133 13.06 -49.47 9.21
N VAL G 134 13.63 -48.70 8.30
CA VAL G 134 12.87 -47.68 7.62
C VAL G 134 12.67 -48.14 6.21
N LEU G 135 11.43 -48.49 5.88
CA LEU G 135 11.10 -49.08 4.59
C LEU G 135 10.81 -48.02 3.57
N LEU G 136 11.77 -47.74 2.69
CA LEU G 136 11.56 -46.74 1.66
C LEU G 136 10.89 -47.39 0.45
N LEU G 137 9.59 -47.61 0.56
CA LEU G 137 8.83 -48.26 -0.50
C LEU G 137 8.22 -47.23 -1.47
N ASN G 138 8.66 -47.23 -2.73
CA ASN G 138 7.93 -46.49 -3.77
C ASN G 138 6.66 -47.28 -4.05
N ARG G 139 5.62 -46.66 -4.58
CA ARG G 139 4.38 -47.41 -4.79
C ARG G 139 4.43 -48.19 -6.08
N VAL G 140 5.21 -47.69 -7.02
CA VAL G 140 5.45 -48.34 -8.30
C VAL G 140 6.95 -48.58 -8.38
N LEU G 141 7.36 -49.85 -8.50
CA LEU G 141 8.78 -50.21 -8.32
C LEU G 141 9.75 -50.00 -9.51
N THR G 142 9.22 -49.65 -10.68
CA THR G 142 10.01 -49.43 -11.90
C THR G 142 9.47 -48.32 -12.78
N VAL G 143 10.25 -47.92 -13.80
CA VAL G 143 9.81 -46.87 -14.73
C VAL G 143 10.74 -46.69 -15.92
N ARG G 144 10.16 -46.46 -17.10
CA ARG G 144 10.95 -46.22 -18.32
C ARG G 144 11.73 -44.92 -18.16
N PRO G 145 13.04 -44.95 -18.44
CA PRO G 145 13.86 -43.75 -18.24
C PRO G 145 13.30 -42.53 -18.95
N SER G 146 13.49 -41.37 -18.34
CA SER G 146 13.02 -40.06 -18.85
C SER G 146 11.51 -39.96 -18.96
N ASN G 147 10.82 -41.06 -18.66
CA ASN G 147 9.38 -41.15 -18.79
C ASN G 147 8.69 -41.42 -17.45
N PRO G 148 8.52 -40.37 -16.63
CA PRO G 148 7.89 -40.55 -15.33
C PRO G 148 6.55 -41.23 -15.39
N ALA G 149 6.24 -41.99 -14.35
CA ALA G 149 4.92 -42.60 -14.19
C ALA G 149 4.55 -43.56 -15.31
N SER G 150 5.48 -43.77 -16.25
CA SER G 150 5.20 -44.62 -17.40
C SER G 150 4.70 -46.01 -17.01
N HIS G 151 5.03 -46.45 -15.81
CA HIS G 151 4.64 -47.80 -15.38
C HIS G 151 3.50 -47.79 -14.35
N ARG G 152 2.79 -46.67 -14.23
CA ARG G 152 1.65 -46.54 -13.30
C ARG G 152 0.57 -47.59 -13.61
N GLY G 153 0.01 -48.17 -12.57
CA GLY G 153 -1.14 -49.07 -12.70
C GLY G 153 -0.89 -50.22 -13.66
N LYS G 154 0.38 -50.45 -14.01
CA LYS G 154 0.76 -51.54 -14.89
C LYS G 154 0.97 -52.82 -14.08
N GLY G 155 0.35 -52.90 -12.91
CA GLY G 155 0.47 -54.07 -12.05
C GLY G 155 1.28 -53.90 -10.77
N TRP G 156 2.08 -52.83 -10.66
CA TRP G 156 2.95 -52.65 -9.47
C TRP G 156 2.20 -52.34 -8.16
N GLU G 157 1.09 -51.60 -8.30
CA GLU G 157 0.23 -51.17 -7.17
C GLU G 157 -0.20 -52.34 -6.27
N ALA G 158 -0.70 -53.41 -6.90
CA ALA G 158 -1.22 -54.57 -6.20
C ALA G 158 -0.17 -55.15 -5.25
N VAL G 159 1.09 -55.10 -5.67
CA VAL G 159 2.20 -55.63 -4.89
C VAL G 159 2.52 -54.73 -3.70
N THR G 160 2.85 -53.47 -3.98
CA THR G 160 3.17 -52.54 -2.91
C THR G 160 2.01 -52.38 -1.93
N GLU G 161 0.78 -52.35 -2.46
CA GLU G 161 -0.40 -52.38 -1.60
C GLU G 161 -0.28 -53.52 -0.57
N CYS G 162 -0.18 -54.74 -1.07
CA CYS G 162 -0.03 -55.93 -0.22
C CYS G 162 1.11 -55.79 0.82
N ALA G 163 2.21 -55.18 0.38
CA ALA G 163 3.34 -54.95 1.24
C ALA G 163 2.89 -54.13 2.43
N ILE G 164 2.19 -53.04 2.16
CA ILE G 164 1.73 -52.19 3.24
C ILE G 164 0.78 -52.97 4.17
N ARG G 165 -0.28 -53.55 3.62
CA ARG G 165 -1.24 -54.28 4.45
C ARG G 165 -0.53 -55.27 5.36
N ALA G 166 0.46 -55.99 4.80
CA ALA G 166 1.24 -56.98 5.54
C ALA G 166 1.90 -56.37 6.78
N LEU G 167 2.52 -55.20 6.59
CA LEU G 167 3.10 -54.44 7.71
C LEU G 167 2.07 -54.11 8.77
N ALA G 168 0.92 -53.59 8.34
CA ALA G 168 -0.19 -53.25 9.24
C ALA G 168 -0.63 -54.44 10.11
N ALA G 169 -0.57 -55.64 9.52
CA ALA G 169 -0.99 -56.91 10.14
C ALA G 169 -0.08 -57.46 11.24
N ARG G 170 1.17 -56.97 11.28
CA ARG G 170 2.15 -57.42 12.28
C ARG G 170 1.76 -57.01 13.68
N ALA G 171 2.20 -57.79 14.67
CA ALA G 171 2.04 -57.44 16.09
C ALA G 171 2.65 -56.06 16.42
N ALA G 172 3.72 -55.71 15.69
CA ALA G 172 4.58 -54.57 15.97
C ALA G 172 4.02 -53.21 15.57
N PRO G 173 4.46 -52.16 16.27
CA PRO G 173 4.08 -50.79 16.00
C PRO G 173 4.73 -50.30 14.70
N LEU G 174 3.94 -49.61 13.89
CA LEU G 174 4.41 -49.08 12.62
C LEU G 174 4.02 -47.61 12.53
N VAL G 175 4.99 -46.77 12.20
CA VAL G 175 4.73 -45.37 11.95
C VAL G 175 4.94 -45.09 10.47
N ALA G 176 3.88 -44.66 9.81
CA ALA G 176 3.93 -44.44 8.38
C ALA G 176 3.93 -42.96 8.10
N ILE G 177 4.94 -42.45 7.41
CA ILE G 177 4.86 -41.06 7.01
C ILE G 177 4.39 -40.92 5.55
N LEU G 178 3.29 -40.21 5.39
CA LEU G 178 2.66 -40.05 4.10
C LEU G 178 2.84 -38.63 3.57
N TRP G 179 3.80 -38.43 2.66
CA TRP G 179 4.00 -37.11 2.06
C TRP G 179 3.26 -36.89 0.76
N GLY G 180 2.43 -35.86 0.73
CA GLY G 180 1.61 -35.58 -0.44
C GLY G 180 0.30 -36.32 -0.33
N ARG G 181 -0.66 -35.91 -1.15
CA ARG G 181 -2.01 -36.49 -1.10
C ARG G 181 -2.11 -37.86 -1.80
N ASP G 182 -1.34 -38.06 -2.85
CA ASP G 182 -1.26 -39.37 -3.48
C ASP G 182 -0.98 -40.43 -2.44
N ALA G 183 -0.04 -40.13 -1.53
CA ALA G 183 0.30 -40.96 -0.37
C ALA G 183 -0.89 -41.20 0.60
N SER G 184 -1.67 -40.15 0.85
CA SER G 184 -2.81 -40.20 1.75
C SER G 184 -3.80 -41.32 1.48
N THR G 185 -4.03 -41.65 0.22
CA THR G 185 -5.02 -42.70 -0.16
C THR G 185 -4.73 -44.06 0.50
N LEU G 186 -3.48 -44.23 0.92
CA LEU G 186 -3.06 -45.46 1.55
C LEU G 186 -3.47 -45.51 3.03
N LYS G 187 -4.01 -44.40 3.53
CA LYS G 187 -4.35 -44.26 4.96
C LYS G 187 -5.32 -45.34 5.48
N PRO G 188 -6.47 -45.54 4.81
CA PRO G 188 -7.43 -46.53 5.32
C PRO G 188 -6.76 -47.91 5.40
N MET G 189 -6.08 -48.29 4.31
CA MET G 189 -5.25 -49.49 4.23
C MET G 189 -4.62 -49.83 5.56
N LEU G 190 -3.78 -48.93 6.08
CA LEU G 190 -3.20 -49.19 7.38
C LEU G 190 -4.17 -48.90 8.53
N ALA G 191 -4.94 -49.93 8.90
CA ALA G 191 -5.84 -49.90 10.05
C ALA G 191 -5.12 -49.29 11.24
N ALA G 192 -5.49 -48.05 11.57
CA ALA G 192 -4.80 -47.30 12.63
C ALA G 192 -4.84 -48.03 13.99
N GLY G 193 -4.85 -49.36 13.96
CA GLY G 193 -4.87 -50.19 15.18
C GLY G 193 -3.60 -50.01 15.98
N ASN G 194 -2.50 -50.60 15.49
CA ASN G 194 -1.14 -50.47 16.06
C ASN G 194 -0.29 -49.50 15.25
N CYS G 195 -0.85 -49.03 14.13
CA CYS G 195 -0.17 -48.16 13.18
C CYS G 195 -0.67 -46.73 13.30
N VAL G 196 0.28 -45.81 13.37
CA VAL G 196 -0.02 -44.39 13.40
C VAL G 196 0.56 -43.78 12.14
N ALA G 197 -0.20 -42.90 11.48
CA ALA G 197 0.30 -42.19 10.32
C ALA G 197 0.38 -40.68 10.56
N ILE G 198 1.36 -40.05 9.91
CA ILE G 198 1.52 -38.60 9.91
C ILE G 198 1.54 -38.11 8.46
N GLU G 199 0.66 -37.16 8.14
CA GLU G 199 0.57 -36.60 6.79
C GLU G 199 1.17 -35.22 6.77
N SER G 200 1.38 -34.70 5.56
CA SER G 200 1.92 -33.36 5.35
C SER G 200 2.09 -33.22 3.86
N PRO G 201 2.06 -32.00 3.34
CA PRO G 201 2.18 -31.89 1.90
C PRO G 201 3.56 -32.37 1.48
N HIS G 202 3.69 -32.74 0.21
CA HIS G 202 4.92 -33.35 -0.30
C HIS G 202 6.15 -32.42 -0.19
N PRO G 203 7.32 -32.99 0.14
CA PRO G 203 8.55 -32.20 0.26
C PRO G 203 8.98 -31.51 -1.03
N SER G 204 8.26 -31.73 -2.12
CA SER G 204 8.56 -31.08 -3.40
C SER G 204 8.65 -29.58 -3.21
N PRO G 205 9.55 -28.90 -3.93
CA PRO G 205 9.68 -27.47 -3.75
C PRO G 205 8.31 -26.75 -3.79
N LEU G 206 7.44 -27.20 -4.69
CA LEU G 206 6.14 -26.59 -4.94
C LEU G 206 5.24 -26.57 -3.72
N SER G 207 5.27 -27.63 -2.92
CA SER G 207 4.38 -27.71 -1.75
C SER G 207 5.09 -27.71 -0.38
N ALA G 208 6.41 -27.73 -0.38
CA ALA G 208 7.18 -27.91 0.85
C ALA G 208 6.96 -26.83 1.91
N SER G 209 6.92 -25.57 1.48
CA SER G 209 6.71 -24.49 2.43
C SER G 209 5.27 -24.48 2.93
N ARG G 210 4.38 -25.09 2.15
CA ARG G 210 2.95 -25.18 2.46
C ARG G 210 2.56 -26.10 3.62
N GLY G 211 3.53 -26.66 4.36
CA GLY G 211 3.18 -27.56 5.45
C GLY G 211 4.06 -28.77 5.65
N PHE G 212 4.95 -29.09 4.70
CA PHE G 212 5.95 -30.12 4.94
C PHE G 212 7.02 -29.62 5.92
N PHE G 213 7.75 -28.56 5.56
CA PHE G 213 8.61 -27.88 6.54
C PHE G 213 7.86 -27.62 7.83
N GLY G 214 8.53 -27.91 8.93
CA GLY G 214 7.96 -27.73 10.26
C GLY G 214 7.18 -28.94 10.73
N SER G 215 6.98 -29.90 9.84
CA SER G 215 6.26 -31.11 10.22
C SER G 215 7.06 -31.98 11.20
N ARG G 216 8.37 -31.73 11.28
CA ARG G 216 9.28 -32.48 12.15
C ARG G 216 8.95 -33.98 12.14
N PRO G 217 8.90 -34.59 10.94
CA PRO G 217 8.40 -35.95 10.88
C PRO G 217 9.36 -36.96 11.46
N PHE G 218 10.66 -36.68 11.45
CA PHE G 218 11.64 -37.68 11.92
C PHE G 218 11.55 -37.90 13.43
N SER G 219 11.49 -36.81 14.19
CA SER G 219 11.43 -36.95 15.61
C SER G 219 10.02 -37.44 15.94
N ARG G 220 9.01 -36.76 15.40
CA ARG G 220 7.62 -37.15 15.69
C ARG G 220 7.41 -38.66 15.51
N ALA G 221 7.95 -39.23 14.42
CA ALA G 221 7.86 -40.67 14.16
C ALA G 221 8.52 -41.45 15.31
N ASN G 222 9.70 -40.96 15.74
CA ASN G 222 10.45 -41.58 16.83
C ASN G 222 9.70 -41.45 18.13
N GLU G 223 9.10 -40.28 18.36
CA GLU G 223 8.31 -40.05 19.58
C GLU G 223 7.07 -40.94 19.60
N LEU G 224 6.45 -41.13 18.44
CA LEU G 224 5.39 -42.11 18.29
C LEU G 224 5.85 -43.54 18.61
N LEU G 225 6.97 -43.95 18.02
CA LEU G 225 7.52 -45.28 18.29
C LEU G 225 7.77 -45.54 19.78
N VAL G 226 8.38 -44.57 20.46
CA VAL G 226 8.64 -44.67 21.90
C VAL G 226 7.33 -44.84 22.68
N GLY G 227 6.34 -44.03 22.31
CA GLY G 227 5.01 -44.05 22.92
C GLY G 227 4.33 -45.37 22.80
N MET G 228 4.54 -46.08 21.69
CA MET G 228 4.00 -47.42 21.50
C MET G 228 4.95 -48.47 22.10
N GLY G 229 6.07 -47.99 22.64
CA GLY G 229 7.06 -48.83 23.28
C GLY G 229 7.97 -49.59 22.35
N ALA G 230 8.40 -48.97 21.25
CA ALA G 230 9.32 -49.62 20.33
C ALA G 230 10.60 -48.80 20.22
N GLU G 231 11.65 -49.40 19.64
CA GLU G 231 12.91 -48.70 19.43
C GLU G 231 12.73 -47.63 18.36
N PRO G 232 13.32 -46.43 18.58
CA PRO G 232 13.22 -45.36 17.60
C PRO G 232 14.24 -45.59 16.50
N ILE G 233 14.10 -44.86 15.38
CA ILE G 233 15.03 -44.93 14.28
C ILE G 233 16.20 -44.05 14.57
N ASP G 234 17.40 -44.46 14.18
CA ASP G 234 18.54 -43.56 14.28
C ASP G 234 18.41 -42.29 13.42
N TRP G 235 18.16 -42.46 12.11
CA TRP G 235 18.32 -41.38 11.12
C TRP G 235 19.78 -41.05 11.25
N ARG G 236 20.21 -39.88 10.79
CA ARG G 236 21.61 -39.46 10.95
C ARG G 236 22.52 -40.23 10.03
N LEU G 237 23.06 -39.54 9.03
CA LEU G 237 23.78 -40.25 7.96
C LEU G 237 25.10 -39.61 7.46
N PRO G 238 25.28 -38.28 7.69
CA PRO G 238 26.33 -37.50 7.03
C PRO G 238 27.41 -38.34 6.42
N ASN H 3 12.50 -35.07 -26.01
CA ASN H 3 12.39 -35.01 -24.52
C ASN H 3 11.19 -34.12 -24.08
N LEU H 4 11.15 -33.90 -22.75
CA LEU H 4 10.14 -33.00 -22.15
C LEU H 4 10.83 -31.76 -21.58
N SER H 5 12.06 -31.94 -21.12
CA SER H 5 12.86 -30.89 -20.52
C SER H 5 13.18 -29.82 -21.53
N ASP H 6 13.04 -30.19 -22.80
CA ASP H 6 13.24 -29.29 -23.91
C ASP H 6 12.25 -28.14 -23.89
N ILE H 7 11.02 -28.45 -23.46
CA ILE H 7 9.98 -27.41 -23.35
C ILE H 7 10.33 -26.38 -22.25
N ILE H 8 11.08 -26.82 -21.24
CA ILE H 8 11.62 -25.92 -20.25
C ILE H 8 12.65 -25.00 -20.91
N GLU H 9 13.62 -25.63 -21.60
CA GLU H 9 14.68 -24.92 -22.33
C GLU H 9 14.09 -23.99 -23.38
N LYS H 10 12.83 -24.25 -23.77
CA LYS H 10 12.08 -23.31 -24.61
C LYS H 10 11.58 -22.15 -23.76
N GLU H 11 10.69 -22.47 -22.81
CA GLU H 11 10.00 -21.46 -22.01
C GLU H 11 10.92 -20.67 -21.08
N THR H 12 12.14 -21.18 -20.85
CA THR H 12 13.10 -20.46 -20.02
C THR H 12 14.39 -20.13 -20.75
N GLY H 13 14.81 -21.03 -21.64
CA GLY H 13 16.14 -20.95 -22.27
C GLY H 13 17.25 -21.45 -21.37
N LYS H 14 17.10 -22.67 -20.85
CA LYS H 14 18.07 -23.19 -19.87
C LYS H 14 18.31 -24.71 -19.96
N GLN H 15 19.60 -25.06 -20.03
CA GLN H 15 20.05 -26.45 -20.17
C GLN H 15 19.85 -27.21 -18.86
N LEU H 16 18.71 -27.88 -18.72
CA LEU H 16 18.42 -28.54 -17.45
C LEU H 16 17.89 -29.98 -17.54
N VAL H 17 18.22 -30.78 -16.52
CA VAL H 17 17.72 -32.15 -16.43
C VAL H 17 16.62 -32.23 -15.39
N ILE H 18 15.44 -32.68 -15.83
CA ILE H 18 14.36 -32.99 -14.92
C ILE H 18 14.80 -34.13 -13.99
N GLN H 19 14.68 -33.91 -12.67
CA GLN H 19 15.18 -34.84 -11.65
C GLN H 19 14.11 -35.74 -11.02
N GLU H 20 12.87 -35.26 -10.99
CA GLU H 20 11.78 -35.89 -10.24
C GLU H 20 10.43 -35.46 -10.78
N SER H 21 9.46 -36.37 -10.75
CA SER H 21 8.14 -36.03 -11.23
C SER H 21 7.10 -36.45 -10.22
N ILE H 22 6.70 -35.51 -9.37
CA ILE H 22 5.76 -35.76 -8.27
C ILE H 22 4.32 -35.49 -8.71
N LEU H 23 3.45 -36.49 -8.51
CA LEU H 23 2.04 -36.36 -8.84
C LEU H 23 1.23 -35.76 -7.70
N MET H 24 0.47 -34.71 -8.01
CA MET H 24 -0.40 -34.03 -7.05
C MET H 24 -1.85 -33.91 -7.58
N LEU H 25 -2.81 -33.86 -6.66
CA LEU H 25 -4.21 -33.74 -7.04
C LEU H 25 -4.50 -32.25 -7.30
N PRO H 26 -5.67 -31.95 -7.91
CA PRO H 26 -5.94 -30.54 -8.21
C PRO H 26 -6.00 -29.65 -6.97
N GLU H 27 -6.44 -30.24 -5.85
CA GLU H 27 -6.59 -29.49 -4.61
C GLU H 27 -5.25 -29.07 -3.97
N GLU H 28 -4.15 -29.67 -4.43
CA GLU H 28 -2.81 -29.35 -3.91
C GLU H 28 -2.21 -28.21 -4.70
N VAL H 29 -2.13 -28.39 -6.00
CA VAL H 29 -1.74 -27.34 -6.93
C VAL H 29 -2.52 -26.03 -6.73
N GLU H 30 -3.86 -26.11 -6.71
CA GLU H 30 -4.73 -24.93 -6.68
C GLU H 30 -4.26 -23.93 -5.64
N GLU H 31 -4.05 -24.40 -4.43
CA GLU H 31 -3.61 -23.56 -3.32
C GLU H 31 -2.34 -22.75 -3.63
N VAL H 32 -1.41 -23.33 -4.40
CA VAL H 32 -0.10 -22.73 -4.67
C VAL H 32 -0.10 -21.83 -5.92
N ILE H 33 -1.03 -22.07 -6.85
CA ILE H 33 -1.03 -21.39 -8.14
C ILE H 33 -2.20 -20.40 -8.32
N GLY H 34 -3.37 -20.80 -7.83
CA GLY H 34 -4.56 -19.97 -7.96
C GLY H 34 -5.32 -20.36 -9.21
N ASN H 35 -5.14 -21.65 -9.60
CA ASN H 35 -5.83 -22.19 -10.77
C ASN H 35 -6.07 -23.68 -10.56
N LYS H 36 -7.28 -24.07 -10.12
CA LYS H 36 -7.58 -25.50 -9.95
C LYS H 36 -7.66 -26.24 -11.32
N PRO H 37 -6.70 -27.13 -11.59
CA PRO H 37 -6.56 -27.77 -12.90
C PRO H 37 -7.67 -28.77 -13.18
N GLU H 38 -7.69 -29.31 -14.42
CA GLU H 38 -8.67 -30.29 -14.83
C GLU H 38 -8.56 -31.59 -13.99
N SER H 39 -7.47 -32.33 -14.20
CA SER H 39 -7.21 -33.57 -13.47
C SER H 39 -5.88 -33.49 -12.69
N ASP H 40 -5.39 -34.62 -12.20
CA ASP H 40 -4.11 -34.68 -11.46
C ASP H 40 -2.91 -34.14 -12.25
N ILE H 41 -1.92 -33.62 -11.53
CA ILE H 41 -0.77 -32.96 -12.15
C ILE H 41 0.58 -33.54 -11.72
N LEU H 42 1.52 -33.57 -12.66
CA LEU H 42 2.87 -33.98 -12.34
C LEU H 42 3.75 -32.75 -12.26
N VAL H 43 4.42 -32.62 -11.13
CA VAL H 43 5.35 -31.53 -10.87
C VAL H 43 6.78 -31.97 -11.14
N HIS H 44 7.20 -31.83 -12.39
CA HIS H 44 8.56 -32.10 -12.80
C HIS H 44 9.42 -30.96 -12.28
N THR H 45 10.52 -31.29 -11.65
CA THR H 45 11.32 -30.28 -11.01
C THR H 45 12.79 -30.51 -11.39
N ALA H 46 13.39 -29.48 -12.00
CA ALA H 46 14.83 -29.46 -12.27
C ALA H 46 15.49 -28.31 -11.53
N TYR H 47 16.73 -28.49 -11.13
CA TYR H 47 17.43 -27.47 -10.38
C TYR H 47 18.55 -26.79 -11.17
N ASP H 48 18.53 -25.47 -11.14
CA ASP H 48 19.53 -24.62 -11.81
C ASP H 48 20.67 -24.25 -10.85
N GLU H 49 21.74 -25.06 -10.85
CA GLU H 49 22.90 -24.80 -9.99
C GLU H 49 23.76 -23.67 -10.59
N SER H 50 23.25 -22.44 -10.58
CA SER H 50 23.96 -21.26 -11.10
C SER H 50 23.18 -20.00 -10.77
N THR H 51 21.86 -20.17 -10.72
CA THR H 51 20.95 -19.09 -10.43
C THR H 51 20.26 -19.41 -9.12
N ASP H 52 20.47 -20.65 -8.67
CA ASP H 52 19.92 -21.20 -7.42
C ASP H 52 18.40 -21.15 -7.48
N GLU H 53 17.84 -21.80 -8.51
CA GLU H 53 16.41 -21.74 -8.73
C GLU H 53 15.82 -23.11 -8.95
N ASN H 54 14.64 -23.33 -8.38
CA ASN H 54 13.88 -24.55 -8.65
C ASN H 54 13.05 -24.25 -9.85
N VAL H 55 13.12 -25.12 -10.84
CA VAL H 55 12.39 -24.90 -12.08
C VAL H 55 11.40 -26.02 -12.22
N MET H 56 10.12 -25.68 -12.07
CA MET H 56 9.08 -26.68 -12.00
C MET H 56 8.14 -26.59 -13.18
N LEU H 57 8.11 -27.66 -14.00
CA LEU H 57 7.14 -27.73 -15.09
C LEU H 57 5.93 -28.64 -14.78
N LEU H 58 4.75 -28.04 -14.72
CA LEU H 58 3.55 -28.80 -14.36
C LEU H 58 2.80 -29.30 -15.58
N THR H 59 2.68 -30.63 -15.69
CA THR H 59 1.92 -31.21 -16.80
C THR H 59 0.79 -32.14 -16.33
N SER H 60 0.02 -32.63 -17.29
CA SER H 60 -1.04 -33.59 -17.04
C SER H 60 -0.44 -34.94 -16.62
N ASP H 61 -1.30 -35.96 -16.52
CA ASP H 61 -0.86 -37.26 -16.04
C ASP H 61 0.08 -37.98 -17.02
N ALA H 62 0.36 -39.26 -16.69
CA ALA H 62 1.33 -40.11 -17.37
C ALA H 62 1.21 -40.20 -18.90
N PRO H 63 0.05 -40.65 -19.43
CA PRO H 63 -0.03 -40.94 -20.87
C PRO H 63 0.37 -39.76 -21.77
N GLU H 64 -0.48 -38.74 -21.84
CA GLU H 64 -0.14 -37.51 -22.56
C GLU H 64 0.41 -36.45 -21.61
N TYR H 65 1.68 -36.10 -21.80
CA TYR H 65 2.32 -35.09 -20.96
C TYR H 65 1.94 -33.70 -21.50
N LYS H 66 0.80 -33.19 -21.05
CA LYS H 66 0.26 -31.94 -21.57
C LYS H 66 0.56 -30.78 -20.64
N PRO H 67 1.37 -29.84 -21.13
CA PRO H 67 1.79 -28.68 -20.33
C PRO H 67 0.63 -27.86 -19.76
N TRP H 68 0.91 -27.14 -18.66
CA TRP H 68 -0.14 -26.44 -17.90
C TRP H 68 0.34 -25.20 -17.15
N ALA H 69 1.54 -25.27 -16.59
CA ALA H 69 2.19 -24.12 -15.95
C ALA H 69 3.67 -24.37 -15.63
N LEU H 70 4.47 -23.31 -15.80
CA LEU H 70 5.88 -23.33 -15.41
C LEU H 70 6.08 -22.42 -14.21
N VAL H 71 6.96 -22.81 -13.28
CA VAL H 71 7.18 -22.04 -12.05
C VAL H 71 8.67 -21.95 -11.70
N ILE H 72 9.14 -20.76 -11.35
CA ILE H 72 10.54 -20.57 -10.96
C ILE H 72 10.66 -20.01 -9.55
N GLN H 73 10.92 -20.91 -8.60
CA GLN H 73 11.10 -20.60 -7.17
C GLN H 73 12.55 -20.25 -6.86
N ASP H 74 12.75 -19.12 -6.19
CA ASP H 74 14.10 -18.61 -5.99
C ASP H 74 14.64 -18.93 -4.59
N SER H 75 15.89 -18.51 -4.34
CA SER H 75 16.52 -18.79 -3.05
C SER H 75 15.65 -18.37 -1.86
N ASN H 76 14.75 -17.42 -2.09
CA ASN H 76 13.89 -16.91 -1.01
C ASN H 76 12.67 -17.73 -0.78
N GLY H 77 12.03 -18.15 -1.87
CA GLY H 77 10.82 -18.95 -1.76
C GLY H 77 9.77 -18.50 -2.74
N GLU H 78 9.97 -17.30 -3.32
CA GLU H 78 8.94 -16.71 -4.17
C GLU H 78 8.93 -17.31 -5.56
N ASN H 79 7.72 -17.56 -6.04
CA ASN H 79 7.47 -18.21 -7.30
C ASN H 79 7.03 -17.19 -8.36
N LYS H 80 7.56 -17.34 -9.58
CA LYS H 80 7.05 -16.59 -10.73
C LYS H 80 6.22 -17.55 -11.60
N ILE H 81 4.94 -17.68 -11.28
CA ILE H 81 4.04 -18.59 -12.00
C ILE H 81 3.81 -18.06 -13.41
N LYS H 82 3.45 -18.96 -14.32
CA LYS H 82 3.24 -18.62 -15.72
C LYS H 82 2.42 -19.75 -16.30
N MET H 83 1.15 -19.47 -16.54
CA MET H 83 0.22 -20.47 -17.08
C MET H 83 0.59 -20.89 -18.50
N LEU H 84 0.08 -22.05 -18.90
CA LEU H 84 0.36 -22.59 -20.24
C LEU H 84 -0.90 -23.16 -20.88
N ALA I 14 -21.89 -37.79 30.61
CA ALA I 14 -21.67 -39.01 31.50
C ALA I 14 -22.89 -39.29 32.40
N ARG I 15 -22.63 -39.48 33.71
CA ARG I 15 -23.70 -39.74 34.69
C ARG I 15 -23.58 -38.92 35.99
N PRO I 16 -22.39 -38.96 36.68
CA PRO I 16 -22.34 -38.29 38.00
C PRO I 16 -22.26 -36.77 37.89
N LEU I 17 -23.18 -36.08 38.56
CA LEU I 17 -23.32 -34.62 38.42
C LEU I 17 -22.00 -33.84 38.42
N SER I 18 -21.05 -34.29 39.24
CA SER I 18 -19.77 -33.60 39.45
C SER I 18 -18.90 -33.53 38.18
N GLU I 19 -19.14 -34.45 37.25
CA GLU I 19 -18.39 -34.53 35.98
C GLU I 19 -19.03 -33.63 34.91
N LEU I 20 -20.33 -33.35 35.11
CA LEU I 20 -21.18 -32.70 34.12
C LEU I 20 -21.37 -31.19 34.27
N VAL I 21 -21.04 -30.62 35.43
CA VAL I 21 -21.27 -29.20 35.67
C VAL I 21 -20.23 -28.65 36.62
N GLU I 22 -20.19 -27.34 36.76
CA GLU I 22 -19.06 -26.63 37.36
C GLU I 22 -18.69 -27.06 38.76
N ARG I 23 -19.55 -27.87 39.40
CA ARG I 23 -19.36 -28.13 40.82
C ARG I 23 -19.75 -26.85 41.52
N GLY I 24 -20.28 -26.95 42.75
CA GLY I 24 -20.78 -25.73 43.33
C GLY I 24 -22.08 -25.53 42.59
N TRP I 25 -22.08 -25.79 41.27
CA TRP I 25 -23.31 -26.13 40.56
C TRP I 25 -23.64 -27.53 40.98
N ALA I 26 -22.58 -28.35 41.04
CA ALA I 26 -22.71 -29.75 41.48
C ALA I 26 -23.42 -29.80 42.84
N ALA I 27 -22.88 -29.01 43.78
CA ALA I 27 -23.47 -28.83 45.11
C ALA I 27 -24.89 -28.28 45.02
N ALA I 28 -25.08 -27.28 44.15
CA ALA I 28 -26.38 -26.61 43.97
C ALA I 28 -27.49 -27.54 43.44
N LEU I 29 -27.07 -28.46 42.56
CA LEU I 29 -28.04 -29.34 41.93
C LEU I 29 -28.16 -30.71 42.57
N GLU I 30 -27.32 -31.01 43.57
CA GLU I 30 -27.40 -32.32 44.27
C GLU I 30 -28.85 -32.82 44.39
N PRO I 31 -29.75 -31.99 44.97
CA PRO I 31 -31.12 -32.43 45.18
C PRO I 31 -31.90 -32.94 43.95
N VAL I 32 -31.50 -32.53 42.76
CA VAL I 32 -32.17 -32.98 41.54
C VAL I 32 -31.28 -33.89 40.72
N ALA I 33 -30.21 -34.39 41.32
CA ALA I 33 -29.24 -35.22 40.60
C ALA I 33 -29.88 -36.42 39.91
N ASP I 34 -30.86 -37.04 40.59
CA ASP I 34 -31.65 -38.15 40.02
C ASP I 34 -32.48 -37.69 38.84
N GLN I 35 -33.05 -36.49 38.98
CA GLN I 35 -33.78 -35.84 37.90
C GLN I 35 -32.90 -35.60 36.66
N VAL I 36 -31.76 -34.94 36.84
CA VAL I 36 -30.85 -34.68 35.72
C VAL I 36 -30.44 -36.03 35.09
N ALA I 37 -30.07 -36.99 35.94
CA ALA I 37 -29.71 -38.33 35.44
C ALA I 37 -30.78 -38.87 34.49
N HIS I 38 -32.04 -38.84 34.93
CA HIS I 38 -33.26 -39.22 34.16
C HIS I 38 -33.37 -38.50 32.82
N MET I 39 -33.26 -37.17 32.86
CA MET I 39 -33.27 -36.36 31.66
C MET I 39 -32.28 -36.90 30.66
N GLY I 40 -31.10 -37.27 31.14
CA GLY I 40 -30.11 -37.95 30.31
C GLY I 40 -30.70 -39.13 29.54
N GLN I 41 -31.25 -40.10 30.26
CA GLN I 41 -31.81 -41.28 29.61
C GLN I 41 -33.01 -40.94 28.74
N PHE I 42 -33.71 -39.86 29.05
CA PHE I 42 -34.78 -39.39 28.15
C PHE I 42 -34.19 -38.98 26.79
N LEU I 43 -33.01 -38.35 26.84
CA LEU I 43 -32.36 -37.85 25.63
C LEU I 43 -31.75 -38.96 24.77
N ARG I 44 -31.18 -39.98 25.42
CA ARG I 44 -30.65 -41.13 24.69
C ARG I 44 -31.80 -41.91 24.06
N ALA I 45 -32.90 -42.03 24.80
CA ALA I 45 -34.12 -42.66 24.28
C ALA I 45 -34.62 -41.90 23.06
N GLU I 46 -34.49 -40.57 23.10
CA GLU I 46 -34.84 -39.74 21.95
C GLU I 46 -33.99 -40.03 20.72
N ILE I 47 -32.67 -40.21 20.89
CA ILE I 47 -31.83 -40.53 19.74
C ILE I 47 -32.15 -41.92 19.20
N ALA I 48 -32.21 -42.89 20.12
CA ALA I 48 -32.57 -44.27 19.79
C ALA I 48 -33.94 -44.32 19.09
N ALA I 49 -34.82 -43.39 19.47
CA ALA I 49 -36.13 -43.23 18.84
C ALA I 49 -36.06 -42.71 17.42
N GLY I 50 -34.91 -42.17 17.02
CA GLY I 50 -34.71 -41.68 15.67
C GLY I 50 -34.83 -40.18 15.47
N ARG I 51 -35.43 -39.50 16.45
CA ARG I 51 -35.49 -38.05 16.44
C ARG I 51 -34.32 -37.51 17.26
N ARG I 52 -33.71 -36.41 16.81
CA ARG I 52 -32.57 -35.83 17.52
C ARG I 52 -33.01 -34.62 18.36
N TYR I 53 -32.36 -34.39 19.51
CA TYR I 53 -32.60 -33.17 20.30
C TYR I 53 -31.66 -32.06 19.89
N LEU I 54 -32.19 -30.85 19.76
CA LEU I 54 -31.41 -29.79 19.14
C LEU I 54 -30.23 -29.19 19.95
N PRO I 55 -30.48 -28.67 21.17
CA PRO I 55 -29.44 -27.92 21.94
C PRO I 55 -28.03 -28.50 21.88
N ALA I 56 -27.89 -29.80 21.54
CA ALA I 56 -26.62 -30.55 21.23
C ALA I 56 -25.84 -31.09 22.42
N GLY I 57 -25.78 -32.41 22.56
CA GLY I 57 -25.31 -33.06 23.78
C GLY I 57 -24.46 -32.25 24.74
N SER I 58 -23.25 -31.89 24.32
CA SER I 58 -22.26 -31.27 25.19
C SER I 58 -22.69 -29.90 25.68
N ASN I 59 -23.68 -29.32 25.03
CA ASN I 59 -24.11 -27.97 25.36
C ASN I 59 -25.39 -27.95 26.20
N VAL I 60 -26.09 -29.08 26.29
CA VAL I 60 -27.34 -29.11 27.07
C VAL I 60 -27.15 -28.38 28.41
N LEU I 61 -26.15 -28.78 29.17
CA LEU I 61 -25.94 -28.14 30.46
C LEU I 61 -24.91 -27.01 30.45
N ARG I 62 -24.58 -26.50 29.25
CA ARG I 62 -23.54 -25.47 29.14
C ARG I 62 -23.72 -24.33 30.16
N ALA I 63 -24.97 -23.86 30.30
CA ALA I 63 -25.28 -22.76 31.18
C ALA I 63 -24.61 -22.91 32.52
N PHE I 64 -24.55 -24.16 33.00
CA PHE I 64 -24.00 -24.49 34.33
C PHE I 64 -22.51 -24.76 34.35
N THR I 65 -21.79 -24.38 33.30
CA THR I 65 -20.34 -24.66 33.24
C THR I 65 -19.51 -23.56 33.89
N PHE I 66 -20.16 -22.42 34.05
CA PHE I 66 -19.56 -21.26 34.58
C PHE I 66 -19.87 -21.22 36.06
N PRO I 67 -18.94 -20.72 36.89
CA PRO I 67 -19.03 -20.68 38.34
C PRO I 67 -20.40 -20.29 38.85
N PHE I 68 -20.95 -21.14 39.72
CA PHE I 68 -22.18 -20.90 40.44
C PHE I 68 -22.02 -19.68 41.34
N ASP I 69 -21.02 -19.68 42.23
CA ASP I 69 -20.78 -18.57 43.15
C ASP I 69 -20.63 -17.20 42.47
N ASN I 70 -20.17 -17.18 41.24
CA ASN I 70 -19.95 -15.89 40.56
C ASN I 70 -21.17 -15.28 39.86
N VAL I 71 -22.27 -16.03 39.77
CA VAL I 71 -23.48 -15.55 39.14
C VAL I 71 -24.01 -14.31 39.87
N ARG I 72 -24.38 -13.27 39.09
CA ARG I 72 -24.94 -12.02 39.64
C ARG I 72 -26.23 -11.60 38.96
N VAL I 73 -26.46 -12.08 37.75
CA VAL I 73 -27.66 -11.72 37.01
C VAL I 73 -28.15 -12.96 36.33
N LEU I 74 -29.44 -13.28 36.50
CA LEU I 74 -30.07 -14.36 35.76
C LEU I 74 -31.00 -13.81 34.68
N ILE I 75 -30.91 -14.34 33.46
CA ILE I 75 -31.87 -14.00 32.42
C ILE I 75 -32.44 -15.28 31.89
N VAL I 76 -33.69 -15.55 32.29
CA VAL I 76 -34.35 -16.79 31.87
C VAL I 76 -35.11 -16.63 30.58
N GLY I 77 -34.76 -17.47 29.61
CA GLY I 77 -35.57 -17.66 28.40
C GLY I 77 -36.50 -18.86 28.54
N GLN I 78 -37.01 -19.36 27.42
CA GLN I 78 -37.96 -20.48 27.48
C GLN I 78 -37.34 -21.86 27.18
N ASP I 79 -37.70 -22.47 26.03
CA ASP I 79 -36.98 -23.64 25.50
C ASP I 79 -35.94 -23.05 24.55
N PRO I 80 -34.95 -23.84 24.08
CA PRO I 80 -33.94 -23.35 23.13
C PRO I 80 -34.50 -23.02 21.75
N TYR I 81 -33.75 -22.30 20.90
CA TYR I 81 -34.18 -22.05 19.51
C TYR I 81 -34.46 -23.33 18.72
N PRO I 82 -35.56 -23.36 17.94
CA PRO I 82 -36.01 -24.60 17.32
C PRO I 82 -35.29 -24.93 16.02
N THR I 83 -34.48 -23.97 15.55
CA THR I 83 -33.78 -24.11 14.27
C THR I 83 -32.31 -24.55 14.47
N PRO I 84 -31.88 -25.63 13.78
CA PRO I 84 -30.52 -26.18 13.85
C PRO I 84 -29.39 -25.15 13.68
N GLY I 85 -28.30 -25.35 14.41
CA GLY I 85 -27.17 -24.41 14.41
C GLY I 85 -27.41 -23.08 15.10
N HIS I 86 -28.63 -22.84 15.58
CA HIS I 86 -28.99 -21.58 16.25
C HIS I 86 -28.80 -21.63 17.75
N ALA I 87 -29.51 -22.56 18.41
CA ALA I 87 -29.45 -22.78 19.85
C ALA I 87 -28.05 -23.19 20.24
N VAL I 88 -27.49 -22.55 21.26
CA VAL I 88 -26.07 -22.70 21.55
C VAL I 88 -25.81 -23.04 23.03
N GLY I 89 -26.88 -23.34 23.76
CA GLY I 89 -26.75 -23.83 25.14
C GLY I 89 -27.02 -22.78 26.20
N LEU I 90 -27.20 -21.53 25.78
CA LEU I 90 -27.39 -20.37 26.63
C LEU I 90 -28.57 -19.55 26.15
N SER I 91 -29.32 -18.94 27.08
CA SER I 91 -30.54 -18.20 26.75
C SER I 91 -30.32 -17.14 25.68
N PHE I 92 -31.28 -16.99 24.77
CA PHE I 92 -31.29 -15.97 23.68
C PHE I 92 -30.04 -15.90 22.80
N SER I 93 -28.90 -16.35 23.29
CA SER I 93 -27.67 -16.29 22.52
C SER I 93 -27.70 -17.21 21.30
N VAL I 94 -27.05 -16.75 20.24
CA VAL I 94 -26.83 -17.59 19.07
C VAL I 94 -25.35 -17.74 18.73
N ALA I 95 -25.11 -18.45 17.63
CA ALA I 95 -23.78 -18.62 17.10
C ALA I 95 -23.36 -17.40 16.26
N PRO I 96 -22.06 -17.06 16.30
CA PRO I 96 -21.51 -15.95 15.52
C PRO I 96 -21.86 -16.06 14.04
N ASP I 97 -21.91 -17.27 13.50
CA ASP I 97 -22.25 -17.46 12.10
C ASP I 97 -23.71 -17.09 11.84
N VAL I 98 -24.60 -17.29 12.81
CA VAL I 98 -26.03 -17.10 12.61
C VAL I 98 -26.25 -15.64 12.26
N ARG I 99 -26.60 -15.41 11.00
CA ARG I 99 -26.56 -14.05 10.43
C ARG I 99 -27.86 -13.29 10.65
N PRO I 100 -28.96 -13.67 9.96
CA PRO I 100 -30.19 -12.86 10.21
C PRO I 100 -30.74 -13.33 11.54
N TRP I 101 -30.36 -12.65 12.62
CA TRP I 101 -30.50 -13.25 13.95
C TRP I 101 -31.88 -13.12 14.54
N PRO I 102 -32.27 -14.03 15.46
CA PRO I 102 -33.58 -13.98 16.07
C PRO I 102 -34.01 -12.56 16.47
N ARG I 103 -35.24 -12.23 16.12
CA ARG I 103 -35.80 -10.92 16.37
C ARG I 103 -35.86 -10.50 17.86
N SER I 104 -36.24 -11.41 18.77
CA SER I 104 -36.09 -11.14 20.20
C SER I 104 -34.71 -10.57 20.48
N LEU I 105 -33.68 -11.30 20.05
CA LEU I 105 -32.30 -10.92 20.24
C LEU I 105 -32.02 -9.61 19.53
N ALA I 106 -32.53 -9.49 18.31
CA ALA I 106 -32.38 -8.23 17.60
C ALA I 106 -32.83 -7.08 18.50
N ASN I 107 -34.05 -7.18 19.01
CA ASN I 107 -34.60 -6.15 19.87
C ASN I 107 -33.77 -5.92 21.12
N ILE I 108 -33.38 -7.04 21.77
CA ILE I 108 -32.63 -7.01 23.00
C ILE I 108 -31.46 -6.10 22.75
N PHE I 109 -30.71 -6.44 21.70
CA PHE I 109 -29.57 -5.65 21.28
C PHE I 109 -29.92 -4.16 21.09
N ASP I 110 -31.08 -3.88 20.49
CA ASP I 110 -31.49 -2.50 20.30
C ASP I 110 -31.66 -1.78 21.63
N GLU I 111 -32.41 -2.39 22.54
CA GLU I 111 -32.60 -1.81 23.83
C GLU I 111 -31.23 -1.65 24.47
N TYR I 112 -30.37 -2.62 24.22
CA TYR I 112 -28.99 -2.61 24.74
C TYR I 112 -28.22 -1.38 24.30
N THR I 113 -28.23 -1.11 22.99
CA THR I 113 -27.59 0.12 22.47
C THR I 113 -28.20 1.35 23.09
N ALA I 114 -29.52 1.36 23.23
CA ALA I 114 -30.22 2.47 23.85
C ALA I 114 -29.83 2.57 25.32
N ASP I 115 -29.88 1.46 26.04
CA ASP I 115 -29.60 1.50 27.46
C ASP I 115 -28.19 1.94 27.76
N LEU I 116 -27.19 1.25 27.20
CA LEU I 116 -25.79 1.60 27.44
C LEU I 116 -25.29 2.37 26.24
N GLY I 117 -24.11 3.00 26.32
CA GLY I 117 -23.68 3.91 25.23
C GLY I 117 -23.22 3.22 23.94
N TYR I 118 -23.09 1.90 24.04
CA TYR I 118 -22.36 1.03 23.10
C TYR I 118 -22.88 1.01 21.68
N PRO I 119 -22.03 0.58 20.73
CA PRO I 119 -22.51 0.31 19.38
C PRO I 119 -23.08 -1.07 19.33
N LEU I 120 -23.91 -1.30 18.32
CA LEU I 120 -24.57 -2.58 18.09
C LEU I 120 -23.55 -3.71 18.08
N PRO I 121 -23.89 -4.85 18.70
CA PRO I 121 -22.97 -6.00 18.63
C PRO I 121 -22.69 -6.48 17.18
N SER I 122 -21.50 -7.05 16.95
CA SER I 122 -21.16 -7.59 15.63
C SER I 122 -21.87 -8.89 15.28
N ASN I 123 -22.34 -9.59 16.31
CA ASN I 123 -22.98 -10.91 16.19
C ASN I 123 -23.76 -11.23 17.45
N GLY I 124 -24.54 -12.31 17.41
CA GLY I 124 -25.48 -12.68 18.50
C GLY I 124 -24.92 -13.66 19.50
N ASP I 125 -23.64 -13.49 19.79
CA ASP I 125 -22.92 -14.42 20.61
C ASP I 125 -22.80 -13.88 22.04
N LEU I 126 -23.61 -14.41 22.94
CA LEU I 126 -23.66 -13.88 24.28
C LEU I 126 -22.60 -14.51 25.20
N THR I 127 -21.87 -15.49 24.67
CA THR I 127 -20.88 -16.18 25.50
C THR I 127 -20.20 -15.29 26.57
N PRO I 128 -19.54 -14.19 26.16
CA PRO I 128 -18.86 -13.38 27.18
C PRO I 128 -19.74 -13.04 28.41
N TRP I 129 -20.94 -12.53 28.22
CA TRP I 129 -21.88 -12.36 29.35
C TRP I 129 -21.91 -13.60 30.29
N ALA I 130 -22.07 -14.79 29.68
CA ALA I 130 -22.09 -16.01 30.46
C ALA I 130 -20.80 -16.14 31.30
N GLN I 131 -19.64 -15.78 30.74
CA GLN I 131 -18.42 -15.89 31.51
C GLN I 131 -18.27 -14.74 32.53
N ARG I 132 -19.30 -13.91 32.65
CA ARG I 132 -19.21 -12.72 33.49
C ARG I 132 -20.16 -12.76 34.66
N GLY I 133 -20.96 -13.81 34.74
CA GLY I 133 -21.82 -13.99 35.91
C GLY I 133 -23.27 -13.84 35.54
N VAL I 134 -23.53 -13.70 34.24
CA VAL I 134 -24.88 -13.68 33.71
C VAL I 134 -25.24 -15.09 33.32
N LEU I 135 -26.07 -15.69 34.15
CA LEU I 135 -26.57 -17.02 33.88
C LEU I 135 -27.73 -16.95 32.89
N LEU I 136 -27.41 -17.43 31.69
CA LEU I 136 -28.35 -17.44 30.58
C LEU I 136 -29.11 -18.77 30.57
N LEU I 137 -30.06 -18.92 31.49
CA LEU I 137 -30.65 -20.22 31.70
C LEU I 137 -31.98 -20.27 31.00
N ASN I 138 -32.20 -21.24 30.11
CA ASN I 138 -33.57 -21.50 29.66
C ASN I 138 -34.21 -22.42 30.68
N ARG I 139 -35.54 -22.36 30.74
CA ARG I 139 -36.36 -23.19 31.65
C ARG I 139 -36.41 -24.61 31.13
N VAL I 140 -36.55 -24.73 29.82
CA VAL I 140 -36.45 -26.03 29.18
C VAL I 140 -35.08 -26.03 28.49
N LEU I 141 -34.35 -27.14 28.63
CA LEU I 141 -32.97 -27.16 28.16
C LEU I 141 -32.77 -27.81 26.82
N THR I 142 -33.80 -28.47 26.30
CA THR I 142 -33.69 -29.18 25.03
C THR I 142 -34.94 -29.04 24.18
N VAL I 143 -34.85 -29.39 22.91
CA VAL I 143 -36.00 -29.27 22.03
C VAL I 143 -35.88 -30.06 20.72
N ARG I 144 -36.97 -30.76 20.35
CA ARG I 144 -37.05 -31.40 19.03
C ARG I 144 -36.85 -30.35 17.92
N PRO I 145 -35.90 -30.59 16.99
CA PRO I 145 -35.62 -29.62 15.93
C PRO I 145 -36.91 -29.24 15.23
N SER I 146 -37.02 -27.99 14.79
CA SER I 146 -38.24 -27.46 14.13
C SER I 146 -39.47 -27.38 15.04
N ASN I 147 -39.54 -28.29 16.01
CA ASN I 147 -40.72 -28.42 16.88
C ASN I 147 -40.55 -27.71 18.23
N PRO I 148 -40.88 -26.39 18.28
CA PRO I 148 -40.69 -25.62 19.52
C PRO I 148 -41.55 -26.11 20.70
N ALA I 149 -41.04 -25.94 21.92
CA ALA I 149 -41.76 -26.32 23.13
C ALA I 149 -42.00 -27.84 23.27
N SER I 150 -41.60 -28.59 22.25
CA SER I 150 -41.80 -30.04 22.23
C SER I 150 -41.28 -30.73 23.49
N HIS I 151 -40.47 -30.04 24.27
CA HIS I 151 -39.83 -30.66 25.44
C HIS I 151 -40.32 -30.16 26.78
N ARG I 152 -41.37 -29.32 26.73
CA ARG I 152 -42.02 -28.79 27.92
C ARG I 152 -42.63 -29.92 28.75
N GLY I 153 -42.56 -29.75 30.07
CA GLY I 153 -43.13 -30.71 31.02
C GLY I 153 -42.41 -32.04 31.01
N LYS I 154 -41.50 -32.20 30.07
CA LYS I 154 -40.85 -33.48 29.84
C LYS I 154 -39.74 -33.73 30.86
N GLY I 155 -39.65 -32.88 31.89
CA GLY I 155 -38.79 -33.14 33.04
C GLY I 155 -37.81 -32.03 33.36
N TRP I 156 -37.64 -31.08 32.45
CA TRP I 156 -36.60 -30.09 32.61
C TRP I 156 -36.87 -29.01 33.65
N GLU I 157 -38.12 -28.57 33.71
CA GLU I 157 -38.53 -27.49 34.60
C GLU I 157 -38.01 -27.68 36.03
N ALA I 158 -38.08 -28.92 36.52
CA ALA I 158 -37.74 -29.24 37.91
C ALA I 158 -36.28 -28.96 38.25
N VAL I 159 -35.42 -29.03 37.23
CA VAL I 159 -33.96 -28.87 37.36
C VAL I 159 -33.61 -27.39 37.39
N THR I 160 -34.04 -26.67 36.35
CA THR I 160 -33.85 -25.24 36.24
C THR I 160 -34.51 -24.53 37.44
N GLU I 161 -35.64 -25.08 37.87
CA GLU I 161 -36.31 -24.58 39.06
C GLU I 161 -35.35 -24.58 40.22
N CYS I 162 -34.85 -25.77 40.54
CA CYS I 162 -33.87 -25.97 41.60
C CYS I 162 -32.62 -25.09 41.38
N ALA I 163 -32.23 -24.93 40.12
CA ALA I 163 -31.12 -24.04 39.76
C ALA I 163 -31.34 -22.62 40.28
N ILE I 164 -32.47 -22.03 39.88
CA ILE I 164 -32.86 -20.68 40.35
C ILE I 164 -32.93 -20.63 41.87
N ARG I 165 -33.62 -21.62 42.45
CA ARG I 165 -33.77 -21.73 43.90
C ARG I 165 -32.41 -21.66 44.56
N ALA I 166 -31.47 -22.47 44.07
CA ALA I 166 -30.15 -22.54 44.66
C ALA I 166 -29.40 -21.21 44.61
N LEU I 167 -29.38 -20.57 43.43
CA LEU I 167 -28.93 -19.18 43.31
C LEU I 167 -29.50 -18.29 44.41
N ALA I 168 -30.82 -18.35 44.57
CA ALA I 168 -31.56 -17.52 45.54
C ALA I 168 -31.00 -17.69 46.94
N ALA I 169 -30.70 -18.94 47.28
CA ALA I 169 -30.37 -19.29 48.63
C ALA I 169 -28.96 -18.86 49.00
N ARG I 170 -28.15 -18.43 48.04
CA ARG I 170 -26.78 -17.99 48.35
C ARG I 170 -26.77 -16.74 49.22
N ALA I 171 -25.58 -16.44 49.79
CA ALA I 171 -25.40 -15.16 50.49
C ALA I 171 -25.28 -13.99 49.50
N ALA I 172 -24.60 -14.21 48.37
CA ALA I 172 -24.37 -13.17 47.37
C ALA I 172 -25.65 -12.62 46.70
N PRO I 173 -25.59 -11.36 46.24
CA PRO I 173 -26.71 -10.72 45.57
C PRO I 173 -26.95 -11.27 44.17
N LEU I 174 -28.23 -11.37 43.79
CA LEU I 174 -28.67 -11.78 42.44
C LEU I 174 -29.76 -10.86 41.88
N VAL I 175 -29.53 -10.32 40.68
CA VAL I 175 -30.60 -9.67 39.89
C VAL I 175 -31.08 -10.61 38.80
N ALA I 176 -32.39 -10.85 38.81
CA ALA I 176 -33.00 -11.74 37.84
C ALA I 176 -33.87 -10.94 36.91
N ILE I 177 -33.56 -10.93 35.61
CA ILE I 177 -34.42 -10.18 34.71
C ILE I 177 -35.33 -11.13 33.95
N LEU I 178 -36.62 -10.92 34.17
CA LEU I 178 -37.63 -11.83 33.69
C LEU I 178 -38.40 -11.18 32.58
N TRP I 179 -38.32 -11.78 31.40
CA TRP I 179 -38.95 -11.22 30.22
C TRP I 179 -40.19 -12.03 29.87
N GLY I 180 -41.33 -11.37 29.82
CA GLY I 180 -42.60 -12.02 29.51
C GLY I 180 -43.20 -12.63 30.76
N ARG I 181 -44.42 -13.13 30.66
CA ARG I 181 -45.13 -13.61 31.86
C ARG I 181 -44.79 -15.05 32.26
N ASP I 182 -44.55 -15.92 31.28
CA ASP I 182 -44.08 -17.28 31.55
C ASP I 182 -42.93 -17.20 32.54
N ALA I 183 -42.02 -16.27 32.30
CA ALA I 183 -40.87 -16.07 33.19
C ALA I 183 -41.28 -15.56 34.58
N SER I 184 -42.30 -14.71 34.65
CA SER I 184 -42.70 -14.11 35.93
C SER I 184 -43.20 -15.14 36.97
N THR I 185 -43.71 -16.28 36.50
CA THR I 185 -44.20 -17.31 37.40
C THR I 185 -43.09 -17.77 38.34
N LEU I 186 -41.85 -17.44 37.97
CA LEU I 186 -40.71 -17.84 38.77
C LEU I 186 -40.45 -16.87 39.90
N LYS I 187 -41.09 -15.71 39.87
CA LYS I 187 -40.73 -14.66 40.81
C LYS I 187 -40.84 -15.10 42.26
N PRO I 188 -41.93 -15.79 42.63
CA PRO I 188 -42.06 -16.18 44.05
C PRO I 188 -40.94 -17.14 44.45
N MET I 189 -40.37 -17.80 43.44
CA MET I 189 -39.32 -18.81 43.57
C MET I 189 -37.96 -18.24 43.97
N LEU I 190 -37.73 -16.97 43.68
CA LEU I 190 -36.53 -16.32 44.20
C LEU I 190 -36.91 -15.41 45.38
N ALA I 191 -36.68 -15.97 46.58
CA ALA I 191 -37.01 -15.27 47.80
C ALA I 191 -36.39 -13.89 47.77
N ALA I 192 -37.25 -12.89 47.57
CA ALA I 192 -36.82 -11.51 47.36
C ALA I 192 -36.18 -10.90 48.62
N GLY I 193 -35.34 -11.71 49.29
CA GLY I 193 -34.49 -11.24 50.37
C GLY I 193 -33.26 -10.54 49.80
N ASN I 194 -32.30 -11.31 49.30
CA ASN I 194 -31.09 -10.75 48.66
C ASN I 194 -31.19 -10.69 47.12
N CYS I 195 -32.36 -11.06 46.59
CA CYS I 195 -32.64 -11.04 45.15
C CYS I 195 -33.72 -10.02 44.80
N VAL I 196 -33.46 -9.23 43.76
CA VAL I 196 -34.45 -8.33 43.25
C VAL I 196 -34.77 -8.80 41.84
N ALA I 197 -36.00 -8.55 41.38
CA ALA I 197 -36.36 -8.99 40.05
C ALA I 197 -37.04 -7.91 39.26
N ILE I 198 -36.46 -7.59 38.10
CA ILE I 198 -37.08 -6.63 37.19
C ILE I 198 -37.80 -7.38 36.08
N GLU I 199 -39.02 -6.91 35.80
CA GLU I 199 -39.91 -7.50 34.80
C GLU I 199 -40.15 -6.51 33.67
N SER I 200 -40.56 -7.03 32.53
CA SER I 200 -41.04 -6.25 31.39
C SER I 200 -41.52 -7.30 30.39
N PRO I 201 -42.42 -6.91 29.48
CA PRO I 201 -42.91 -7.81 28.45
C PRO I 201 -41.77 -8.24 27.57
N HIS I 202 -41.90 -9.43 26.99
CA HIS I 202 -40.83 -10.11 26.27
C HIS I 202 -40.26 -9.24 25.12
N PRO I 203 -38.94 -9.35 24.85
CA PRO I 203 -38.40 -8.47 23.82
C PRO I 203 -38.83 -8.92 22.44
N SER I 204 -39.64 -9.99 22.38
CA SER I 204 -40.22 -10.43 21.13
C SER I 204 -40.89 -9.21 20.51
N PRO I 205 -40.85 -9.12 19.17
CA PRO I 205 -41.45 -8.02 18.42
C PRO I 205 -42.95 -7.84 18.70
N LEU I 206 -43.65 -8.91 19.06
CA LEU I 206 -45.08 -8.78 19.34
C LEU I 206 -45.31 -7.89 20.54
N SER I 207 -44.38 -7.90 21.49
CA SER I 207 -44.55 -7.17 22.74
C SER I 207 -43.44 -6.19 23.09
N ALA I 208 -42.43 -6.10 22.26
CA ALA I 208 -41.24 -5.36 22.66
C ALA I 208 -41.57 -3.92 22.98
N SER I 209 -42.37 -3.28 22.12
CA SER I 209 -42.64 -1.84 22.25
C SER I 209 -43.69 -1.58 23.31
N ARG I 210 -44.50 -2.60 23.61
CA ARG I 210 -45.44 -2.57 24.72
C ARG I 210 -44.74 -2.48 26.07
N GLY I 211 -43.46 -2.16 26.09
CA GLY I 211 -42.81 -1.92 27.35
C GLY I 211 -41.48 -2.55 27.69
N PHE I 212 -41.02 -3.50 26.87
CA PHE I 212 -39.62 -3.95 26.97
C PHE I 212 -38.70 -2.76 26.67
N PHE I 213 -38.96 -2.10 25.55
CA PHE I 213 -38.21 -0.92 25.20
C PHE I 213 -38.35 0.14 26.27
N GLY I 214 -37.21 0.75 26.60
CA GLY I 214 -37.14 1.75 27.65
C GLY I 214 -37.11 1.17 29.06
N SER I 215 -37.10 -0.17 29.17
CA SER I 215 -37.02 -0.83 30.48
C SER I 215 -35.64 -0.70 31.11
N ARG I 216 -34.67 -0.33 30.27
CA ARG I 216 -33.24 -0.21 30.59
C ARG I 216 -32.72 -1.34 31.50
N PRO I 217 -32.97 -2.62 31.09
CA PRO I 217 -32.69 -3.75 31.99
C PRO I 217 -31.20 -3.86 32.36
N PHE I 218 -30.31 -3.50 31.44
CA PHE I 218 -28.87 -3.68 31.64
C PHE I 218 -28.24 -2.76 32.68
N SER I 219 -28.43 -1.45 32.55
CA SER I 219 -27.94 -0.52 33.57
C SER I 219 -28.74 -0.67 34.88
N ARG I 220 -30.07 -0.77 34.78
CA ARG I 220 -30.91 -1.02 35.95
C ARG I 220 -30.39 -2.24 36.76
N ALA I 221 -30.13 -3.34 36.06
CA ALA I 221 -29.60 -4.53 36.72
C ALA I 221 -28.30 -4.20 37.45
N ASN I 222 -27.43 -3.45 36.78
CA ASN I 222 -26.15 -3.10 37.37
C ASN I 222 -26.34 -2.22 38.58
N GLU I 223 -27.19 -1.22 38.44
CA GLU I 223 -27.39 -0.26 39.50
C GLU I 223 -27.92 -1.00 40.73
N LEU I 224 -28.84 -1.94 40.48
CA LEU I 224 -29.27 -2.88 41.51
C LEU I 224 -28.11 -3.61 42.17
N LEU I 225 -27.17 -4.12 41.37
CA LEU I 225 -26.07 -4.90 41.93
C LEU I 225 -25.16 -4.02 42.76
N VAL I 226 -24.69 -2.90 42.20
CA VAL I 226 -23.94 -1.93 42.96
C VAL I 226 -24.75 -1.62 44.22
N GLY I 227 -26.02 -1.26 44.03
CA GLY I 227 -26.91 -0.96 45.14
C GLY I 227 -26.85 -1.97 46.24
N MET I 228 -26.60 -3.24 45.88
CA MET I 228 -26.49 -4.35 46.85
C MET I 228 -25.05 -4.68 47.29
N GLY I 229 -24.11 -3.81 46.91
CA GLY I 229 -22.68 -3.94 47.23
C GLY I 229 -21.95 -4.97 46.38
N ALA I 230 -22.47 -5.24 45.18
CA ALA I 230 -21.81 -6.19 44.29
C ALA I 230 -21.22 -5.51 43.04
N GLU I 231 -20.44 -6.27 42.26
CA GLU I 231 -19.80 -5.75 41.04
C GLU I 231 -20.81 -5.71 39.91
N PRO I 232 -20.79 -4.63 39.09
CA PRO I 232 -21.72 -4.56 37.95
C PRO I 232 -21.24 -5.46 36.83
N ILE I 233 -22.16 -5.89 35.98
CA ILE I 233 -21.80 -6.64 34.79
C ILE I 233 -21.14 -5.72 33.73
N ASP I 234 -20.00 -6.13 33.16
CA ASP I 234 -19.44 -5.42 32.00
C ASP I 234 -20.46 -5.29 30.86
N TRP I 235 -21.19 -6.35 30.51
CA TRP I 235 -22.00 -6.31 29.28
C TRP I 235 -20.96 -6.04 28.18
N ARG I 236 -21.29 -5.35 27.09
CA ARG I 236 -20.29 -4.94 26.08
C ARG I 236 -19.62 -6.06 25.29
N LEU I 237 -19.93 -6.12 23.99
CA LEU I 237 -19.52 -7.29 23.20
C LEU I 237 -19.04 -7.11 21.73
N PRO I 238 -19.40 -5.98 21.07
CA PRO I 238 -19.19 -5.89 19.62
C PRO I 238 -18.24 -6.94 19.14
N ASN J 3 -43.70 -29.28 8.26
CA ASN J 3 -43.24 -27.87 8.18
C ASN J 3 -44.39 -26.91 8.51
N LEU J 4 -44.23 -26.22 9.64
CA LEU J 4 -45.23 -25.29 10.12
C LEU J 4 -45.21 -23.98 9.33
N SER J 5 -43.99 -23.54 8.94
CA SER J 5 -43.79 -22.30 8.17
C SER J 5 -44.33 -22.40 6.73
N ASP J 6 -44.77 -23.59 6.35
CA ASP J 6 -45.50 -23.82 5.09
C ASP J 6 -46.81 -23.05 5.08
N ILE J 7 -47.34 -22.79 6.29
CA ILE J 7 -48.60 -22.05 6.43
C ILE J 7 -48.39 -20.51 6.44
N ILE J 8 -47.14 -20.07 6.51
CA ILE J 8 -46.80 -18.66 6.29
C ILE J 8 -46.59 -18.40 4.80
N GLU J 9 -45.80 -19.26 4.16
CA GLU J 9 -45.63 -19.24 2.72
C GLU J 9 -46.98 -19.34 2.00
N LYS J 10 -47.98 -19.89 2.69
CA LYS J 10 -49.33 -19.99 2.17
C LYS J 10 -50.04 -18.63 2.22
N GLU J 11 -50.21 -18.10 3.44
CA GLU J 11 -50.96 -16.87 3.67
C GLU J 11 -50.27 -15.63 3.12
N THR J 12 -48.93 -15.68 3.07
CA THR J 12 -48.14 -14.54 2.60
C THR J 12 -47.23 -14.85 1.41
N GLY J 13 -47.19 -16.12 1.02
CA GLY J 13 -46.39 -16.54 -0.14
C GLY J 13 -44.93 -16.14 -0.06
N LYS J 14 -44.32 -16.38 1.11
CA LYS J 14 -42.94 -15.95 1.36
C LYS J 14 -42.05 -17.06 1.97
N GLN J 15 -40.85 -17.19 1.43
CA GLN J 15 -39.95 -18.27 1.83
C GLN J 15 -39.15 -17.91 3.08
N LEU J 16 -39.78 -18.10 4.24
CA LEU J 16 -39.17 -17.69 5.51
C LEU J 16 -38.96 -18.82 6.53
N VAL J 17 -37.93 -18.66 7.35
CA VAL J 17 -37.59 -19.63 8.40
C VAL J 17 -37.99 -19.09 9.78
N ILE J 18 -38.79 -19.88 10.51
CA ILE J 18 -39.09 -19.57 11.92
C ILE J 18 -37.83 -19.61 12.78
N GLN J 19 -37.63 -18.58 13.57
CA GLN J 19 -36.42 -18.47 14.38
C GLN J 19 -36.69 -18.63 15.85
N GLU J 20 -37.83 -18.13 16.29
CA GLU J 20 -38.18 -18.14 17.71
C GLU J 20 -39.67 -18.36 17.90
N SER J 21 -40.00 -19.04 18.98
CA SER J 21 -41.37 -19.34 19.31
C SER J 21 -41.62 -19.05 20.78
N ILE J 22 -42.14 -17.85 21.04
CA ILE J 22 -42.31 -17.37 22.39
C ILE J 22 -43.71 -17.65 22.92
N LEU J 23 -43.77 -18.25 24.11
CA LEU J 23 -45.02 -18.51 24.79
C LEU J 23 -45.44 -17.28 25.57
N MET J 24 -46.66 -16.85 25.30
CA MET J 24 -47.30 -15.75 26.01
C MET J 24 -48.68 -16.19 26.45
N LEU J 25 -49.14 -15.62 27.58
CA LEU J 25 -50.47 -15.88 28.10
C LEU J 25 -51.49 -15.02 27.34
N PRO J 26 -52.79 -15.39 27.39
CA PRO J 26 -53.80 -14.60 26.65
C PRO J 26 -53.81 -13.11 27.03
N GLU J 27 -53.53 -12.81 28.30
CA GLU J 27 -53.52 -11.45 28.84
C GLU J 27 -52.53 -10.51 28.13
N GLU J 28 -51.38 -11.04 27.71
CA GLU J 28 -50.39 -10.27 26.94
C GLU J 28 -50.91 -9.99 25.53
N VAL J 29 -51.41 -11.06 24.87
CA VAL J 29 -51.81 -11.04 23.45
C VAL J 29 -53.04 -10.20 23.17
N GLU J 30 -54.06 -10.35 24.02
CA GLU J 30 -55.29 -9.57 23.91
C GLU J 30 -54.96 -8.11 23.71
N GLU J 31 -53.98 -7.64 24.49
CA GLU J 31 -53.57 -6.25 24.49
C GLU J 31 -53.12 -5.74 23.12
N VAL J 32 -52.49 -6.61 22.31
CA VAL J 32 -51.87 -6.17 21.04
C VAL J 32 -52.70 -6.51 19.81
N ILE J 33 -53.47 -7.58 19.90
CA ILE J 33 -54.31 -8.04 18.79
C ILE J 33 -55.76 -7.59 18.93
N GLY J 34 -56.24 -7.48 20.18
CA GLY J 34 -57.63 -7.11 20.42
C GLY J 34 -58.57 -8.29 20.36
N ASN J 35 -58.06 -9.46 20.74
CA ASN J 35 -58.87 -10.69 20.85
C ASN J 35 -58.26 -11.69 21.85
N LYS J 36 -58.79 -11.75 23.07
CA LYS J 36 -58.27 -12.69 24.09
C LYS J 36 -58.47 -14.16 23.66
N PRO J 37 -57.36 -14.90 23.40
CA PRO J 37 -57.41 -16.28 22.91
C PRO J 37 -57.81 -17.32 23.94
N GLU J 38 -58.10 -18.53 23.45
CA GLU J 38 -58.53 -19.67 24.25
C GLU J 38 -57.53 -19.95 25.37
N SER J 39 -56.37 -20.47 24.98
CA SER J 39 -55.30 -20.75 25.92
C SER J 39 -54.05 -19.99 25.50
N ASP J 40 -52.93 -20.33 26.13
CA ASP J 40 -51.65 -19.67 25.88
C ASP J 40 -51.24 -19.77 24.41
N ILE J 41 -50.52 -18.74 23.94
CA ILE J 41 -50.12 -18.67 22.54
C ILE J 41 -48.59 -18.60 22.30
N LEU J 42 -48.15 -19.27 21.24
CA LEU J 42 -46.76 -19.24 20.81
C LEU J 42 -46.60 -18.23 19.71
N VAL J 43 -45.81 -17.20 19.97
CA VAL J 43 -45.55 -16.20 18.95
C VAL J 43 -44.33 -16.62 18.13
N HIS J 44 -44.61 -17.32 17.02
CA HIS J 44 -43.57 -17.71 16.06
C HIS J 44 -43.18 -16.51 15.24
N THR J 45 -41.88 -16.21 15.22
CA THR J 45 -41.41 -15.03 14.56
C THR J 45 -40.38 -15.43 13.53
N ALA J 46 -40.62 -14.99 12.30
CA ALA J 46 -39.67 -15.18 11.22
C ALA J 46 -39.39 -13.81 10.65
N TYR J 47 -38.14 -13.59 10.26
CA TYR J 47 -37.77 -12.30 9.71
C TYR J 47 -37.53 -12.34 8.21
N ASP J 48 -37.98 -11.27 7.55
CA ASP J 48 -37.86 -11.09 6.10
C ASP J 48 -36.78 -10.04 5.79
N GLU J 49 -35.57 -10.51 5.49
CA GLU J 49 -34.46 -9.63 5.15
C GLU J 49 -34.58 -9.15 3.70
N SER J 50 -35.73 -8.49 3.40
CA SER J 50 -35.97 -7.90 2.08
C SER J 50 -37.05 -6.81 2.20
N THR J 51 -38.14 -7.15 2.90
CA THR J 51 -39.25 -6.21 3.14
C THR J 51 -39.07 -5.46 4.46
N ASP J 52 -38.01 -5.82 5.19
CA ASP J 52 -37.77 -5.35 6.56
C ASP J 52 -39.06 -5.42 7.38
N GLU J 53 -39.65 -6.62 7.41
CA GLU J 53 -40.89 -6.89 8.12
C GLU J 53 -40.74 -8.12 9.00
N ASN J 54 -41.08 -7.99 10.28
CA ASN J 54 -41.18 -9.15 11.14
C ASN J 54 -42.53 -9.85 10.89
N VAL J 55 -42.47 -11.14 10.59
CA VAL J 55 -43.64 -11.90 10.20
C VAL J 55 -43.93 -12.94 11.26
N MET J 56 -45.01 -12.72 12.01
CA MET J 56 -45.28 -13.53 13.19
C MET J 56 -46.54 -14.36 13.01
N LEU J 57 -46.43 -15.62 13.41
CA LEU J 57 -47.56 -16.55 13.35
C LEU J 57 -47.88 -17.06 14.74
N LEU J 58 -49.10 -16.76 15.19
CA LEU J 58 -49.51 -17.12 16.54
C LEU J 58 -50.34 -18.40 16.50
N THR J 59 -49.89 -19.39 17.26
CA THR J 59 -50.60 -20.68 17.38
C THR J 59 -50.84 -21.05 18.85
N SER J 60 -51.69 -22.06 19.06
CA SER J 60 -51.90 -22.62 20.39
C SER J 60 -50.63 -23.32 20.88
N ASP J 61 -50.70 -23.83 22.10
CA ASP J 61 -49.57 -24.43 22.80
C ASP J 61 -48.84 -25.59 22.06
N ALA J 62 -47.92 -26.21 22.83
CA ALA J 62 -47.00 -27.23 22.33
C ALA J 62 -47.62 -28.38 21.50
N PRO J 63 -48.48 -29.22 22.13
CA PRO J 63 -48.88 -30.50 21.52
C PRO J 63 -49.46 -30.41 20.10
N GLU J 64 -50.50 -29.62 19.91
CA GLU J 64 -51.05 -29.37 18.58
C GLU J 64 -50.93 -27.91 18.19
N TYR J 65 -50.09 -27.62 17.20
CA TYR J 65 -49.82 -26.23 16.80
C TYR J 65 -50.96 -25.67 15.94
N LYS J 66 -52.08 -25.33 16.56
CA LYS J 66 -53.27 -24.85 15.83
C LYS J 66 -53.19 -23.34 15.60
N PRO J 67 -53.11 -22.92 14.32
CA PRO J 67 -53.01 -21.51 13.91
C PRO J 67 -54.07 -20.62 14.58
N TRP J 68 -53.81 -19.31 14.63
CA TRP J 68 -54.70 -18.40 15.36
C TRP J 68 -54.68 -16.98 14.80
N ALA J 69 -53.52 -16.53 14.34
CA ALA J 69 -53.36 -15.19 13.77
C ALA J 69 -52.11 -15.07 12.93
N LEU J 70 -52.06 -14.02 12.10
CA LEU J 70 -50.83 -13.65 11.43
C LEU J 70 -50.65 -12.14 11.51
N VAL J 71 -49.56 -11.74 12.18
CA VAL J 71 -49.21 -10.33 12.27
C VAL J 71 -48.10 -10.03 11.29
N ILE J 72 -48.15 -8.85 10.67
CA ILE J 72 -47.03 -8.38 9.86
C ILE J 72 -46.60 -7.00 10.34
N GLN J 73 -45.43 -6.96 10.98
CA GLN J 73 -44.91 -5.73 11.60
C GLN J 73 -43.89 -5.07 10.68
N ASP J 74 -44.16 -3.82 10.29
CA ASP J 74 -43.22 -3.10 9.44
C ASP J 74 -42.13 -2.36 10.22
N SER J 75 -41.14 -1.86 9.49
CA SER J 75 -40.02 -1.10 10.05
C SER J 75 -40.44 0.11 10.92
N ASN J 76 -41.75 0.40 10.93
CA ASN J 76 -42.33 1.45 11.78
C ASN J 76 -42.92 0.90 13.08
N GLY J 77 -43.42 -0.33 13.01
CA GLY J 77 -43.99 -1.00 14.17
C GLY J 77 -45.49 -1.26 14.05
N GLU J 78 -46.10 -0.82 12.94
CA GLU J 78 -47.53 -1.02 12.74
C GLU J 78 -47.83 -2.38 12.14
N ASN J 79 -48.82 -3.04 12.73
CA ASN J 79 -49.15 -4.42 12.38
C ASN J 79 -50.36 -4.50 11.47
N LYS J 80 -50.29 -5.42 10.51
CA LYS J 80 -51.46 -5.77 9.70
C LYS J 80 -52.00 -7.09 10.22
N ILE J 81 -52.82 -7.01 11.26
CA ILE J 81 -53.40 -8.21 11.85
C ILE J 81 -54.55 -8.74 10.99
N LYS J 82 -54.68 -10.06 10.92
CA LYS J 82 -55.82 -10.73 10.29
C LYS J 82 -55.92 -12.11 10.97
N MET J 83 -57.04 -12.32 11.75
CA MET J 83 -57.21 -13.57 12.52
C MET J 83 -57.13 -14.85 11.64
N LEU J 84 -57.34 -16.04 12.24
CA LEU J 84 -57.22 -17.31 11.51
C LEU J 84 -58.13 -18.44 12.07
N ALA K 14 -7.82 57.17 -9.04
CA ALA K 14 -7.09 58.51 -9.23
C ALA K 14 -6.20 58.45 -10.47
N ARG K 15 -5.00 59.06 -10.36
CA ARG K 15 -4.12 59.13 -11.51
C ARG K 15 -2.69 58.61 -11.22
N PRO K 16 -2.00 59.17 -10.20
CA PRO K 16 -0.58 58.80 -10.03
C PRO K 16 -0.44 57.40 -9.43
N LEU K 17 0.58 56.67 -9.90
CA LEU K 17 0.80 55.28 -9.49
C LEU K 17 0.96 55.10 -8.00
N SER K 18 1.70 56.01 -7.36
CA SER K 18 2.01 55.96 -5.92
C SER K 18 0.77 55.87 -5.04
N GLU K 19 -0.38 56.26 -5.61
CA GLU K 19 -1.68 56.26 -4.94
C GLU K 19 -2.55 55.04 -5.29
N LEU K 20 -2.18 54.30 -6.33
CA LEU K 20 -2.98 53.18 -6.83
C LEU K 20 -2.47 51.79 -6.45
N VAL K 21 -1.16 51.69 -6.22
CA VAL K 21 -0.53 50.41 -5.92
C VAL K 21 0.55 50.56 -4.86
N GLU K 22 1.08 49.43 -4.40
CA GLU K 22 1.59 49.31 -3.04
C GLU K 22 2.85 50.13 -2.85
N ARG K 23 3.26 50.83 -3.91
CA ARG K 23 4.67 51.16 -4.09
C ARG K 23 5.55 49.91 -4.11
N GLY K 24 6.82 50.09 -4.44
CA GLY K 24 7.63 49.00 -4.95
C GLY K 24 6.99 48.33 -6.16
N TRP K 25 5.67 48.22 -6.14
CA TRP K 25 4.89 48.19 -7.37
C TRP K 25 4.88 49.56 -8.05
N ALA K 26 4.86 50.61 -7.23
CA ALA K 26 5.24 51.95 -7.71
C ALA K 26 6.48 51.89 -8.59
N ALA K 27 7.59 51.45 -8.00
CA ALA K 27 8.82 51.23 -8.76
C ALA K 27 8.58 50.29 -9.94
N ALA K 28 8.29 49.03 -9.63
CA ALA K 28 8.11 48.01 -10.66
C ALA K 28 7.44 48.60 -11.90
N LEU K 29 6.34 49.33 -11.69
CA LEU K 29 5.38 49.57 -12.75
C LEU K 29 5.62 50.92 -13.42
N GLU K 30 6.49 51.72 -12.81
CA GLU K 30 6.76 53.08 -13.31
C GLU K 30 6.82 53.19 -14.86
N PRO K 31 7.57 52.29 -15.56
CA PRO K 31 7.57 52.18 -17.05
C PRO K 31 6.18 52.21 -17.74
N VAL K 32 5.17 51.65 -17.10
CA VAL K 32 3.86 51.58 -17.72
C VAL K 32 2.90 52.61 -17.15
N ALA K 33 3.40 53.45 -16.25
CA ALA K 33 2.62 54.55 -15.63
C ALA K 33 1.62 55.21 -16.58
N ASP K 34 2.14 55.71 -17.70
CA ASP K 34 1.32 56.30 -18.74
C ASP K 34 0.37 55.29 -19.37
N GLN K 35 0.78 54.02 -19.42
CA GLN K 35 -0.06 52.98 -20.00
C GLN K 35 -1.25 52.59 -19.12
N VAL K 36 -1.03 52.50 -17.81
CA VAL K 36 -2.14 52.22 -16.87
C VAL K 36 -3.11 53.40 -16.81
N ALA K 37 -2.54 54.60 -16.91
CA ALA K 37 -3.34 55.81 -17.03
C ALA K 37 -4.26 55.71 -18.24
N HIS K 38 -3.67 55.36 -19.38
CA HIS K 38 -4.43 55.15 -20.61
C HIS K 38 -5.62 54.25 -20.30
N MET K 39 -5.36 53.17 -19.57
CA MET K 39 -6.37 52.19 -19.26
C MET K 39 -7.50 52.81 -18.47
N GLY K 40 -7.14 53.56 -17.43
CA GLY K 40 -8.12 54.36 -16.70
C GLY K 40 -9.03 55.06 -17.69
N GLN K 41 -8.43 55.93 -18.53
CA GLN K 41 -9.16 56.72 -19.54
C GLN K 41 -10.15 55.84 -20.35
N PHE K 42 -9.68 54.66 -20.75
CA PHE K 42 -10.44 53.68 -21.54
C PHE K 42 -11.67 53.17 -20.81
N LEU K 43 -11.47 52.78 -19.56
CA LEU K 43 -12.55 52.37 -18.68
C LEU K 43 -13.60 53.47 -18.52
N ARG K 44 -13.16 54.69 -18.17
CA ARG K 44 -14.08 55.80 -18.02
C ARG K 44 -14.85 56.00 -19.33
N ALA K 45 -14.12 55.99 -20.44
CA ALA K 45 -14.74 56.04 -21.76
C ALA K 45 -15.80 54.94 -21.92
N GLU K 46 -15.51 53.76 -21.36
CA GLU K 46 -16.42 52.63 -21.43
C GLU K 46 -17.73 52.90 -20.69
N ILE K 47 -17.63 53.45 -19.48
CA ILE K 47 -18.83 53.80 -18.72
C ILE K 47 -19.66 54.82 -19.49
N ALA K 48 -19.07 55.98 -19.79
CA ALA K 48 -19.75 57.03 -20.56
C ALA K 48 -20.51 56.47 -21.77
N ALA K 49 -19.89 55.53 -22.47
CA ALA K 49 -20.45 54.88 -23.67
C ALA K 49 -21.66 53.97 -23.41
N GLY K 50 -22.16 53.95 -22.17
CA GLY K 50 -23.35 53.18 -21.81
C GLY K 50 -23.12 51.77 -21.28
N ARG K 51 -21.89 51.27 -21.42
CA ARG K 51 -21.54 49.89 -21.03
C ARG K 51 -20.62 49.85 -19.81
N ARG K 52 -20.72 48.79 -19.01
CA ARG K 52 -19.92 48.68 -17.80
C ARG K 52 -18.96 47.49 -17.82
N TYR K 53 -17.76 47.69 -17.26
CA TYR K 53 -16.79 46.61 -17.11
C TYR K 53 -17.02 45.91 -15.79
N LEU K 54 -16.55 44.68 -15.68
CA LEU K 54 -16.91 43.85 -14.54
C LEU K 54 -15.93 43.78 -13.33
N PRO K 55 -14.61 43.65 -13.55
CA PRO K 55 -13.66 43.49 -12.44
C PRO K 55 -13.82 44.47 -11.29
N ALA K 56 -14.63 45.52 -11.48
CA ALA K 56 -15.09 46.45 -10.41
C ALA K 56 -14.06 47.44 -9.83
N GLY K 57 -14.23 48.71 -10.22
CA GLY K 57 -13.30 49.80 -9.91
C GLY K 57 -12.11 49.47 -9.01
N SER K 58 -12.33 49.61 -7.70
CA SER K 58 -11.23 49.46 -6.74
C SER K 58 -10.49 48.11 -6.79
N ASN K 59 -11.11 47.09 -7.39
CA ASN K 59 -10.48 45.78 -7.43
C ASN K 59 -9.67 45.49 -8.68
N VAL K 60 -9.79 46.35 -9.68
CA VAL K 60 -9.05 46.17 -10.92
C VAL K 60 -7.57 45.91 -10.67
N LEU K 61 -6.93 46.80 -9.91
CA LEU K 61 -5.50 46.68 -9.59
C LEU K 61 -5.20 46.05 -8.23
N ARG K 62 -6.20 45.43 -7.62
CA ARG K 62 -6.05 44.82 -6.28
C ARG K 62 -4.82 43.93 -6.21
N ALA K 63 -4.63 43.15 -7.27
CA ALA K 63 -3.53 42.21 -7.36
C ALA K 63 -2.22 42.88 -6.95
N PHE K 64 -2.09 44.17 -7.28
CA PHE K 64 -0.89 44.99 -6.99
C PHE K 64 -0.94 45.78 -5.66
N THR K 65 -1.83 45.44 -4.75
CA THR K 65 -1.85 46.15 -3.46
C THR K 65 -1.04 45.36 -2.44
N PHE K 66 -0.79 44.10 -2.75
CA PHE K 66 -0.01 43.27 -1.87
C PHE K 66 1.45 43.55 -2.17
N PRO K 67 2.32 43.47 -1.14
CA PRO K 67 3.71 43.88 -1.29
C PRO K 67 4.39 43.18 -2.45
N PHE K 68 5.12 43.98 -3.23
CA PHE K 68 5.89 43.52 -4.37
C PHE K 68 7.02 42.63 -3.88
N ASP K 69 7.86 43.19 -3.00
CA ASP K 69 9.01 42.47 -2.46
C ASP K 69 8.67 41.08 -1.88
N ASN K 70 7.41 40.89 -1.46
CA ASN K 70 7.02 39.65 -0.78
C ASN K 70 6.46 38.51 -1.67
N VAL K 71 6.18 38.84 -2.93
CA VAL K 71 5.73 37.89 -3.96
C VAL K 71 6.74 36.76 -4.17
N ARG K 72 6.29 35.52 -4.01
CA ARG K 72 7.16 34.38 -4.24
C ARG K 72 6.60 33.44 -5.28
N VAL K 73 5.28 33.48 -5.47
CA VAL K 73 4.65 32.68 -6.52
C VAL K 73 3.73 33.49 -7.43
N LEU K 74 3.92 33.31 -8.75
CA LEU K 74 3.03 33.86 -9.77
C LEU K 74 2.10 32.81 -10.36
N ILE K 75 0.81 33.12 -10.41
CA ILE K 75 -0.14 32.21 -11.00
C ILE K 75 -0.95 33.10 -11.90
N VAL K 76 -0.60 33.07 -13.18
CA VAL K 76 -1.27 33.90 -14.19
C VAL K 76 -2.60 33.35 -14.67
N GLY K 77 -3.60 34.22 -14.74
CA GLY K 77 -4.86 33.86 -15.35
C GLY K 77 -4.99 34.60 -16.67
N GLN K 78 -6.12 34.45 -17.35
CA GLN K 78 -6.34 35.20 -18.59
C GLN K 78 -7.00 36.55 -18.28
N ASP K 79 -8.30 36.66 -18.57
CA ASP K 79 -9.08 37.84 -18.19
C ASP K 79 -10.00 37.44 -17.02
N PRO K 80 -10.66 38.43 -16.40
CA PRO K 80 -11.52 38.10 -15.25
C PRO K 80 -12.77 37.28 -15.62
N TYR K 81 -13.44 36.74 -14.60
CA TYR K 81 -14.69 36.00 -14.78
C TYR K 81 -15.81 36.87 -15.39
N PRO K 82 -16.50 36.35 -16.41
CA PRO K 82 -17.49 37.08 -17.21
C PRO K 82 -18.77 37.41 -16.47
N THR K 83 -19.10 36.64 -15.45
CA THR K 83 -20.37 36.77 -14.77
C THR K 83 -20.26 37.70 -13.55
N PRO K 84 -21.21 38.65 -13.39
CA PRO K 84 -21.16 39.66 -12.33
C PRO K 84 -21.10 39.08 -10.94
N GLY K 85 -20.27 39.71 -10.11
CA GLY K 85 -20.10 39.32 -8.72
C GLY K 85 -19.21 38.11 -8.48
N HIS K 86 -18.55 37.64 -9.55
CA HIS K 86 -17.62 36.51 -9.42
C HIS K 86 -16.20 37.05 -9.30
N ALA K 87 -15.69 37.61 -10.41
CA ALA K 87 -14.35 38.18 -10.46
C ALA K 87 -14.15 39.08 -9.24
N VAL K 88 -13.07 38.85 -8.53
CA VAL K 88 -12.83 39.54 -7.26
C VAL K 88 -11.57 40.39 -7.40
N GLY K 89 -11.05 40.46 -8.64
CA GLY K 89 -9.83 41.22 -8.93
C GLY K 89 -8.53 40.47 -8.62
N LEU K 90 -8.59 39.14 -8.78
CA LEU K 90 -7.50 38.21 -8.49
C LEU K 90 -7.64 36.95 -9.37
N SER K 91 -6.51 36.40 -9.82
CA SER K 91 -6.48 35.18 -10.63
C SER K 91 -7.32 34.10 -10.00
N PHE K 92 -8.24 33.54 -10.80
CA PHE K 92 -9.03 32.34 -10.47
C PHE K 92 -9.98 32.48 -9.26
N SER K 93 -9.56 33.25 -8.25
CA SER K 93 -10.37 33.46 -7.04
C SER K 93 -11.73 34.04 -7.36
N VAL K 94 -12.68 33.70 -6.50
CA VAL K 94 -14.01 34.30 -6.54
C VAL K 94 -14.41 34.78 -5.16
N ALA K 95 -15.56 35.46 -5.12
CA ALA K 95 -16.11 35.97 -3.88
C ALA K 95 -16.74 34.81 -3.09
N PRO K 96 -16.67 34.89 -1.75
CA PRO K 96 -17.17 33.86 -0.85
C PRO K 96 -18.64 33.47 -1.01
N ASP K 97 -19.47 34.38 -1.53
CA ASP K 97 -20.89 34.07 -1.75
C ASP K 97 -21.14 33.20 -2.99
N VAL K 98 -20.14 33.12 -3.88
CA VAL K 98 -20.26 32.39 -5.15
C VAL K 98 -20.36 30.89 -4.89
N ARG K 99 -21.56 30.32 -5.04
CA ARG K 99 -21.75 28.91 -4.66
C ARG K 99 -21.30 27.89 -5.73
N PRO K 100 -22.10 27.64 -6.79
CA PRO K 100 -21.50 26.62 -7.68
C PRO K 100 -20.29 27.32 -8.29
N TRP K 101 -19.08 26.92 -7.89
CA TRP K 101 -17.91 27.71 -8.28
C TRP K 101 -17.25 27.26 -9.57
N PRO K 102 -16.63 28.19 -10.31
CA PRO K 102 -16.02 27.89 -11.61
C PRO K 102 -15.24 26.59 -11.68
N ARG K 103 -15.64 25.70 -12.58
CA ARG K 103 -15.06 24.38 -12.63
C ARG K 103 -13.54 24.35 -12.70
N SER K 104 -12.94 25.37 -13.30
CA SER K 104 -11.48 25.46 -13.29
C SER K 104 -10.99 25.54 -11.86
N LEU K 105 -11.55 26.47 -11.11
CA LEU K 105 -11.23 26.62 -9.71
C LEU K 105 -11.54 25.31 -8.96
N ALA K 106 -12.71 24.73 -9.27
CA ALA K 106 -13.13 23.45 -8.69
C ALA K 106 -12.03 22.42 -8.83
N ASN K 107 -11.66 22.17 -10.09
CA ASN K 107 -10.54 21.31 -10.42
C ASN K 107 -9.25 21.68 -9.72
N ILE K 108 -8.90 22.96 -9.68
CA ILE K 108 -7.70 23.35 -8.96
C ILE K 108 -7.77 22.76 -7.55
N PHE K 109 -8.85 23.07 -6.86
CA PHE K 109 -8.94 22.65 -5.47
C PHE K 109 -8.74 21.16 -5.29
N ASP K 110 -9.32 20.37 -6.19
CA ASP K 110 -9.17 18.92 -6.12
C ASP K 110 -7.70 18.52 -6.17
N GLU K 111 -6.97 19.03 -7.15
CA GLU K 111 -5.54 18.85 -7.19
C GLU K 111 -4.87 19.36 -5.92
N TYR K 112 -5.43 20.44 -5.35
CA TYR K 112 -4.97 20.97 -4.07
C TYR K 112 -5.14 19.94 -2.92
N THR K 113 -6.36 19.40 -2.77
CA THR K 113 -6.63 18.42 -1.72
C THR K 113 -5.79 17.19 -1.95
N ALA K 114 -5.56 16.83 -3.20
CA ALA K 114 -4.75 15.65 -3.49
C ALA K 114 -3.26 15.90 -3.13
N ASP K 115 -2.76 17.05 -3.58
CA ASP K 115 -1.36 17.44 -3.38
C ASP K 115 -1.01 17.61 -1.91
N LEU K 116 -1.71 18.50 -1.21
CA LEU K 116 -1.47 18.70 0.21
C LEU K 116 -2.47 17.88 1.00
N GLY K 117 -2.14 17.54 2.25
CA GLY K 117 -3.06 16.76 3.06
C GLY K 117 -4.36 17.46 3.46
N TYR K 118 -4.53 18.72 3.00
CA TYR K 118 -5.63 19.56 3.48
C TYR K 118 -7.01 19.09 2.99
N PRO K 119 -8.08 19.51 3.69
CA PRO K 119 -9.45 19.23 3.27
C PRO K 119 -9.91 20.27 2.25
N LEU K 120 -10.98 19.97 1.52
CA LEU K 120 -11.56 20.93 0.59
C LEU K 120 -11.83 22.29 1.24
N PRO K 121 -11.51 23.39 0.55
CA PRO K 121 -11.82 24.74 1.02
C PRO K 121 -13.31 25.01 1.17
N SER K 122 -13.67 25.90 2.09
CA SER K 122 -15.10 26.19 2.33
C SER K 122 -15.70 27.12 1.28
N ASN K 123 -14.87 28.01 0.72
CA ASN K 123 -15.30 28.94 -0.34
C ASN K 123 -14.20 29.13 -1.39
N GLY K 124 -14.54 29.84 -2.46
CA GLY K 124 -13.59 30.10 -3.53
C GLY K 124 -12.75 31.36 -3.31
N ASP K 125 -12.67 31.78 -2.06
CA ASP K 125 -11.93 32.98 -1.70
C ASP K 125 -10.44 32.70 -1.52
N LEU K 126 -9.65 33.06 -2.52
CA LEU K 126 -8.21 32.88 -2.49
C LEU K 126 -7.42 34.03 -1.83
N THR K 127 -8.11 35.06 -1.35
CA THR K 127 -7.42 36.19 -0.73
C THR K 127 -6.23 35.76 0.15
N PRO K 128 -6.44 34.79 1.07
CA PRO K 128 -5.28 34.44 1.91
C PRO K 128 -3.98 34.14 1.14
N TRP K 129 -4.06 33.40 0.03
CA TRP K 129 -2.88 33.17 -0.78
C TRP K 129 -2.25 34.50 -1.15
N ALA K 130 -3.05 35.38 -1.75
CA ALA K 130 -2.56 36.68 -2.19
C ALA K 130 -1.88 37.45 -1.07
N GLN K 131 -2.36 37.29 0.16
CA GLN K 131 -1.75 38.00 1.27
C GLN K 131 -0.54 37.27 1.82
N ARG K 132 -0.12 36.24 1.10
CA ARG K 132 0.98 35.40 1.54
C ARG K 132 2.16 35.35 0.56
N GLY K 133 2.06 36.11 -0.52
CA GLY K 133 3.14 36.22 -1.51
C GLY K 133 2.76 35.55 -2.81
N VAL K 134 1.53 35.07 -2.87
CA VAL K 134 1.05 34.42 -4.09
C VAL K 134 0.38 35.47 -4.98
N LEU K 135 1.14 36.02 -5.92
CA LEU K 135 0.57 36.98 -6.85
C LEU K 135 -0.37 36.32 -7.87
N LEU K 136 -1.68 36.52 -7.68
CA LEU K 136 -2.66 35.97 -8.61
C LEU K 136 -2.97 37.01 -9.68
N LEU K 137 -2.02 37.22 -10.58
CA LEU K 137 -2.17 38.21 -11.63
C LEU K 137 -2.86 37.66 -12.89
N ASN K 138 -4.02 38.19 -13.23
CA ASN K 138 -4.58 37.94 -14.55
C ASN K 138 -3.74 38.72 -15.55
N ARG K 139 -3.81 38.34 -16.82
CA ARG K 139 -3.08 39.07 -17.88
C ARG K 139 -3.88 40.25 -18.40
N VAL K 140 -5.19 40.12 -18.35
CA VAL K 140 -6.08 41.20 -18.69
C VAL K 140 -6.92 41.49 -17.46
N LEU K 141 -6.92 42.76 -17.02
CA LEU K 141 -7.43 43.07 -15.69
C LEU K 141 -8.91 43.45 -15.65
N THR K 142 -9.49 43.78 -16.80
CA THR K 142 -10.91 44.12 -16.87
C THR K 142 -11.62 43.29 -17.95
N VAL K 143 -12.95 43.39 -17.99
CA VAL K 143 -13.79 42.66 -18.96
C VAL K 143 -15.29 43.01 -18.88
N ARG K 144 -15.86 43.40 -20.01
CA ARG K 144 -17.31 43.61 -20.16
C ARG K 144 -18.06 42.38 -19.61
N PRO K 145 -19.06 42.61 -18.74
CA PRO K 145 -19.82 41.48 -18.19
C PRO K 145 -20.47 40.68 -19.31
N SER K 146 -20.55 39.36 -19.11
CA SER K 146 -21.14 38.44 -20.09
C SER K 146 -20.35 38.28 -21.39
N ASN K 147 -19.45 39.20 -21.69
CA ASN K 147 -18.58 39.04 -22.85
C ASN K 147 -17.15 38.80 -22.41
N PRO K 148 -16.77 37.51 -22.27
CA PRO K 148 -15.40 37.14 -21.90
C PRO K 148 -14.39 37.51 -22.97
N ALA K 149 -13.17 37.80 -22.54
CA ALA K 149 -12.09 38.27 -23.42
C ALA K 149 -12.35 39.60 -24.12
N SER K 150 -13.45 40.26 -23.78
CA SER K 150 -13.84 41.47 -24.48
C SER K 150 -12.80 42.59 -24.41
N HIS K 151 -11.88 42.50 -23.45
CA HIS K 151 -10.89 43.56 -23.26
C HIS K 151 -9.48 43.08 -23.58
N ARG K 152 -9.39 42.05 -24.41
CA ARG K 152 -8.10 41.58 -24.88
C ARG K 152 -7.47 42.62 -25.81
N GLY K 153 -6.15 42.75 -25.71
CA GLY K 153 -5.38 43.65 -26.56
C GLY K 153 -5.78 45.10 -26.37
N LYS K 154 -6.81 45.33 -25.56
CA LYS K 154 -7.29 46.69 -25.28
C LYS K 154 -6.29 47.44 -24.40
N GLY K 155 -5.07 46.91 -24.28
CA GLY K 155 -3.96 47.60 -23.60
C GLY K 155 -3.42 47.01 -22.30
N TRP K 156 -4.19 46.12 -21.67
CA TRP K 156 -3.82 45.61 -20.36
C TRP K 156 -2.51 44.82 -20.39
N GLU K 157 -2.31 44.08 -21.48
CA GLU K 157 -1.19 43.16 -21.59
C GLU K 157 0.10 43.85 -21.24
N ALA K 158 0.29 45.00 -21.86
CA ALA K 158 1.46 45.81 -21.61
C ALA K 158 1.78 45.96 -20.12
N VAL K 159 0.74 46.10 -19.29
CA VAL K 159 0.94 46.30 -17.86
C VAL K 159 1.35 44.99 -17.21
N THR K 160 0.44 44.02 -17.31
CA THR K 160 0.67 42.73 -16.70
C THR K 160 2.03 42.20 -17.14
N GLU K 161 2.33 42.29 -18.44
CA GLU K 161 3.68 41.97 -18.94
C GLU K 161 4.79 42.61 -18.11
N CYS K 162 4.72 43.93 -17.96
CA CYS K 162 5.76 44.69 -17.29
C CYS K 162 5.89 44.26 -15.84
N ALA K 163 4.76 43.96 -15.22
CA ALA K 163 4.75 43.52 -13.84
C ALA K 163 5.57 42.22 -13.70
N ILE K 164 5.31 41.27 -14.59
CA ILE K 164 5.96 39.97 -14.56
C ILE K 164 7.47 40.14 -14.75
N ARG K 165 7.85 40.87 -15.81
CA ARG K 165 9.25 41.21 -16.04
C ARG K 165 9.86 41.82 -14.79
N ALA K 166 9.14 42.77 -14.19
CA ALA K 166 9.61 43.43 -13.01
C ALA K 166 9.91 42.43 -11.90
N LEU K 167 9.10 41.37 -11.83
CA LEU K 167 9.28 40.28 -10.85
C LEU K 167 10.51 39.45 -11.15
N ALA K 168 10.70 39.12 -12.43
CA ALA K 168 11.84 38.33 -12.86
C ALA K 168 13.12 39.07 -12.53
N ALA K 169 13.11 40.38 -12.80
CA ALA K 169 14.26 41.27 -12.58
C ALA K 169 14.73 41.42 -11.12
N ARG K 170 13.83 41.21 -10.16
CA ARG K 170 14.18 41.30 -8.73
C ARG K 170 15.29 40.35 -8.33
N ALA K 171 15.94 40.67 -7.21
CA ALA K 171 16.93 39.79 -6.60
C ALA K 171 16.34 38.52 -5.97
N ALA K 172 15.12 38.62 -5.44
CA ALA K 172 14.46 37.47 -4.81
C ALA K 172 13.94 36.42 -5.80
N PRO K 173 13.96 35.14 -5.38
CA PRO K 173 13.46 33.97 -6.11
C PRO K 173 11.96 33.99 -6.37
N LEU K 174 11.56 33.46 -7.52
CA LEU K 174 10.16 33.42 -7.91
C LEU K 174 9.78 32.09 -8.58
N VAL K 175 8.60 31.58 -8.23
CA VAL K 175 8.05 30.40 -8.87
C VAL K 175 6.76 30.77 -9.57
N ALA K 176 6.77 30.64 -10.89
CA ALA K 176 5.63 30.99 -11.69
C ALA K 176 4.94 29.72 -12.16
N ILE K 177 3.65 29.60 -11.88
CA ILE K 177 2.94 28.41 -12.31
C ILE K 177 1.95 28.76 -13.43
N LEU K 178 2.14 28.06 -14.53
CA LEU K 178 1.63 28.49 -15.79
C LEU K 178 0.68 27.44 -16.31
N TRP K 179 -0.61 27.72 -16.17
CA TRP K 179 -1.58 26.75 -16.61
C TRP K 179 -2.06 27.04 -18.01
N GLY K 180 -1.87 26.09 -18.90
CA GLY K 180 -2.31 26.22 -20.29
C GLY K 180 -1.22 26.83 -21.13
N ARG K 181 -1.39 26.81 -22.44
CA ARG K 181 -0.34 27.30 -23.33
C ARG K 181 -0.38 28.82 -23.49
N ASP K 182 -1.56 29.43 -23.25
CA ASP K 182 -1.66 30.89 -23.29
C ASP K 182 -0.62 31.43 -22.30
N ALA K 183 -0.48 30.72 -21.19
CA ALA K 183 0.44 31.08 -20.13
C ALA K 183 1.88 30.92 -20.57
N SER K 184 2.16 29.79 -21.21
CA SER K 184 3.51 29.39 -21.62
C SER K 184 4.29 30.46 -22.36
N THR K 185 3.64 31.20 -23.25
CA THR K 185 4.31 32.26 -24.02
C THR K 185 5.04 33.26 -23.14
N LEU K 186 4.77 33.20 -21.84
CA LEU K 186 5.39 34.10 -20.89
C LEU K 186 6.72 33.56 -20.40
N LYS K 187 6.91 32.25 -20.50
CA LYS K 187 8.15 31.62 -20.01
C LYS K 187 9.39 32.45 -20.37
N PRO K 188 9.62 32.72 -21.68
CA PRO K 188 10.84 33.48 -22.03
C PRO K 188 10.96 34.76 -21.21
N MET K 189 9.87 35.54 -21.20
CA MET K 189 9.71 36.78 -20.43
C MET K 189 10.28 36.71 -19.01
N LEU K 190 10.28 35.52 -18.41
CA LEU K 190 10.97 35.37 -17.14
C LEU K 190 12.28 34.62 -17.30
N ALA K 191 13.25 35.31 -17.91
CA ALA K 191 14.63 34.85 -18.09
C ALA K 191 15.05 34.06 -16.87
N ALA K 192 15.15 32.73 -17.05
CA ALA K 192 15.28 31.79 -15.94
C ALA K 192 16.66 31.81 -15.25
N GLY K 193 16.96 32.93 -14.58
CA GLY K 193 18.10 33.03 -13.67
C GLY K 193 17.63 32.55 -12.30
N ASN K 194 16.86 33.40 -11.64
CA ASN K 194 16.26 33.08 -10.33
C ASN K 194 14.75 32.77 -10.42
N CYS K 195 14.23 32.66 -11.64
CA CYS K 195 12.82 32.32 -11.83
C CYS K 195 12.62 30.95 -12.45
N VAL K 196 11.90 30.10 -11.72
CA VAL K 196 11.55 28.78 -12.22
C VAL K 196 10.04 28.73 -12.50
N ALA K 197 9.68 28.09 -13.60
CA ALA K 197 8.31 28.04 -14.00
C ALA K 197 7.92 26.60 -14.14
N ILE K 198 6.80 26.24 -13.53
CA ILE K 198 6.19 24.91 -13.75
C ILE K 198 5.02 25.03 -14.69
N GLU K 199 4.96 24.17 -15.68
CA GLU K 199 3.90 24.23 -16.66
C GLU K 199 3.00 23.04 -16.51
N SER K 200 1.74 23.19 -16.93
CA SER K 200 0.81 22.06 -16.98
C SER K 200 -0.39 22.49 -17.80
N PRO K 201 -1.09 21.52 -18.40
CA PRO K 201 -2.33 21.90 -19.05
C PRO K 201 -3.28 22.57 -18.06
N HIS K 202 -4.22 23.33 -18.58
CA HIS K 202 -5.06 24.20 -17.79
C HIS K 202 -6.01 23.36 -16.94
N PRO K 203 -6.37 23.86 -15.73
CA PRO K 203 -7.29 23.16 -14.86
C PRO K 203 -8.74 23.14 -15.36
N SER K 204 -9.00 23.81 -16.49
CA SER K 204 -10.28 23.66 -17.16
C SER K 204 -10.61 22.19 -17.32
N PRO K 205 -11.88 21.82 -17.15
CA PRO K 205 -12.31 20.44 -17.30
C PRO K 205 -11.90 19.83 -18.64
N LEU K 206 -11.99 20.58 -19.73
CA LEU K 206 -11.55 20.08 -21.03
C LEU K 206 -10.13 19.51 -21.00
N SER K 207 -9.26 20.07 -20.17
CA SER K 207 -7.86 19.71 -20.13
C SER K 207 -7.33 19.18 -18.78
N ALA K 208 -8.11 19.35 -17.70
CA ALA K 208 -7.62 19.07 -16.34
C ALA K 208 -6.97 17.70 -16.21
N SER K 209 -7.68 16.69 -16.70
CA SER K 209 -7.21 15.31 -16.64
C SER K 209 -6.12 14.98 -17.65
N ARG K 210 -5.84 15.87 -18.61
CA ARG K 210 -4.74 15.65 -19.57
C ARG K 210 -3.36 16.08 -19.04
N GLY K 211 -3.20 16.15 -17.71
CA GLY K 211 -1.89 16.45 -17.14
C GLY K 211 -1.88 17.56 -16.12
N PHE K 212 -3.04 18.15 -15.83
CA PHE K 212 -3.07 19.06 -14.70
C PHE K 212 -3.11 18.28 -13.39
N PHE K 213 -4.10 17.38 -13.24
CA PHE K 213 -4.16 16.48 -12.10
C PHE K 213 -2.88 15.67 -11.99
N GLY K 214 -2.29 15.74 -10.79
CA GLY K 214 -1.04 15.08 -10.49
C GLY K 214 0.17 15.94 -10.75
N SER K 215 -0.06 17.16 -11.21
CA SER K 215 1.02 18.13 -11.40
C SER K 215 1.68 18.50 -10.05
N ARG K 216 0.97 18.23 -8.94
CA ARG K 216 1.41 18.53 -7.58
C ARG K 216 2.03 19.90 -7.49
N PRO K 217 1.30 20.92 -7.97
CA PRO K 217 1.94 22.21 -8.21
C PRO K 217 2.20 22.98 -6.92
N PHE K 218 1.30 22.89 -5.96
CA PHE K 218 1.45 23.65 -4.74
C PHE K 218 2.70 23.22 -3.96
N SER K 219 2.91 21.91 -3.82
CA SER K 219 4.06 21.42 -3.08
C SER K 219 5.31 21.61 -3.89
N ARG K 220 5.25 21.31 -5.19
CA ARG K 220 6.42 21.50 -6.07
C ARG K 220 6.91 22.94 -6.00
N ALA K 221 5.98 23.88 -6.19
CA ALA K 221 6.27 25.29 -6.06
C ALA K 221 7.00 25.59 -4.75
N ASN K 222 6.50 25.02 -3.66
CA ASN K 222 7.13 25.15 -2.35
C ASN K 222 8.56 24.57 -2.31
N GLU K 223 8.69 23.32 -2.74
CA GLU K 223 9.98 22.67 -2.82
C GLU K 223 10.92 23.55 -3.63
N LEU K 224 10.48 24.00 -4.79
CA LEU K 224 11.26 24.90 -5.58
C LEU K 224 11.76 26.10 -4.76
N LEU K 225 10.83 26.79 -4.10
CA LEU K 225 11.16 27.95 -3.28
C LEU K 225 12.26 27.54 -2.31
N VAL K 226 11.97 26.55 -1.46
CA VAL K 226 12.95 26.09 -0.46
C VAL K 226 14.31 25.90 -1.10
N GLY K 227 14.31 25.32 -2.30
CA GLY K 227 15.54 25.04 -3.04
C GLY K 227 16.36 26.28 -3.30
N MET K 228 15.68 27.36 -3.67
CA MET K 228 16.34 28.64 -3.84
C MET K 228 16.61 29.39 -2.50
N GLY K 229 16.38 28.72 -1.37
CA GLY K 229 16.60 29.35 -0.07
C GLY K 229 15.47 30.27 0.37
N ALA K 230 14.31 30.15 -0.27
CA ALA K 230 13.15 30.98 0.07
C ALA K 230 12.22 30.25 1.04
N GLU K 231 11.25 30.98 1.59
CA GLU K 231 10.28 30.40 2.52
C GLU K 231 9.14 29.85 1.69
N PRO K 232 8.62 28.67 2.06
CA PRO K 232 7.48 28.13 1.29
C PRO K 232 6.17 28.90 1.54
N ILE K 233 5.20 28.72 0.65
CA ILE K 233 3.85 29.33 0.71
C ILE K 233 3.00 28.47 1.63
N ASP K 234 2.15 29.12 2.44
CA ASP K 234 1.31 28.35 3.37
C ASP K 234 0.23 27.59 2.65
N TRP K 235 -0.36 28.16 1.61
CA TRP K 235 -1.55 27.54 0.99
C TRP K 235 -2.60 27.36 2.12
N ARG K 236 -3.56 26.46 1.99
CA ARG K 236 -4.48 26.14 3.09
C ARG K 236 -5.43 27.27 3.47
N LEU K 237 -6.70 27.05 3.16
CA LEU K 237 -7.69 28.12 3.26
C LEU K 237 -9.02 27.80 3.99
N PRO K 238 -9.35 26.50 4.18
CA PRO K 238 -10.70 26.15 4.58
C PRO K 238 -11.42 27.36 5.14
N ASN L 3 -28.03 35.28 -24.93
CA ASN L 3 -26.67 35.70 -25.24
C ASN L 3 -25.90 34.63 -26.01
N LEU L 4 -24.71 34.29 -25.53
CA LEU L 4 -23.99 33.12 -26.02
C LEU L 4 -24.54 31.84 -25.42
N SER L 5 -24.91 31.90 -24.14
CA SER L 5 -25.49 30.76 -23.45
C SER L 5 -26.74 30.23 -24.15
N ASP L 6 -27.40 31.11 -24.88
CA ASP L 6 -28.60 30.74 -25.63
C ASP L 6 -28.33 29.58 -26.57
N ILE L 7 -27.18 29.61 -27.24
CA ILE L 7 -26.79 28.55 -28.17
C ILE L 7 -26.55 27.18 -27.50
N ILE L 8 -26.05 27.19 -26.27
CA ILE L 8 -25.93 25.98 -25.46
C ILE L 8 -27.31 25.42 -25.10
N GLU L 9 -28.23 26.31 -24.72
CA GLU L 9 -29.62 25.94 -24.41
C GLU L 9 -30.40 25.56 -25.66
N LYS L 10 -29.78 25.76 -26.83
CA LYS L 10 -30.37 25.38 -28.11
C LYS L 10 -29.99 23.94 -28.47
N GLU L 11 -28.70 23.65 -28.31
CA GLU L 11 -28.14 22.36 -28.69
C GLU L 11 -28.33 21.30 -27.60
N THR L 12 -28.71 21.73 -26.39
CA THR L 12 -28.99 20.82 -25.27
C THR L 12 -30.27 21.16 -24.51
N GLY L 13 -30.74 22.40 -24.63
CA GLY L 13 -31.88 22.84 -23.83
C GLY L 13 -31.56 22.74 -22.36
N LYS L 14 -30.68 23.62 -21.88
CA LYS L 14 -30.38 23.72 -20.47
C LYS L 14 -30.10 25.17 -20.10
N GLN L 15 -30.68 25.62 -18.99
CA GLN L 15 -30.56 27.01 -18.57
C GLN L 15 -29.33 27.22 -17.71
N LEU L 16 -28.16 26.94 -18.28
CA LEU L 16 -26.90 27.05 -17.55
C LEU L 16 -26.26 28.42 -17.73
N VAL L 17 -25.38 28.78 -16.81
CA VAL L 17 -24.67 30.06 -16.89
C VAL L 17 -23.18 29.85 -17.10
N ILE L 18 -22.64 30.50 -18.14
CA ILE L 18 -21.20 30.45 -18.42
C ILE L 18 -20.43 31.09 -17.26
N GLN L 19 -19.54 30.30 -16.66
CA GLN L 19 -18.78 30.75 -15.49
C GLN L 19 -17.36 31.17 -15.88
N GLU L 20 -16.77 30.47 -16.83
CA GLU L 20 -15.43 30.77 -17.29
C GLU L 20 -15.29 30.63 -18.80
N SER L 21 -14.27 31.29 -19.33
CA SER L 21 -13.95 31.19 -20.75
C SER L 21 -12.45 31.19 -20.92
N ILE L 22 -11.93 29.99 -21.15
CA ILE L 22 -10.49 29.75 -21.17
C ILE L 22 -10.02 29.62 -22.60
N LEU L 23 -8.97 30.38 -22.92
CA LEU L 23 -8.33 30.30 -24.23
C LEU L 23 -7.24 29.24 -24.29
N MET L 24 -7.32 28.43 -25.32
CA MET L 24 -6.32 27.43 -25.57
C MET L 24 -5.93 27.43 -27.05
N LEU L 25 -4.69 27.00 -27.32
CA LEU L 25 -4.17 26.94 -28.66
C LEU L 25 -4.72 25.70 -29.38
N PRO L 26 -4.78 25.72 -30.73
CA PRO L 26 -5.28 24.53 -31.47
C PRO L 26 -4.59 23.24 -31.02
N GLU L 27 -3.25 23.30 -30.86
CA GLU L 27 -2.45 22.19 -30.34
C GLU L 27 -3.09 21.47 -29.14
N GLU L 28 -3.65 22.24 -28.20
CA GLU L 28 -4.25 21.67 -27.00
C GLU L 28 -5.62 21.06 -27.32
N VAL L 29 -6.38 21.73 -28.16
CA VAL L 29 -7.75 21.28 -28.45
C VAL L 29 -7.79 19.99 -29.26
N GLU L 30 -6.88 19.91 -30.23
CA GLU L 30 -6.72 18.74 -31.09
C GLU L 30 -6.70 17.54 -30.18
N GLU L 31 -5.74 17.54 -29.24
CA GLU L 31 -5.50 16.40 -28.36
C GLU L 31 -6.76 15.81 -27.72
N VAL L 32 -7.71 16.66 -27.34
CA VAL L 32 -8.89 16.23 -26.58
C VAL L 32 -10.13 15.93 -27.42
N ILE L 33 -10.26 16.64 -28.54
CA ILE L 33 -11.43 16.56 -29.41
C ILE L 33 -11.14 15.82 -30.71
N GLY L 34 -9.90 15.85 -31.16
CA GLY L 34 -9.50 15.12 -32.37
C GLY L 34 -9.88 15.84 -33.65
N ASN L 35 -9.74 17.18 -33.63
CA ASN L 35 -9.95 18.02 -34.81
C ASN L 35 -9.14 19.29 -34.62
N LYS L 36 -7.96 19.38 -35.22
CA LYS L 36 -7.13 20.59 -35.10
C LYS L 36 -7.90 21.79 -35.72
N PRO L 37 -8.23 22.83 -34.91
CA PRO L 37 -9.00 24.00 -35.41
C PRO L 37 -8.16 25.07 -36.13
N GLU L 38 -8.84 26.02 -36.78
CA GLU L 38 -8.19 27.06 -37.60
C GLU L 38 -7.31 27.97 -36.77
N SER L 39 -7.93 28.74 -35.87
CA SER L 39 -7.16 29.58 -34.95
C SER L 39 -7.42 29.14 -33.51
N ASP L 40 -7.11 30.02 -32.56
CA ASP L 40 -7.25 29.74 -31.12
C ASP L 40 -8.71 29.58 -30.68
N ILE L 41 -8.91 28.93 -29.53
CA ILE L 41 -10.25 28.63 -29.06
C ILE L 41 -10.53 29.06 -27.62
N LEU L 42 -11.76 29.52 -27.39
CA LEU L 42 -12.26 29.78 -26.05
C LEU L 42 -13.15 28.63 -25.58
N VAL L 43 -12.72 27.99 -24.49
CA VAL L 43 -13.44 26.88 -23.89
C VAL L 43 -14.42 27.41 -22.86
N HIS L 44 -15.62 27.78 -23.33
CA HIS L 44 -16.69 28.34 -22.47
C HIS L 44 -17.30 27.25 -21.61
N THR L 45 -16.95 27.28 -20.33
CA THR L 45 -17.30 26.20 -19.42
C THR L 45 -18.36 26.67 -18.45
N ALA L 46 -19.38 25.84 -18.28
CA ALA L 46 -20.53 26.13 -17.43
C ALA L 46 -20.95 24.83 -16.76
N TYR L 47 -21.34 24.90 -15.50
CA TYR L 47 -21.64 23.70 -14.71
C TYR L 47 -23.14 23.44 -14.54
N ASP L 48 -23.50 22.17 -14.41
CA ASP L 48 -24.89 21.72 -14.27
C ASP L 48 -25.12 20.93 -12.96
N GLU L 49 -25.43 21.65 -11.88
CA GLU L 49 -25.64 21.02 -10.58
C GLU L 49 -27.00 20.33 -10.55
N SER L 50 -27.04 19.14 -11.17
CA SER L 50 -28.24 18.31 -11.24
C SER L 50 -27.89 17.06 -12.04
N THR L 51 -27.14 17.28 -13.13
CA THR L 51 -26.63 16.19 -13.96
C THR L 51 -25.18 15.94 -13.60
N ASP L 52 -24.59 16.87 -12.85
CA ASP L 52 -23.18 16.83 -12.48
C ASP L 52 -22.31 16.73 -13.74
N GLU L 53 -22.60 17.59 -14.72
CA GLU L 53 -21.92 17.54 -16.01
C GLU L 53 -21.27 18.88 -16.34
N ASN L 54 -19.98 18.86 -16.67
CA ASN L 54 -19.32 20.08 -17.16
C ASN L 54 -19.65 20.33 -18.63
N VAL L 55 -20.49 21.33 -18.90
CA VAL L 55 -20.89 21.64 -20.26
C VAL L 55 -19.96 22.68 -20.85
N MET L 56 -19.37 22.35 -21.99
CA MET L 56 -18.38 23.22 -22.64
C MET L 56 -18.72 23.61 -24.08
N LEU L 57 -18.83 24.91 -24.32
CA LEU L 57 -18.94 25.44 -25.66
C LEU L 57 -17.60 25.99 -26.08
N LEU L 58 -17.14 25.53 -27.24
CA LEU L 58 -15.89 26.00 -27.80
C LEU L 58 -16.18 26.86 -29.02
N THR L 59 -15.59 28.04 -29.05
CA THR L 59 -15.85 29.00 -30.10
C THR L 59 -14.54 29.65 -30.48
N SER L 60 -14.55 30.46 -31.53
CA SER L 60 -13.37 31.21 -32.01
C SER L 60 -13.05 32.39 -31.09
N ASP L 61 -11.94 33.07 -31.35
CA ASP L 61 -11.37 34.12 -30.46
C ASP L 61 -12.33 35.27 -30.05
N ALA L 62 -11.76 36.30 -29.39
CA ALA L 62 -12.51 37.40 -28.79
C ALA L 62 -13.50 38.15 -29.71
N PRO L 63 -13.00 38.81 -30.78
CA PRO L 63 -13.90 39.65 -31.60
C PRO L 63 -15.19 38.94 -32.08
N GLU L 64 -15.05 37.80 -32.76
CA GLU L 64 -16.22 37.03 -33.23
C GLU L 64 -16.33 35.69 -32.48
N TYR L 65 -17.46 35.45 -31.84
CA TYR L 65 -17.67 34.23 -31.04
C TYR L 65 -18.25 33.07 -31.87
N LYS L 66 -17.48 32.66 -32.87
CA LYS L 66 -17.95 31.66 -33.84
C LYS L 66 -17.92 30.26 -33.24
N PRO L 67 -19.08 29.63 -33.17
CA PRO L 67 -19.20 28.27 -32.63
C PRO L 67 -18.34 27.29 -33.41
N TRP L 68 -17.74 26.35 -32.69
CA TRP L 68 -16.84 25.36 -33.30
C TRP L 68 -17.24 23.93 -32.88
N ALA L 69 -17.29 23.70 -31.56
CA ALA L 69 -17.74 22.43 -31.01
C ALA L 69 -18.35 22.55 -29.60
N LEU L 70 -19.26 21.64 -29.29
CA LEU L 70 -19.87 21.52 -27.97
C LEU L 70 -19.31 20.27 -27.33
N VAL L 71 -19.07 20.29 -26.02
CA VAL L 71 -18.61 19.10 -25.31
C VAL L 71 -19.35 18.91 -23.98
N ILE L 72 -19.81 17.69 -23.70
CA ILE L 72 -20.44 17.36 -22.43
C ILE L 72 -19.65 16.30 -21.65
N GLN L 73 -19.08 16.73 -20.53
CA GLN L 73 -18.28 15.87 -19.68
C GLN L 73 -19.12 15.39 -18.50
N ASP L 74 -19.13 14.08 -18.25
CA ASP L 74 -19.82 13.53 -17.07
C ASP L 74 -18.96 13.37 -15.81
N SER L 75 -19.61 13.04 -14.70
CA SER L 75 -18.97 12.91 -13.40
C SER L 75 -17.74 12.00 -13.41
N ASN L 76 -17.62 11.15 -14.42
CA ASN L 76 -16.45 10.26 -14.58
C ASN L 76 -15.32 10.93 -15.34
N GLY L 77 -15.65 11.68 -16.37
CA GLY L 77 -14.64 12.40 -17.12
C GLY L 77 -14.72 12.16 -18.61
N GLU L 78 -15.39 11.10 -19.03
CA GLU L 78 -15.58 10.85 -20.46
C GLU L 78 -16.42 11.97 -21.12
N ASN L 79 -16.29 12.14 -22.44
CA ASN L 79 -16.89 13.27 -23.13
C ASN L 79 -17.82 12.85 -24.25
N LYS L 80 -18.87 13.66 -24.44
CA LYS L 80 -19.76 13.48 -25.59
C LYS L 80 -19.59 14.66 -26.55
N ILE L 81 -18.59 14.56 -27.42
CA ILE L 81 -18.22 15.62 -28.35
C ILE L 81 -19.14 15.65 -29.57
N LYS L 82 -19.69 16.82 -29.87
CA LYS L 82 -20.41 17.05 -31.12
C LYS L 82 -19.84 18.28 -31.80
N MET L 83 -19.48 18.14 -33.06
CA MET L 83 -18.93 19.24 -33.85
C MET L 83 -20.06 20.18 -34.26
N LEU L 84 -19.71 21.41 -34.66
CA LEU L 84 -20.69 22.44 -34.99
C LEU L 84 -20.40 23.23 -36.28
N ALA M 14 -23.75 48.77 39.12
CA ALA M 14 -24.50 47.85 40.02
C ALA M 14 -23.80 46.48 40.13
N ARG M 15 -24.60 45.52 40.78
CA ARG M 15 -24.15 44.13 40.86
C ARG M 15 -24.74 43.17 39.77
N PRO M 16 -26.09 43.13 39.63
CA PRO M 16 -26.72 42.08 38.80
C PRO M 16 -26.57 42.29 37.29
N LEU M 17 -26.29 41.19 36.56
CA LEU M 17 -26.07 41.27 35.13
C LEU M 17 -27.19 41.98 34.34
N SER M 18 -28.43 41.52 34.50
CA SER M 18 -29.56 41.99 33.67
C SER M 18 -29.77 43.51 33.65
N GLU M 19 -29.13 44.19 34.60
CA GLU M 19 -29.20 45.64 34.72
C GLU M 19 -28.09 46.32 33.91
N LEU M 20 -26.98 45.59 33.71
CA LEU M 20 -25.78 46.11 33.08
C LEU M 20 -25.70 45.88 31.58
N VAL M 21 -26.42 44.87 31.07
CA VAL M 21 -26.34 44.52 29.65
C VAL M 21 -27.72 44.32 29.01
N GLU M 22 -27.76 44.17 27.69
CA GLU M 22 -29.03 44.20 26.93
C GLU M 22 -30.03 43.12 27.31
N ARG M 23 -29.63 42.21 28.21
CA ARG M 23 -30.36 40.97 28.41
C ARG M 23 -30.11 40.12 27.17
N GLY M 24 -30.19 38.78 27.28
CA GLY M 24 -29.83 37.95 26.14
C GLY M 24 -28.32 38.04 25.99
N TRP M 25 -27.78 39.23 26.25
CA TRP M 25 -26.38 39.36 26.61
C TRP M 25 -26.32 38.92 28.05
N ALA M 26 -27.43 39.15 28.74
CA ALA M 26 -27.55 38.71 30.12
C ALA M 26 -27.49 37.19 30.15
N ALA M 27 -28.49 36.55 29.54
CA ALA M 27 -28.53 35.09 29.44
C ALA M 27 -27.17 34.50 29.02
N ALA M 28 -26.64 35.04 27.91
CA ALA M 28 -25.32 34.62 27.37
C ALA M 28 -24.14 34.83 28.35
N LEU M 29 -24.01 36.03 28.90
CA LEU M 29 -22.92 36.32 29.82
C LEU M 29 -23.10 35.67 31.18
N GLU M 30 -24.27 35.05 31.39
CA GLU M 30 -24.63 34.36 32.65
C GLU M 30 -23.53 33.59 33.39
N PRO M 31 -22.90 32.60 32.72
CA PRO M 31 -21.80 31.84 33.33
C PRO M 31 -20.64 32.64 33.93
N VAL M 32 -20.47 33.91 33.54
CA VAL M 32 -19.38 34.73 34.09
C VAL M 32 -19.90 35.84 34.98
N ALA M 33 -21.17 35.73 35.38
CA ALA M 33 -21.83 36.76 36.17
C ALA M 33 -21.02 37.05 37.43
N ASP M 34 -20.45 35.99 38.01
CA ASP M 34 -19.58 36.13 39.17
C ASP M 34 -18.23 36.73 38.79
N GLN M 35 -17.82 36.49 37.54
CA GLN M 35 -16.54 36.97 37.07
C GLN M 35 -16.56 38.46 36.74
N VAL M 36 -17.65 38.92 36.12
CA VAL M 36 -17.86 40.35 35.89
C VAL M 36 -17.98 41.13 37.20
N ALA M 37 -18.82 40.62 38.11
CA ALA M 37 -18.98 41.23 39.43
C ALA M 37 -17.64 41.33 40.16
N HIS M 38 -16.80 40.29 40.02
CA HIS M 38 -15.45 40.32 40.57
C HIS M 38 -14.75 41.57 40.08
N MET M 39 -14.82 41.77 38.76
CA MET M 39 -14.17 42.89 38.12
C MET M 39 -14.72 44.19 38.69
N GLY M 40 -16.04 44.25 38.86
CA GLY M 40 -16.70 45.39 39.50
C GLY M 40 -15.95 45.83 40.75
N GLN M 41 -15.66 44.86 41.62
CA GLN M 41 -14.83 45.11 42.78
C GLN M 41 -13.49 45.72 42.38
N PHE M 42 -12.82 45.10 41.41
CA PHE M 42 -11.45 45.47 41.07
C PHE M 42 -11.33 46.91 40.61
N LEU M 43 -12.23 47.32 39.72
CA LEU M 43 -12.17 48.70 39.22
C LEU M 43 -12.23 49.65 40.40
N ARG M 44 -13.21 49.41 41.28
CA ARG M 44 -13.43 50.23 42.49
C ARG M 44 -12.22 50.18 43.42
N ALA M 45 -11.57 49.00 43.47
CA ALA M 45 -10.29 48.82 44.18
C ALA M 45 -9.18 49.65 43.54
N GLU M 46 -9.41 50.03 42.27
CA GLU M 46 -8.44 50.84 41.55
C GLU M 46 -8.61 52.33 41.86
N ILE M 47 -9.80 52.88 41.61
CA ILE M 47 -10.10 54.29 41.87
C ILE M 47 -9.67 54.64 43.29
N ALA M 48 -10.13 53.83 44.24
CA ALA M 48 -9.88 54.06 45.66
C ALA M 48 -8.38 54.08 45.95
N ALA M 49 -7.61 53.39 45.12
CA ALA M 49 -6.16 53.35 45.30
C ALA M 49 -5.44 54.62 44.84
N GLY M 50 -6.19 55.55 44.24
CA GLY M 50 -5.64 56.83 43.77
C GLY M 50 -5.37 56.89 42.28
N ARG M 51 -5.51 55.73 41.62
CA ARG M 51 -5.31 55.58 40.17
C ARG M 51 -6.62 55.26 39.45
N ARG M 52 -6.86 55.93 38.32
CA ARG M 52 -8.13 55.78 37.62
C ARG M 52 -7.99 54.85 36.42
N TYR M 53 -9.11 54.33 35.92
CA TYR M 53 -9.13 53.56 34.66
C TYR M 53 -9.79 54.36 33.56
N LEU M 54 -9.43 54.05 32.32
CA LEU M 54 -9.77 54.92 31.21
C LEU M 54 -11.09 54.65 30.50
N PRO M 55 -11.41 53.40 30.14
CA PRO M 55 -12.59 53.12 29.30
C PRO M 55 -13.86 53.91 29.63
N ALA M 56 -13.94 54.49 30.84
CA ALA M 56 -15.06 55.34 31.33
C ALA M 56 -16.24 54.54 31.88
N GLY M 57 -16.52 54.75 33.16
CA GLY M 57 -17.45 53.92 33.94
C GLY M 57 -18.57 53.28 33.14
N SER M 58 -19.52 54.12 32.71
CA SER M 58 -20.74 53.71 32.02
C SER M 58 -20.47 53.03 30.65
N ASN M 59 -19.26 53.23 30.12
CA ASN M 59 -18.88 52.73 28.79
C ASN M 59 -18.17 51.37 28.76
N VAL M 60 -17.59 50.96 29.91
CA VAL M 60 -16.92 49.67 30.03
C VAL M 60 -17.62 48.54 29.25
N LEU M 61 -18.83 48.18 29.64
CA LEU M 61 -19.55 47.09 28.98
C LEU M 61 -20.51 47.60 27.92
N ARG M 62 -20.19 48.76 27.34
CA ARG M 62 -21.08 49.41 26.35
C ARG M 62 -21.31 48.50 25.15
N ALA M 63 -20.24 47.77 24.78
CA ALA M 63 -20.33 46.76 23.76
C ALA M 63 -21.57 45.88 23.93
N PHE M 64 -21.95 45.61 25.18
CA PHE M 64 -23.01 44.65 25.49
C PHE M 64 -24.38 45.28 25.65
N THR M 65 -24.50 46.55 25.27
CA THR M 65 -25.78 47.20 25.39
C THR M 65 -26.57 46.99 24.09
N PHE M 66 -25.85 46.62 23.03
CA PHE M 66 -26.47 46.40 21.72
C PHE M 66 -26.97 44.98 21.59
N PRO M 67 -28.14 44.78 20.95
CA PRO M 67 -28.81 43.48 20.88
C PRO M 67 -27.88 42.30 20.55
N PHE M 68 -27.75 41.41 21.52
CA PHE M 68 -26.98 40.18 21.33
C PHE M 68 -27.46 39.43 20.09
N ASP M 69 -28.77 39.40 19.88
CA ASP M 69 -29.36 38.58 18.82
C ASP M 69 -29.24 39.19 17.43
N ASN M 70 -28.86 40.47 17.37
CA ASN M 70 -28.66 41.15 16.09
C ASN M 70 -27.19 41.23 15.62
N VAL M 71 -26.27 40.62 16.37
CA VAL M 71 -24.85 40.65 16.04
C VAL M 71 -24.57 39.73 14.86
N ARG M 72 -23.71 40.16 13.95
CA ARG M 72 -23.36 39.34 12.79
C ARG M 72 -21.87 39.34 12.53
N VAL M 73 -21.17 40.35 13.04
CA VAL M 73 -19.74 40.50 12.73
C VAL M 73 -18.94 40.87 13.98
N LEU M 74 -17.92 40.09 14.27
CA LEU M 74 -17.08 40.40 15.39
C LEU M 74 -15.79 40.97 14.91
N ILE M 75 -15.53 42.21 15.32
CA ILE M 75 -14.21 42.78 15.14
C ILE M 75 -13.56 42.91 16.52
N VAL M 76 -12.62 42.00 16.80
CA VAL M 76 -11.97 41.91 18.10
C VAL M 76 -10.68 42.70 18.20
N GLY M 77 -10.66 43.67 19.09
CA GLY M 77 -9.46 44.45 19.38
C GLY M 77 -8.82 44.00 20.68
N GLN M 78 -7.77 44.70 21.09
CA GLN M 78 -7.03 44.27 22.27
C GLN M 78 -7.58 44.86 23.56
N ASP M 79 -6.84 45.78 24.18
CA ASP M 79 -7.38 46.61 25.25
C ASP M 79 -7.79 47.97 24.65
N PRO M 80 -8.31 48.92 25.46
CA PRO M 80 -8.74 50.24 24.94
C PRO M 80 -7.59 51.19 24.68
N TYR M 81 -7.86 52.32 24.02
CA TYR M 81 -6.82 53.30 23.76
C TYR M 81 -6.34 53.96 25.06
N PRO M 82 -5.02 53.92 25.29
CA PRO M 82 -4.29 54.41 26.47
C PRO M 82 -4.44 55.88 26.84
N THR M 83 -4.80 56.71 25.87
CA THR M 83 -4.86 58.15 26.10
C THR M 83 -6.30 58.66 26.46
N PRO M 84 -6.42 59.61 27.44
CA PRO M 84 -7.76 59.99 27.94
C PRO M 84 -8.64 60.66 26.91
N GLY M 85 -9.93 60.35 27.01
CA GLY M 85 -10.95 60.84 26.09
C GLY M 85 -10.86 60.29 24.67
N HIS M 86 -10.06 59.24 24.48
CA HIS M 86 -9.99 58.54 23.19
C HIS M 86 -10.90 57.33 23.24
N ALA M 87 -10.60 56.41 24.17
CA ALA M 87 -11.37 55.19 24.32
C ALA M 87 -12.84 55.48 24.57
N VAL M 88 -13.69 54.80 23.82
CA VAL M 88 -15.12 55.03 23.84
C VAL M 88 -15.89 53.72 24.20
N GLY M 89 -15.17 52.72 24.69
CA GLY M 89 -15.81 51.47 25.13
C GLY M 89 -16.14 50.48 24.02
N LEU M 90 -15.60 50.72 22.83
CA LEU M 90 -15.80 49.85 21.66
C LEU M 90 -14.48 49.72 20.89
N SER M 91 -14.25 48.53 20.30
CA SER M 91 -13.02 48.26 19.54
C SER M 91 -12.66 49.31 18.52
N PHE M 92 -11.39 49.73 18.54
CA PHE M 92 -10.83 50.61 17.52
C PHE M 92 -11.47 51.99 17.41
N SER M 93 -12.72 52.12 17.88
CA SER M 93 -13.45 53.39 17.71
C SER M 93 -12.99 54.47 18.66
N VAL M 94 -13.26 55.71 18.27
CA VAL M 94 -12.83 56.84 19.07
C VAL M 94 -13.93 57.89 19.11
N ALA M 95 -13.68 58.93 19.91
CA ALA M 95 -14.63 60.01 20.07
C ALA M 95 -14.60 60.93 18.86
N PRO M 96 -15.77 61.45 18.47
CA PRO M 96 -15.79 62.36 17.33
C PRO M 96 -14.80 63.50 17.43
N ASP M 97 -14.50 63.96 18.65
CA ASP M 97 -13.60 65.09 18.75
C ASP M 97 -12.15 64.69 18.59
N VAL M 98 -11.85 63.38 18.58
CA VAL M 98 -10.46 62.94 18.45
C VAL M 98 -9.98 63.17 17.03
N ARG M 99 -9.17 64.22 16.89
CA ARG M 99 -8.79 64.73 15.57
C ARG M 99 -7.65 63.89 14.98
N PRO M 100 -6.40 64.00 15.49
CA PRO M 100 -5.45 63.13 14.80
C PRO M 100 -5.76 61.73 15.30
N TRP M 101 -6.36 60.90 14.46
CA TRP M 101 -6.90 59.68 15.02
C TRP M 101 -5.97 58.50 14.95
N PRO M 102 -6.12 57.55 15.88
CA PRO M 102 -5.21 56.40 16.01
C PRO M 102 -4.82 55.78 14.68
N ARG M 103 -3.52 55.78 14.43
CA ARG M 103 -3.00 55.34 13.16
C ARG M 103 -3.63 54.05 12.60
N SER M 104 -3.86 53.06 13.46
CA SER M 104 -4.47 51.80 13.02
C SER M 104 -5.86 52.01 12.49
N LEU M 105 -6.62 52.86 13.18
CA LEU M 105 -7.97 53.16 12.77
C LEU M 105 -7.90 53.87 11.42
N ALA M 106 -7.00 54.84 11.31
CA ALA M 106 -6.76 55.52 10.05
C ALA M 106 -6.56 54.51 8.93
N ASN M 107 -5.68 53.54 9.17
CA ASN M 107 -5.44 52.47 8.24
C ASN M 107 -6.73 51.71 7.95
N ILE M 108 -7.39 51.22 8.99
CA ILE M 108 -8.69 50.57 8.79
C ILE M 108 -9.49 51.33 7.74
N PHE M 109 -9.68 52.62 7.98
CA PHE M 109 -10.44 53.47 7.07
C PHE M 109 -9.89 53.51 5.64
N ASP M 110 -8.57 53.58 5.47
CA ASP M 110 -8.01 53.53 4.12
C ASP M 110 -8.41 52.23 3.39
N GLU M 111 -8.39 51.11 4.13
CA GLU M 111 -8.83 49.86 3.56
C GLU M 111 -10.33 49.91 3.33
N TYR M 112 -11.03 50.67 4.16
CA TYR M 112 -12.47 50.84 4.02
C TYR M 112 -12.81 51.56 2.71
N THR M 113 -12.18 52.72 2.48
CA THR M 113 -12.36 53.46 1.23
C THR M 113 -12.06 52.58 0.02
N ALA M 114 -10.95 51.85 0.09
CA ALA M 114 -10.48 51.01 -1.02
C ALA M 114 -11.49 49.91 -1.27
N ASP M 115 -11.98 49.31 -0.20
CA ASP M 115 -12.87 48.17 -0.30
C ASP M 115 -14.23 48.55 -0.88
N LEU M 116 -14.94 49.44 -0.19
CA LEU M 116 -16.23 49.94 -0.68
C LEU M 116 -16.02 51.25 -1.42
N GLY M 117 -17.02 51.74 -2.12
CA GLY M 117 -16.85 52.98 -2.89
C GLY M 117 -16.77 54.27 -2.07
N TYR M 118 -17.00 54.18 -0.76
CA TYR M 118 -17.31 55.32 0.11
C TYR M 118 -16.17 56.31 0.33
N PRO M 119 -16.50 57.57 0.70
CA PRO M 119 -15.49 58.55 1.06
C PRO M 119 -14.99 58.31 2.48
N LEU M 120 -13.80 58.84 2.76
CA LEU M 120 -13.21 58.79 4.09
C LEU M 120 -14.23 59.32 5.10
N PRO M 121 -14.50 58.52 6.14
CA PRO M 121 -15.33 58.92 7.29
C PRO M 121 -14.99 60.36 7.77
N SER M 122 -15.98 61.10 8.25
CA SER M 122 -15.70 62.46 8.74
C SER M 122 -14.95 62.42 10.07
N ASN M 123 -15.14 61.33 10.82
CA ASN M 123 -14.45 61.09 12.12
C ASN M 123 -14.25 59.59 12.47
N GLY M 124 -13.65 59.29 13.61
CA GLY M 124 -13.41 57.91 14.01
C GLY M 124 -14.46 57.37 14.98
N ASP M 125 -15.69 57.85 14.86
CA ASP M 125 -16.78 57.35 15.69
C ASP M 125 -17.48 56.18 14.96
N LEU M 126 -17.39 55.01 15.57
CA LEU M 126 -17.89 53.77 14.95
C LEU M 126 -19.26 53.36 15.47
N THR M 127 -19.87 54.19 16.31
CA THR M 127 -21.15 53.81 16.91
C THR M 127 -22.04 53.17 15.86
N PRO M 128 -22.22 53.83 14.70
CA PRO M 128 -23.19 53.27 13.76
C PRO M 128 -22.93 51.81 13.47
N TRP M 129 -21.68 51.42 13.23
CA TRP M 129 -21.33 49.99 13.04
C TRP M 129 -21.90 49.12 14.16
N ALA M 130 -21.70 49.57 15.41
CA ALA M 130 -22.11 48.80 16.57
C ALA M 130 -23.61 48.65 16.65
N GLN M 131 -24.35 49.70 16.29
CA GLN M 131 -25.81 49.62 16.34
C GLN M 131 -26.36 48.92 15.10
N ARG M 132 -25.48 48.20 14.42
CA ARG M 132 -25.86 47.57 13.18
C ARG M 132 -25.57 46.07 13.18
N GLY M 133 -24.95 45.58 14.25
CA GLY M 133 -24.60 44.16 14.41
C GLY M 133 -23.10 43.89 14.40
N VAL M 134 -22.33 44.97 14.51
CA VAL M 134 -20.88 44.88 14.52
C VAL M 134 -20.40 44.96 15.95
N LEU M 135 -20.13 43.81 16.52
CA LEU M 135 -19.65 43.79 17.88
C LEU M 135 -18.19 44.24 17.89
N LEU M 136 -17.98 45.47 18.34
CA LEU M 136 -16.64 45.98 18.51
C LEU M 136 -16.21 45.64 19.91
N LEU M 137 -15.80 44.38 20.08
CA LEU M 137 -15.43 43.87 21.40
C LEU M 137 -13.92 43.89 21.61
N ASN M 138 -13.47 44.63 22.61
CA ASN M 138 -12.11 44.50 23.04
C ASN M 138 -12.00 43.28 23.93
N ARG M 139 -10.81 42.69 23.94
CA ARG M 139 -10.52 41.53 24.78
C ARG M 139 -10.37 41.96 26.22
N VAL M 140 -9.82 43.16 26.40
CA VAL M 140 -9.53 43.73 27.70
C VAL M 140 -10.39 45.00 27.84
N LEU M 141 -11.49 44.89 28.58
CA LEU M 141 -12.47 45.95 28.61
C LEU M 141 -12.08 47.20 29.38
N THR M 142 -10.97 47.18 30.12
CA THR M 142 -10.46 48.41 30.78
C THR M 142 -8.97 48.57 30.67
N VAL M 143 -8.47 49.81 30.89
CA VAL M 143 -7.02 50.07 30.94
C VAL M 143 -6.68 51.34 31.72
N ARG M 144 -5.54 51.31 32.43
CA ARG M 144 -4.98 52.49 33.09
C ARG M 144 -4.60 53.57 32.07
N PRO M 145 -4.93 54.84 32.36
CA PRO M 145 -4.48 55.97 31.55
C PRO M 145 -2.98 55.94 31.33
N SER M 146 -2.58 56.19 30.10
CA SER M 146 -1.18 56.25 29.70
C SER M 146 -0.37 54.94 29.85
N ASN M 147 -0.93 53.94 30.53
CA ASN M 147 -0.24 52.66 30.74
C ASN M 147 -0.97 51.53 30.03
N PRO M 148 -0.69 51.36 28.73
CA PRO M 148 -1.41 50.38 27.90
C PRO M 148 -1.22 48.92 28.35
N ALA M 149 -2.18 48.06 27.98
CA ALA M 149 -2.20 46.62 28.30
C ALA M 149 -2.00 46.32 29.79
N SER M 150 -2.18 47.36 30.61
CA SER M 150 -1.98 47.29 32.06
C SER M 150 -3.14 46.61 32.81
N HIS M 151 -4.19 46.23 32.08
CA HIS M 151 -5.27 45.47 32.67
C HIS M 151 -5.41 44.09 32.02
N ARG M 152 -4.33 43.64 31.35
CA ARG M 152 -4.28 42.29 30.80
C ARG M 152 -4.19 41.26 31.94
N GLY M 153 -4.79 40.08 31.71
CA GLY M 153 -4.73 38.96 32.66
C GLY M 153 -5.38 39.28 34.00
N LYS M 154 -5.94 40.49 34.10
CA LYS M 154 -6.49 41.02 35.34
C LYS M 154 -7.98 40.70 35.43
N GLY M 155 -8.39 39.60 34.80
CA GLY M 155 -9.74 39.07 34.97
C GLY M 155 -10.68 39.28 33.79
N TRP M 156 -10.32 40.22 32.91
CA TRP M 156 -11.19 40.57 31.79
C TRP M 156 -11.34 39.48 30.72
N GLU M 157 -10.22 38.84 30.37
CA GLU M 157 -10.18 37.87 29.27
C GLU M 157 -11.28 36.83 29.32
N ALA M 158 -11.59 36.33 30.52
CA ALA M 158 -12.61 35.30 30.70
C ALA M 158 -13.99 35.80 30.23
N VAL M 159 -14.32 37.03 30.60
CA VAL M 159 -15.57 37.66 30.18
C VAL M 159 -15.66 37.65 28.65
N THR M 160 -14.75 38.40 28.01
CA THR M 160 -14.78 38.60 26.57
C THR M 160 -14.84 37.27 25.84
N GLU M 161 -14.12 36.28 26.36
CA GLU M 161 -14.15 34.93 25.81
C GLU M 161 -15.56 34.35 25.87
N CYS M 162 -16.14 34.33 27.06
CA CYS M 162 -17.47 33.79 27.22
C CYS M 162 -18.43 34.44 26.24
N ALA M 163 -18.25 35.75 26.05
CA ALA M 163 -19.05 36.53 25.11
C ALA M 163 -18.92 35.96 23.70
N ILE M 164 -17.68 35.84 23.24
CA ILE M 164 -17.37 35.24 21.94
C ILE M 164 -17.98 33.84 21.80
N ARG M 165 -17.75 33.02 22.84
CA ARG M 165 -18.20 31.62 22.88
C ARG M 165 -19.72 31.52 22.75
N ALA M 166 -20.41 32.43 23.42
CA ALA M 166 -21.86 32.52 23.32
C ALA M 166 -22.26 32.92 21.91
N LEU M 167 -21.53 33.89 21.34
CA LEU M 167 -21.77 34.35 19.99
C LEU M 167 -21.64 33.23 18.95
N ALA M 168 -20.62 32.38 19.15
CA ALA M 168 -20.38 31.21 18.31
C ALA M 168 -21.50 30.17 18.42
N ALA M 169 -22.02 30.01 19.64
CA ALA M 169 -22.96 28.93 19.94
C ALA M 169 -24.37 29.12 19.40
N ARG M 170 -24.68 30.33 18.94
CA ARG M 170 -26.02 30.65 18.44
C ARG M 170 -26.40 29.88 17.17
N ALA M 171 -27.69 29.94 16.82
CA ALA M 171 -28.21 29.42 15.55
C ALA M 171 -27.75 30.31 14.39
N ALA M 172 -27.72 31.62 14.67
CA ALA M 172 -27.37 32.66 13.70
C ALA M 172 -25.94 32.53 13.14
N PRO M 173 -25.71 33.03 11.92
CA PRO M 173 -24.35 33.07 11.36
C PRO M 173 -23.55 34.24 11.93
N LEU M 174 -22.23 34.06 11.98
CA LEU M 174 -21.28 35.07 12.50
C LEU M 174 -20.02 35.16 11.64
N VAL M 175 -19.64 36.37 11.25
CA VAL M 175 -18.39 36.56 10.57
C VAL M 175 -17.47 37.31 11.53
N ALA M 176 -16.32 36.71 11.82
CA ALA M 176 -15.39 37.31 12.76
C ALA M 176 -14.16 37.74 12.03
N ILE M 177 -13.76 38.99 12.21
CA ILE M 177 -12.55 39.47 11.54
C ILE M 177 -11.46 39.73 12.57
N LEU M 178 -10.33 39.05 12.36
CA LEU M 178 -9.30 38.98 13.37
C LEU M 178 -8.03 39.60 12.88
N TRP M 179 -7.80 40.84 13.29
CA TRP M 179 -6.57 41.54 12.93
C TRP M 179 -5.49 41.38 13.97
N GLY M 180 -4.35 40.85 13.54
CA GLY M 180 -3.26 40.50 14.43
C GLY M 180 -3.15 39.00 14.64
N ARG M 181 -2.23 38.61 15.53
CA ARG M 181 -2.12 37.21 15.87
C ARG M 181 -2.60 36.96 17.32
N ASP M 182 -2.52 38.01 18.15
CA ASP M 182 -3.18 37.99 19.46
C ASP M 182 -4.61 37.49 19.24
N ALA M 183 -5.23 37.99 18.17
CA ALA M 183 -6.59 37.62 17.81
C ALA M 183 -6.70 36.22 17.21
N SER M 184 -5.66 35.77 16.53
CA SER M 184 -5.67 34.45 15.87
C SER M 184 -5.90 33.30 16.83
N THR M 185 -5.52 33.53 18.10
CA THR M 185 -5.67 32.54 19.19
C THR M 185 -7.15 32.27 19.56
N LEU M 186 -8.06 33.07 19.00
CA LEU M 186 -9.49 32.96 19.31
C LEU M 186 -10.19 32.08 18.29
N LYS M 187 -9.48 31.74 17.21
CA LYS M 187 -10.08 30.98 16.12
C LYS M 187 -10.70 29.66 16.61
N PRO M 188 -9.94 28.85 17.39
CA PRO M 188 -10.52 27.60 17.90
C PRO M 188 -11.83 27.89 18.62
N MET M 189 -11.79 28.92 19.49
CA MET M 189 -12.92 29.33 20.32
C MET M 189 -14.24 29.36 19.58
N LEU M 190 -14.21 29.72 18.30
CA LEU M 190 -15.40 29.53 17.47
C LEU M 190 -15.23 28.34 16.54
N ALA M 191 -15.66 27.19 17.04
CA ALA M 191 -15.67 25.94 16.28
C ALA M 191 -16.46 26.20 15.01
N ALA M 192 -15.71 26.44 13.93
CA ALA M 192 -16.26 26.94 12.67
C ALA M 192 -17.31 26.01 12.04
N GLY M 193 -18.53 26.07 12.60
CA GLY M 193 -19.67 25.38 12.04
C GLY M 193 -20.54 26.37 11.27
N ASN M 194 -20.97 27.43 11.98
CA ASN M 194 -21.73 28.54 11.39
C ASN M 194 -20.98 29.87 11.47
N CYS M 195 -19.71 29.77 11.91
CA CYS M 195 -18.86 30.94 12.16
C CYS M 195 -17.60 30.91 11.31
N VAL M 196 -17.51 31.85 10.37
CA VAL M 196 -16.36 31.97 9.49
C VAL M 196 -15.45 33.10 9.97
N ALA M 197 -14.16 32.78 10.14
CA ALA M 197 -13.18 33.76 10.59
C ALA M 197 -12.30 34.23 9.45
N ILE M 198 -12.08 35.54 9.38
CA ILE M 198 -11.16 36.04 8.37
C ILE M 198 -10.02 36.75 9.08
N GLU M 199 -8.81 36.38 8.64
CA GLU M 199 -7.60 36.81 9.29
C GLU M 199 -6.75 37.65 8.37
N SER M 200 -5.88 38.44 8.99
CA SER M 200 -4.96 39.29 8.26
C SER M 200 -4.01 39.84 9.31
N PRO M 201 -2.85 40.35 8.88
CA PRO M 201 -2.08 41.11 9.86
C PRO M 201 -2.83 42.38 10.27
N HIS M 202 -2.52 42.87 11.47
CA HIS M 202 -3.15 44.04 12.09
C HIS M 202 -2.94 45.33 11.26
N PRO M 203 -3.99 46.17 11.17
CA PRO M 203 -3.89 47.44 10.46
C PRO M 203 -2.81 48.37 11.00
N SER M 204 -2.13 47.99 12.08
CA SER M 204 -1.04 48.81 12.60
C SER M 204 -0.05 49.13 11.49
N PRO M 205 0.39 50.41 11.40
CA PRO M 205 1.30 50.89 10.36
C PRO M 205 2.49 49.96 10.09
N LEU M 206 3.02 49.34 11.16
CA LEU M 206 4.13 48.38 11.09
C LEU M 206 3.81 47.08 10.34
N SER M 207 2.56 46.66 10.33
CA SER M 207 2.19 45.40 9.68
C SER M 207 1.18 45.59 8.57
N ALA M 208 0.45 46.69 8.59
CA ALA M 208 -0.69 46.89 7.68
C ALA M 208 -0.39 46.56 6.22
N SER M 209 0.75 47.04 5.72
CA SER M 209 1.11 46.82 4.33
C SER M 209 1.37 45.33 4.05
N ARG M 210 1.85 44.61 5.08
CA ARG M 210 2.17 43.18 4.99
C ARG M 210 0.95 42.25 4.84
N GLY M 211 -0.18 42.78 4.37
CA GLY M 211 -1.31 41.90 4.09
C GLY M 211 -2.68 42.33 4.59
N PHE M 212 -2.73 43.40 5.38
CA PHE M 212 -4.04 43.93 5.82
C PHE M 212 -4.72 44.60 4.63
N PHE M 213 -4.06 45.62 4.08
CA PHE M 213 -4.49 46.28 2.85
C PHE M 213 -4.66 45.25 1.76
N GLY M 214 -5.81 45.27 1.10
CA GLY M 214 -6.11 44.30 0.07
C GLY M 214 -6.97 43.16 0.57
N SER M 215 -7.07 43.03 1.90
CA SER M 215 -7.86 41.99 2.51
C SER M 215 -9.36 42.14 2.23
N ARG M 216 -9.77 43.35 1.84
CA ARG M 216 -11.18 43.66 1.57
C ARG M 216 -12.14 43.13 2.64
N PRO M 217 -11.88 43.43 3.92
CA PRO M 217 -12.58 42.66 4.95
C PRO M 217 -14.09 42.95 4.97
N PHE M 218 -14.45 44.24 4.89
CA PHE M 218 -15.83 44.70 4.98
C PHE M 218 -16.74 43.99 3.98
N SER M 219 -16.54 44.18 2.69
CA SER M 219 -17.34 43.43 1.71
C SER M 219 -17.16 41.91 1.88
N ARG M 220 -15.94 41.43 2.14
CA ARG M 220 -15.76 39.97 2.25
C ARG M 220 -16.60 39.40 3.37
N ALA M 221 -16.63 40.12 4.50
CA ALA M 221 -17.53 39.77 5.58
C ALA M 221 -18.95 39.74 5.03
N ASN M 222 -19.37 40.83 4.41
CA ASN M 222 -20.71 40.92 3.88
C ASN M 222 -21.03 39.80 2.94
N GLU M 223 -20.14 39.57 1.99
CA GLU M 223 -20.34 38.52 1.01
C GLU M 223 -20.51 37.16 1.71
N LEU M 224 -19.69 36.91 2.72
CA LEU M 224 -19.80 35.73 3.56
C LEU M 224 -21.19 35.64 4.20
N LEU M 225 -21.60 36.73 4.86
CA LEU M 225 -22.92 36.79 5.48
C LEU M 225 -24.04 36.36 4.54
N VAL M 226 -24.06 36.86 3.30
CA VAL M 226 -25.13 36.53 2.37
C VAL M 226 -25.07 35.06 1.99
N GLY M 227 -23.86 34.57 1.80
CA GLY M 227 -23.60 33.18 1.44
C GLY M 227 -24.10 32.26 2.55
N MET M 228 -24.22 32.82 3.74
CA MET M 228 -24.83 32.10 4.86
C MET M 228 -26.34 32.37 4.97
N GLY M 229 -26.86 33.29 4.14
CA GLY M 229 -28.29 33.65 4.18
C GLY M 229 -28.68 34.68 5.21
N ALA M 230 -27.70 35.44 5.70
CA ALA M 230 -27.93 36.54 6.64
C ALA M 230 -27.84 37.88 5.92
N GLU M 231 -28.29 38.94 6.59
CA GLU M 231 -28.19 40.30 6.05
C GLU M 231 -26.76 40.84 6.12
N PRO M 232 -26.36 41.62 5.11
CA PRO M 232 -25.06 42.28 5.16
C PRO M 232 -25.06 43.54 6.03
N ILE M 233 -23.92 43.83 6.65
CA ILE M 233 -23.69 45.08 7.35
C ILE M 233 -23.71 46.25 6.40
N ASP M 234 -24.18 47.40 6.89
CA ASP M 234 -24.15 48.57 6.06
C ASP M 234 -22.75 49.10 5.91
N TRP M 235 -22.00 49.19 7.00
CA TRP M 235 -20.74 49.98 6.99
C TRP M 235 -21.17 51.37 6.53
N ARG M 236 -20.26 52.24 6.12
CA ARG M 236 -20.66 53.58 5.67
C ARG M 236 -21.09 54.45 6.85
N LEU M 237 -20.15 55.25 7.33
CA LEU M 237 -20.36 56.08 8.51
C LEU M 237 -20.28 57.61 8.30
N PRO M 238 -19.61 58.07 7.20
CA PRO M 238 -19.15 59.44 7.01
C PRO M 238 -19.83 60.43 7.93
N ASN N 3 6.43 58.86 32.06
CA ASN N 3 6.10 58.93 30.61
C ASN N 3 7.01 58.02 29.76
N LEU N 4 6.39 57.40 28.75
CA LEU N 4 7.05 56.45 27.85
C LEU N 4 7.45 57.16 26.57
N SER N 5 6.64 58.14 26.16
CA SER N 5 6.88 58.93 24.95
C SER N 5 8.08 59.88 25.09
N ASP N 6 8.64 59.95 26.30
CA ASP N 6 9.86 60.72 26.57
C ASP N 6 11.05 60.21 25.78
N ILE N 7 11.07 58.88 25.56
CA ILE N 7 12.17 58.22 24.88
C ILE N 7 12.13 58.50 23.38
N ILE N 8 10.93 58.85 22.90
CA ILE N 8 10.74 59.32 21.53
C ILE N 8 11.37 60.71 21.36
N GLU N 9 10.96 61.65 22.22
CA GLU N 9 11.50 63.02 22.24
C GLU N 9 13.03 63.08 22.48
N LYS N 10 13.60 61.96 22.95
CA LYS N 10 15.04 61.87 23.16
C LYS N 10 15.72 61.28 21.93
N GLU N 11 15.13 60.21 21.38
CA GLU N 11 15.72 59.49 20.27
C GLU N 11 15.36 60.10 18.91
N THR N 12 14.34 60.96 18.90
CA THR N 12 13.96 61.68 17.69
C THR N 12 13.86 63.19 17.92
N GLY N 13 13.58 63.57 19.18
CA GLY N 13 13.48 64.98 19.55
C GLY N 13 12.16 65.62 19.14
N LYS N 14 11.09 64.83 19.18
CA LYS N 14 9.78 65.29 18.72
C LYS N 14 8.74 65.20 19.84
N GLN N 15 7.94 66.27 19.98
CA GLN N 15 6.87 66.31 20.99
C GLN N 15 5.63 65.64 20.42
N LEU N 16 5.40 64.38 20.80
CA LEU N 16 4.31 63.55 20.26
C LEU N 16 3.59 62.69 21.32
N VAL N 17 2.27 62.55 21.15
CA VAL N 17 1.42 61.76 22.05
C VAL N 17 1.11 60.38 21.46
N ILE N 18 1.38 59.33 22.25
CA ILE N 18 1.09 57.95 21.87
C ILE N 18 -0.41 57.70 21.88
N GLN N 19 -0.86 56.99 20.86
CA GLN N 19 -2.29 56.84 20.56
C GLN N 19 -2.81 55.41 20.70
N GLU N 20 -1.94 54.45 20.42
CA GLU N 20 -2.29 53.04 20.47
C GLU N 20 -1.04 52.26 20.78
N SER N 21 -1.22 51.05 21.32
CA SER N 21 -0.10 50.16 21.58
C SER N 21 -0.52 48.74 21.26
N ILE N 22 -0.11 48.29 20.07
CA ILE N 22 -0.58 47.00 19.55
C ILE N 22 0.41 45.86 19.81
N LEU N 23 -0.08 44.86 20.55
CA LEU N 23 0.71 43.70 20.95
C LEU N 23 0.78 42.73 19.78
N MET N 24 2.02 42.44 19.36
CA MET N 24 2.27 41.46 18.29
C MET N 24 3.29 40.41 18.73
N LEU N 25 3.29 39.27 18.02
CA LEU N 25 4.22 38.17 18.31
C LEU N 25 5.58 38.38 17.63
N PRO N 26 6.62 37.63 18.04
CA PRO N 26 7.96 37.82 17.44
C PRO N 26 8.03 37.31 16.01
N GLU N 27 7.05 36.44 15.69
CA GLU N 27 6.86 35.95 14.33
C GLU N 27 6.36 37.06 13.41
N GLU N 28 5.48 37.93 13.95
CA GLU N 28 4.96 39.06 13.19
C GLU N 28 6.00 40.18 13.04
N VAL N 29 6.85 40.36 14.05
CA VAL N 29 7.80 41.49 14.07
C VAL N 29 9.03 41.26 13.18
N GLU N 30 9.58 40.05 13.23
CA GLU N 30 10.76 39.71 12.43
C GLU N 30 10.54 40.06 10.96
N GLU N 31 9.40 39.66 10.42
CA GLU N 31 9.07 39.91 9.03
C GLU N 31 9.55 41.30 8.60
N VAL N 32 9.30 42.29 9.44
CA VAL N 32 9.27 43.68 9.00
C VAL N 32 10.50 44.44 9.48
N ILE N 33 11.17 43.90 10.50
CA ILE N 33 12.39 44.52 11.04
C ILE N 33 13.65 43.70 10.72
N GLY N 34 13.51 42.37 10.71
CA GLY N 34 14.61 41.48 10.36
C GLY N 34 15.39 40.99 11.56
N ASN N 35 14.76 41.20 12.76
CA ASN N 35 15.33 40.68 14.00
C ASN N 35 14.20 40.17 14.88
N LYS N 36 14.08 38.84 14.97
CA LYS N 36 13.06 38.21 15.81
C LYS N 36 13.36 38.47 17.29
N PRO N 37 12.50 39.25 17.97
CA PRO N 37 12.70 39.53 19.40
C PRO N 37 12.49 38.29 20.28
N GLU N 38 12.86 38.39 21.55
CA GLU N 38 12.61 37.33 22.51
C GLU N 38 11.11 37.12 22.72
N SER N 39 10.51 37.93 23.57
CA SER N 39 9.08 37.80 23.87
C SER N 39 8.23 38.71 22.98
N ASP N 40 6.90 38.66 23.14
CA ASP N 40 5.95 39.51 22.39
C ASP N 40 6.24 41.01 22.51
N ILE N 41 5.88 41.76 21.48
CA ILE N 41 6.14 43.20 21.49
C ILE N 41 4.87 44.06 21.35
N LEU N 42 4.91 45.22 21.99
CA LEU N 42 3.88 46.23 21.82
C LEU N 42 4.37 47.29 20.84
N VAL N 43 3.61 47.48 19.77
CA VAL N 43 3.88 48.52 18.78
C VAL N 43 3.17 49.82 19.18
N HIS N 44 3.91 50.66 19.89
CA HIS N 44 3.41 51.96 20.27
C HIS N 44 3.53 52.84 19.03
N THR N 45 2.41 53.41 18.64
CA THR N 45 2.36 54.22 17.43
C THR N 45 1.84 55.62 17.74
N ALA N 46 2.61 56.63 17.33
CA ALA N 46 2.12 58.01 17.37
C ALA N 46 2.25 58.63 15.99
N TYR N 47 1.44 59.64 15.72
CA TYR N 47 1.47 60.31 14.43
C TYR N 47 1.90 61.77 14.54
N ASP N 48 2.83 62.16 13.66
CA ASP N 48 3.41 63.50 13.61
C ASP N 48 2.73 64.35 12.53
N GLU N 49 1.75 65.17 12.94
CA GLU N 49 1.01 65.99 11.98
C GLU N 49 1.77 67.26 11.54
N SER N 50 2.79 67.06 10.69
CA SER N 50 3.64 68.14 10.16
C SER N 50 4.70 67.57 9.21
N THR N 51 5.09 66.32 9.46
CA THR N 51 6.05 65.60 8.63
C THR N 51 5.33 64.50 7.83
N ASP N 52 4.20 64.05 8.39
CA ASP N 52 3.39 62.97 7.83
C ASP N 52 4.16 61.66 7.83
N GLU N 53 4.63 61.25 9.01
CA GLU N 53 5.30 59.96 9.16
C GLU N 53 4.88 59.26 10.43
N ASN N 54 4.72 57.93 10.35
CA ASN N 54 4.24 57.15 11.50
C ASN N 54 5.39 56.76 12.42
N VAL N 55 5.43 57.39 13.59
CA VAL N 55 6.48 57.10 14.56
C VAL N 55 6.08 55.92 15.46
N MET N 56 6.90 54.86 15.42
CA MET N 56 6.63 53.66 16.21
C MET N 56 7.78 53.30 17.15
N LEU N 57 7.41 52.99 18.41
CA LEU N 57 8.34 52.50 19.40
C LEU N 57 7.87 51.09 19.76
N LEU N 58 8.71 50.10 19.50
CA LEU N 58 8.36 48.74 19.86
C LEU N 58 9.06 48.39 21.16
N THR N 59 8.32 47.87 22.13
CA THR N 59 8.90 47.52 23.43
C THR N 59 8.45 46.14 23.90
N SER N 60 8.99 45.68 25.02
CA SER N 60 8.57 44.43 25.68
C SER N 60 7.18 44.57 26.33
N ASP N 61 6.56 43.42 26.63
CA ASP N 61 5.16 43.33 27.08
C ASP N 61 4.79 44.30 28.22
N ALA N 62 3.47 44.48 28.41
CA ALA N 62 2.90 45.37 29.42
C ALA N 62 3.79 45.71 30.64
N PRO N 63 4.04 44.72 31.50
CA PRO N 63 4.63 44.98 32.82
C PRO N 63 5.93 45.78 32.72
N GLU N 64 6.87 45.30 31.91
CA GLU N 64 8.15 45.96 31.75
C GLU N 64 8.22 46.71 30.42
N TYR N 65 8.04 48.02 30.48
CA TYR N 65 8.14 48.87 29.30
C TYR N 65 9.60 49.12 28.93
N LYS N 66 10.19 48.17 28.20
CA LYS N 66 11.64 48.15 28.00
C LYS N 66 11.98 48.27 26.52
N PRO N 67 12.75 49.30 26.18
CA PRO N 67 12.90 49.71 24.77
C PRO N 67 13.52 48.59 23.93
N TRP N 68 13.20 48.57 22.65
CA TRP N 68 13.68 47.51 21.75
C TRP N 68 14.00 48.00 20.33
N ALA N 69 13.04 48.71 19.71
CA ALA N 69 13.26 49.29 18.39
C ALA N 69 12.46 50.57 18.20
N LEU N 70 12.91 51.40 17.24
CA LEU N 70 12.21 52.62 16.88
C LEU N 70 12.14 52.70 15.36
N VAL N 71 10.91 52.81 14.84
CA VAL N 71 10.69 52.86 13.39
C VAL N 71 10.05 54.21 12.99
N ILE N 72 10.56 54.87 11.95
CA ILE N 72 9.87 56.02 11.36
C ILE N 72 9.42 55.73 9.92
N GLN N 73 8.13 55.38 9.78
CA GLN N 73 7.48 55.11 8.49
C GLN N 73 7.04 56.44 7.84
N ASP N 74 7.15 56.56 6.52
CA ASP N 74 6.83 57.84 5.86
C ASP N 74 5.63 57.73 4.92
N SER N 75 5.30 58.85 4.29
CA SER N 75 4.13 58.94 3.39
C SER N 75 4.14 57.93 2.25
N ASN N 76 5.32 57.37 1.96
CA ASN N 76 5.48 56.24 1.05
C ASN N 76 5.32 54.90 1.78
N GLY N 77 5.94 54.79 2.95
CA GLY N 77 5.83 53.57 3.76
C GLY N 77 7.17 52.95 4.13
N GLU N 78 8.22 53.29 3.37
CA GLU N 78 9.58 52.83 3.66
C GLU N 78 9.97 53.19 5.09
N ASN N 79 10.53 52.22 5.82
CA ASN N 79 10.79 52.36 7.27
C ASN N 79 12.24 52.72 7.65
N LYS N 80 12.41 53.73 8.49
CA LYS N 80 13.73 54.07 9.04
C LYS N 80 13.93 53.35 10.37
N ILE N 81 14.22 52.04 10.30
CA ILE N 81 14.30 51.18 11.48
C ILE N 81 15.60 51.38 12.27
N LYS N 82 15.47 51.46 13.59
CA LYS N 82 16.60 51.65 14.50
C LYS N 82 16.53 50.66 15.69
N MET N 83 17.59 49.89 15.87
CA MET N 83 17.69 48.98 17.01
C MET N 83 18.00 49.74 18.29
N LEU N 84 17.44 49.27 19.40
CA LEU N 84 17.64 49.92 20.71
C LEU N 84 18.07 48.91 21.80
#